data_8BRO
# 
_entry.id   8BRO 
# 
_audit_conform.dict_name       mmcif_pdbx.dic 
_audit_conform.dict_version    5.394 
_audit_conform.dict_location   http://mmcif.pdb.org/dictionaries/ascii/mmcif_pdbx.dic 
# 
loop_
_database_2.database_id 
_database_2.database_code 
_database_2.pdbx_database_accession 
_database_2.pdbx_DOI 
PDB   8BRO         pdb_00008bro 10.2210/pdb8bro/pdb 
WWPDB D_1292126967 ?            ?                   
# 
loop_
_pdbx_audit_revision_history.ordinal 
_pdbx_audit_revision_history.data_content_type 
_pdbx_audit_revision_history.major_revision 
_pdbx_audit_revision_history.minor_revision 
_pdbx_audit_revision_history.revision_date 
1 'Structure model' 1 0 2023-02-08 
2 'Structure model' 1 1 2023-02-22 
3 'Structure model' 1 2 2024-06-19 
# 
_pdbx_audit_revision_details.ordinal             1 
_pdbx_audit_revision_details.revision_ordinal    1 
_pdbx_audit_revision_details.data_content_type   'Structure model' 
_pdbx_audit_revision_details.provider            repository 
_pdbx_audit_revision_details.type                'Initial release' 
_pdbx_audit_revision_details.description         ? 
_pdbx_audit_revision_details.details             ? 
# 
loop_
_pdbx_audit_revision_group.ordinal 
_pdbx_audit_revision_group.revision_ordinal 
_pdbx_audit_revision_group.data_content_type 
_pdbx_audit_revision_group.group 
1 2 'Structure model' 'Database references' 
2 3 'Structure model' 'Data collection'     
# 
loop_
_pdbx_audit_revision_category.ordinal 
_pdbx_audit_revision_category.revision_ordinal 
_pdbx_audit_revision_category.data_content_type 
_pdbx_audit_revision_category.category 
1 2 'Structure model' citation        
2 2 'Structure model' citation_author 
3 3 'Structure model' chem_comp_atom  
4 3 'Structure model' chem_comp_bond  
# 
loop_
_pdbx_audit_revision_item.ordinal 
_pdbx_audit_revision_item.revision_ordinal 
_pdbx_audit_revision_item.data_content_type 
_pdbx_audit_revision_item.item 
1 2 'Structure model' '_citation.journal_volume'          
2 2 'Structure model' '_citation.pdbx_database_id_DOI'    
3 2 'Structure model' '_citation.pdbx_database_id_PubMed' 
4 2 'Structure model' '_citation.title'                   
5 2 'Structure model' '_citation_author.identifier_ORCID' 
6 2 'Structure model' '_citation_author.name'             
# 
_pdbx_database_status.status_code                     REL 
_pdbx_database_status.status_code_sf                  REL 
_pdbx_database_status.status_code_mr                  ? 
_pdbx_database_status.entry_id                        8BRO 
_pdbx_database_status.recvd_initial_deposition_date   2022-11-23 
_pdbx_database_status.SG_entry                        N 
_pdbx_database_status.deposit_site                    PDBE 
_pdbx_database_status.process_site                    PDBE 
_pdbx_database_status.status_code_cs                  ? 
_pdbx_database_status.status_code_nmr_data            ? 
_pdbx_database_status.methods_development_category    ? 
_pdbx_database_status.pdb_format_compatible           Y 
# 
_pdbx_contact_author.id                 2 
_pdbx_contact_author.email              annabelle.varrot@cermav.cnrs.fr 
_pdbx_contact_author.name_first         Annabelle 
_pdbx_contact_author.name_last          Varrot 
_pdbx_contact_author.name_mi            ? 
_pdbx_contact_author.role               'principal investigator/group leader' 
_pdbx_contact_author.identifier_ORCID   0000-0001-6667-8162 
# 
loop_
_audit_author.name 
_audit_author.pdbx_ordinal 
_audit_author.identifier_ORCID 
'Varrot, A.'   1 0000-0001-6667-8162 
'Lunstrom, J.' 2 0000-0003-2733-7124 
# 
_citation.abstract                  ? 
_citation.abstract_id_CAS           ? 
_citation.book_id_ISBN              ? 
_citation.book_publisher            ? 
_citation.book_publisher_city       ? 
_citation.book_title                ? 
_citation.coordinate_linkage        ? 
_citation.country                   CH 
_citation.database_id_Medline       ? 
_citation.details                   ? 
_citation.id                        primary 
_citation.journal_abbrev            Molecules 
_citation.journal_id_ASTM           ? 
_citation.journal_id_CSD            ? 
_citation.journal_id_ISSN           1420-3049 
_citation.journal_full              ? 
_citation.journal_issue             ? 
_citation.journal_volume            28 
_citation.language                  ? 
_citation.page_first                ? 
_citation.page_last                 ? 
_citation.title                     
;Identification of New L-Fucosyl and L-Galactosyl Amides as Glycomimetic Ligands of TNF Lectin Domain of BC2L-C from Burkholderia cenocepacia.
;
_citation.year                      2023 
_citation.database_id_CSD           ? 
_citation.pdbx_database_id_DOI      10.3390/molecules28031494 
_citation.pdbx_database_id_PubMed   36771163 
_citation.pdbx_database_id_patent   ? 
_citation.unpublished_flag          ? 
# 
loop_
_citation_author.citation_id 
_citation_author.name 
_citation_author.ordinal 
_citation_author.identifier_ORCID 
primary 'Mazzotta, S.'  1 0000-0003-0029-7003 
primary 'Antonini, G.'  2 0000-0002-4991-8731 
primary 'Vasile, F.'    3 0000-0002-3926-8261 
primary 'Gillon, E.'    4 ?                   
primary 'Lundstrom, J.' 5 ?                   
primary 'Varrot, A.'    6 0000-0001-6667-8162 
primary 'Belvisi, L.'   7 0000-0002-3593-2970 
primary 'Bernardi, A.'  8 0000-0002-1258-2007 
# 
loop_
_entity.id 
_entity.type 
_entity.src_method 
_entity.pdbx_description 
_entity.formula_weight 
_entity.pdbx_number_of_molecules 
_entity.pdbx_ec 
_entity.pdbx_mutation 
_entity.pdbx_fragment 
_entity.details 
1 polymer     man Lectin 14010.936 1   ? ? ? ? 
2 non-polymer syn 
'5-[3-(aminomethyl)phenyl]-~{N}-[(2~{S},3~{S},4~{R},5~{S},6~{S})-6-methyl-3,4,5-tris(oxidanyl)oxan-2-yl]furan-2-carboxamide' 
362.377   1   ? ? ? ? 
3 water       nat water 18.015    122 ? ? ? ? 
# 
_entity_poly.entity_id                      1 
_entity_poly.type                           'polypeptide(L)' 
_entity_poly.nstd_linkage                   no 
_entity_poly.nstd_monomer                   no 
_entity_poly.pdbx_seq_one_letter_code       
;GHMPLLSASIVSAPVVTSETYVDIPGLYLDVAKAGIRDGKLQVILNVPTPYATGNNFPGIYFAIATNQGVVADGCFTYSS
KVPESTGRMPFTLVATIDVGSGVTFVKGQWKSVRGSAMHIDSYASLSAIWGTAA
;
_entity_poly.pdbx_seq_one_letter_code_can   
;GHMPLLSASIVSAPVVTSETYVDIPGLYLDVAKAGIRDGKLQVILNVPTPYATGNNFPGIYFAIATNQGVVADGCFTYSS
KVPESTGRMPFTLVATIDVGSGVTFVKGQWKSVRGSAMHIDSYASLSAIWGTAA
;
_entity_poly.pdbx_strand_id                 A 
_entity_poly.pdbx_target_identifier         ? 
# 
loop_
_pdbx_entity_nonpoly.entity_id 
_pdbx_entity_nonpoly.name 
_pdbx_entity_nonpoly.comp_id 
2 '5-[3-(aminomethyl)phenyl]-~{N}-[(2~{S},3~{S},4~{R},5~{S},6~{S})-6-methyl-3,4,5-tris(oxidanyl)oxan-2-yl]furan-2-carboxamide' R7E 
3 water                                                                                                                        HOH 
# 
loop_
_entity_poly_seq.entity_id 
_entity_poly_seq.num 
_entity_poly_seq.mon_id 
_entity_poly_seq.hetero 
1 1   GLY n 
1 2   HIS n 
1 3   MET n 
1 4   PRO n 
1 5   LEU n 
1 6   LEU n 
1 7   SER n 
1 8   ALA n 
1 9   SER n 
1 10  ILE n 
1 11  VAL n 
1 12  SER n 
1 13  ALA n 
1 14  PRO n 
1 15  VAL n 
1 16  VAL n 
1 17  THR n 
1 18  SER n 
1 19  GLU n 
1 20  THR n 
1 21  TYR n 
1 22  VAL n 
1 23  ASP n 
1 24  ILE n 
1 25  PRO n 
1 26  GLY n 
1 27  LEU n 
1 28  TYR n 
1 29  LEU n 
1 30  ASP n 
1 31  VAL n 
1 32  ALA n 
1 33  LYS n 
1 34  ALA n 
1 35  GLY n 
1 36  ILE n 
1 37  ARG n 
1 38  ASP n 
1 39  GLY n 
1 40  LYS n 
1 41  LEU n 
1 42  GLN n 
1 43  VAL n 
1 44  ILE n 
1 45  LEU n 
1 46  ASN n 
1 47  VAL n 
1 48  PRO n 
1 49  THR n 
1 50  PRO n 
1 51  TYR n 
1 52  ALA n 
1 53  THR n 
1 54  GLY n 
1 55  ASN n 
1 56  ASN n 
1 57  PHE n 
1 58  PRO n 
1 59  GLY n 
1 60  ILE n 
1 61  TYR n 
1 62  PHE n 
1 63  ALA n 
1 64  ILE n 
1 65  ALA n 
1 66  THR n 
1 67  ASN n 
1 68  GLN n 
1 69  GLY n 
1 70  VAL n 
1 71  VAL n 
1 72  ALA n 
1 73  ASP n 
1 74  GLY n 
1 75  CYS n 
1 76  PHE n 
1 77  THR n 
1 78  TYR n 
1 79  SER n 
1 80  SER n 
1 81  LYS n 
1 82  VAL n 
1 83  PRO n 
1 84  GLU n 
1 85  SER n 
1 86  THR n 
1 87  GLY n 
1 88  ARG n 
1 89  MET n 
1 90  PRO n 
1 91  PHE n 
1 92  THR n 
1 93  LEU n 
1 94  VAL n 
1 95  ALA n 
1 96  THR n 
1 97  ILE n 
1 98  ASP n 
1 99  VAL n 
1 100 GLY n 
1 101 SER n 
1 102 GLY n 
1 103 VAL n 
1 104 THR n 
1 105 PHE n 
1 106 VAL n 
1 107 LYS n 
1 108 GLY n 
1 109 GLN n 
1 110 TRP n 
1 111 LYS n 
1 112 SER n 
1 113 VAL n 
1 114 ARG n 
1 115 GLY n 
1 116 SER n 
1 117 ALA n 
1 118 MET n 
1 119 HIS n 
1 120 ILE n 
1 121 ASP n 
1 122 SER n 
1 123 TYR n 
1 124 ALA n 
1 125 SER n 
1 126 LEU n 
1 127 SER n 
1 128 ALA n 
1 129 ILE n 
1 130 TRP n 
1 131 GLY n 
1 132 THR n 
1 133 ALA n 
1 134 ALA n 
# 
_entity_src_gen.entity_id                          1 
_entity_src_gen.pdbx_src_id                        1 
_entity_src_gen.pdbx_alt_source_flag               sample 
_entity_src_gen.pdbx_seq_type                      'Biological sequence' 
_entity_src_gen.pdbx_beg_seq_num                   1 
_entity_src_gen.pdbx_end_seq_num                   134 
_entity_src_gen.gene_src_common_name               ? 
_entity_src_gen.gene_src_genus                     ? 
_entity_src_gen.pdbx_gene_src_gene                 BCAM0185 
_entity_src_gen.gene_src_species                   ? 
_entity_src_gen.gene_src_strain                    'ATCC BAA-245 / DSM 16553 / LMG 16656 / NCTC 13227 / J2315 / CF5610' 
_entity_src_gen.gene_src_tissue                    ? 
_entity_src_gen.gene_src_tissue_fraction           ? 
_entity_src_gen.gene_src_details                   ? 
_entity_src_gen.pdbx_gene_src_fragment             ? 
_entity_src_gen.pdbx_gene_src_scientific_name      'Burkholderia cenocepacia' 
_entity_src_gen.pdbx_gene_src_ncbi_taxonomy_id     95486 
_entity_src_gen.pdbx_gene_src_variant              ? 
_entity_src_gen.pdbx_gene_src_cell_line            ? 
_entity_src_gen.pdbx_gene_src_atcc                 ? 
_entity_src_gen.pdbx_gene_src_organ                ? 
_entity_src_gen.pdbx_gene_src_organelle            ? 
_entity_src_gen.pdbx_gene_src_cell                 ? 
_entity_src_gen.pdbx_gene_src_cellular_location    ? 
_entity_src_gen.host_org_common_name               ? 
_entity_src_gen.pdbx_host_org_scientific_name      'Escherichia coli BL21(DE3)' 
_entity_src_gen.pdbx_host_org_ncbi_taxonomy_id     469008 
_entity_src_gen.host_org_genus                     ? 
_entity_src_gen.pdbx_host_org_gene                 ? 
_entity_src_gen.pdbx_host_org_organ                ? 
_entity_src_gen.host_org_species                   ? 
_entity_src_gen.pdbx_host_org_tissue               ? 
_entity_src_gen.pdbx_host_org_tissue_fraction      ? 
_entity_src_gen.pdbx_host_org_strain               ? 
_entity_src_gen.pdbx_host_org_variant              ? 
_entity_src_gen.pdbx_host_org_cell_line            ? 
_entity_src_gen.pdbx_host_org_atcc                 ? 
_entity_src_gen.pdbx_host_org_culture_collection   ? 
_entity_src_gen.pdbx_host_org_cell                 ? 
_entity_src_gen.pdbx_host_org_organelle            ? 
_entity_src_gen.pdbx_host_org_cellular_location    ? 
_entity_src_gen.pdbx_host_org_vector_type          PColD-TEV 
_entity_src_gen.pdbx_host_org_vector               ? 
_entity_src_gen.host_org_details                   ? 
_entity_src_gen.expression_system_id               ? 
_entity_src_gen.plasmid_name                       ? 
_entity_src_gen.plasmid_details                    ? 
_entity_src_gen.pdbx_description                   ? 
# 
loop_
_chem_comp.id 
_chem_comp.type 
_chem_comp.mon_nstd_flag 
_chem_comp.name 
_chem_comp.pdbx_synonyms 
_chem_comp.formula 
_chem_comp.formula_weight 
ALA 'L-peptide linking' y ALANINE ?                                                                'C3 H7 N O2'     89.093  
ARG 'L-peptide linking' y ARGININE ?                                                                'C6 H15 N4 O2 1' 175.209 
ASN 'L-peptide linking' y ASPARAGINE ?                                                                'C4 H8 N2 O3'    132.118 
ASP 'L-peptide linking' y 'ASPARTIC ACID' ?                                                                'C4 H7 N O4'     
133.103 
CYS 'L-peptide linking' y CYSTEINE ?                                                                'C3 H7 N O2 S'   121.158 
GLN 'L-peptide linking' y GLUTAMINE ?                                                                'C5 H10 N2 O3'   146.144 
GLU 'L-peptide linking' y 'GLUTAMIC ACID' ?                                                                'C5 H9 N O4'     
147.129 
GLY 'peptide linking'   y GLYCINE ?                                                                'C2 H5 N O2'     75.067  
HIS 'L-peptide linking' y HISTIDINE ?                                                                'C6 H10 N3 O2 1' 156.162 
HOH non-polymer         . WATER ?                                                                'H2 O'           18.015  
ILE 'L-peptide linking' y ISOLEUCINE ?                                                                'C6 H13 N O2'    131.173 
LEU 'L-peptide linking' y LEUCINE ?                                                                'C6 H13 N O2'    131.173 
LYS 'L-peptide linking' y LYSINE ?                                                                'C6 H15 N2 O2 1' 147.195 
MET 'L-peptide linking' y METHIONINE ?                                                                'C5 H11 N O2 S'  149.211 
PHE 'L-peptide linking' y PHENYLALANINE ?                                                                'C9 H11 N O2'    165.189 
PRO 'L-peptide linking' y PROLINE ?                                                                'C5 H9 N O2'     115.130 
R7E non-polymer         . 
'5-[3-(aminomethyl)phenyl]-~{N}-[(2~{S},3~{S},4~{R},5~{S},6~{S})-6-methyl-3,4,5-tris(oxidanyl)oxan-2-yl]furan-2-carboxamide' 
"(5-(3'-aminomethyl)phenyl)furan-2-carboxamido-b-L-fucopyranose" 'C18 H22 N2 O6'  362.377 
SER 'L-peptide linking' y SERINE ?                                                                'C3 H7 N O3'     105.093 
THR 'L-peptide linking' y THREONINE ?                                                                'C4 H9 N O3'     119.119 
TRP 'L-peptide linking' y TRYPTOPHAN ?                                                                'C11 H12 N2 O2'  204.225 
TYR 'L-peptide linking' y TYROSINE ?                                                                'C9 H11 N O3'    181.189 
VAL 'L-peptide linking' y VALINE ?                                                                'C5 H11 N O2'    117.146 
# 
loop_
_pdbx_poly_seq_scheme.asym_id 
_pdbx_poly_seq_scheme.entity_id 
_pdbx_poly_seq_scheme.seq_id 
_pdbx_poly_seq_scheme.mon_id 
_pdbx_poly_seq_scheme.ndb_seq_num 
_pdbx_poly_seq_scheme.pdb_seq_num 
_pdbx_poly_seq_scheme.auth_seq_num 
_pdbx_poly_seq_scheme.pdb_mon_id 
_pdbx_poly_seq_scheme.auth_mon_id 
_pdbx_poly_seq_scheme.pdb_strand_id 
_pdbx_poly_seq_scheme.pdb_ins_code 
_pdbx_poly_seq_scheme.hetero 
A 1 1   GLY 1   -2  ?   ?   ?   A . n 
A 1 2   HIS 2   -1  ?   ?   ?   A . n 
A 1 3   MET 3   0   ?   ?   ?   A . n 
A 1 4   PRO 4   1   1   PRO PRO A . n 
A 1 5   LEU 5   2   2   LEU LEU A . n 
A 1 6   LEU 6   3   3   LEU LEU A . n 
A 1 7   SER 7   4   4   SER SER A . n 
A 1 8   ALA 8   5   5   ALA ALA A . n 
A 1 9   SER 9   6   6   SER SER A . n 
A 1 10  ILE 10  7   7   ILE ILE A . n 
A 1 11  VAL 11  8   8   VAL VAL A . n 
A 1 12  SER 12  9   9   SER SER A . n 
A 1 13  ALA 13  10  10  ALA ALA A . n 
A 1 14  PRO 14  11  11  PRO PRO A . n 
A 1 15  VAL 15  12  12  VAL VAL A . n 
A 1 16  VAL 16  13  13  VAL VAL A . n 
A 1 17  THR 17  14  14  THR THR A . n 
A 1 18  SER 18  15  15  SER SER A . n 
A 1 19  GLU 19  16  16  GLU GLU A . n 
A 1 20  THR 20  17  17  THR THR A . n 
A 1 21  TYR 21  18  18  TYR TYR A . n 
A 1 22  VAL 22  19  19  VAL VAL A . n 
A 1 23  ASP 23  20  20  ASP ASP A . n 
A 1 24  ILE 24  21  21  ILE ILE A . n 
A 1 25  PRO 25  22  22  PRO PRO A . n 
A 1 26  GLY 26  23  23  GLY GLY A . n 
A 1 27  LEU 27  24  24  LEU LEU A . n 
A 1 28  TYR 28  25  25  TYR TYR A . n 
A 1 29  LEU 29  26  26  LEU LEU A . n 
A 1 30  ASP 30  27  27  ASP ASP A . n 
A 1 31  VAL 31  28  28  VAL VAL A . n 
A 1 32  ALA 32  29  29  ALA ALA A . n 
A 1 33  LYS 33  30  30  LYS LYS A . n 
A 1 34  ALA 34  31  31  ALA ALA A . n 
A 1 35  GLY 35  32  32  GLY GLY A . n 
A 1 36  ILE 36  33  33  ILE ILE A . n 
A 1 37  ARG 37  34  34  ARG ARG A . n 
A 1 38  ASP 38  35  35  ASP ASP A . n 
A 1 39  GLY 39  36  36  GLY GLY A . n 
A 1 40  LYS 40  37  37  LYS LYS A . n 
A 1 41  LEU 41  38  38  LEU LEU A . n 
A 1 42  GLN 42  39  39  GLN GLN A . n 
A 1 43  VAL 43  40  40  VAL VAL A . n 
A 1 44  ILE 44  41  41  ILE ILE A . n 
A 1 45  LEU 45  42  42  LEU LEU A . n 
A 1 46  ASN 46  43  43  ASN ASN A . n 
A 1 47  VAL 47  44  44  VAL VAL A . n 
A 1 48  PRO 48  45  45  PRO PRO A . n 
A 1 49  THR 49  46  46  THR THR A . n 
A 1 50  PRO 50  47  47  PRO PRO A . n 
A 1 51  TYR 51  48  48  TYR TYR A . n 
A 1 52  ALA 52  49  49  ALA ALA A . n 
A 1 53  THR 53  50  50  THR THR A . n 
A 1 54  GLY 54  51  51  GLY GLY A . n 
A 1 55  ASN 55  52  52  ASN ASN A . n 
A 1 56  ASN 56  53  53  ASN ASN A . n 
A 1 57  PHE 57  54  54  PHE PHE A . n 
A 1 58  PRO 58  55  55  PRO PRO A . n 
A 1 59  GLY 59  56  56  GLY GLY A . n 
A 1 60  ILE 60  57  57  ILE ILE A . n 
A 1 61  TYR 61  58  58  TYR TYR A . n 
A 1 62  PHE 62  59  59  PHE PHE A . n 
A 1 63  ALA 63  60  60  ALA ALA A . n 
A 1 64  ILE 64  61  61  ILE ILE A . n 
A 1 65  ALA 65  62  62  ALA ALA A . n 
A 1 66  THR 66  63  63  THR THR A . n 
A 1 67  ASN 67  64  64  ASN ASN A . n 
A 1 68  GLN 68  65  65  GLN GLN A . n 
A 1 69  GLY 69  66  66  GLY GLY A . n 
A 1 70  VAL 70  67  67  VAL VAL A . n 
A 1 71  VAL 71  68  68  VAL VAL A . n 
A 1 72  ALA 72  69  69  ALA ALA A . n 
A 1 73  ASP 73  70  70  ASP ASP A . n 
A 1 74  GLY 74  71  71  GLY GLY A . n 
A 1 75  CYS 75  72  72  CYS CYS A . n 
A 1 76  PHE 76  73  73  PHE PHE A . n 
A 1 77  THR 77  74  74  THR THR A . n 
A 1 78  TYR 78  75  75  TYR TYR A . n 
A 1 79  SER 79  76  76  SER SER A . n 
A 1 80  SER 80  77  77  SER SER A . n 
A 1 81  LYS 81  78  78  LYS LYS A . n 
A 1 82  VAL 82  79  79  VAL VAL A . n 
A 1 83  PRO 83  80  80  PRO PRO A . n 
A 1 84  GLU 84  81  81  GLU GLU A . n 
A 1 85  SER 85  82  82  SER SER A . n 
A 1 86  THR 86  83  83  THR THR A . n 
A 1 87  GLY 87  84  84  GLY GLY A . n 
A 1 88  ARG 88  85  85  ARG ARG A . n 
A 1 89  MET 89  86  86  MET MET A . n 
A 1 90  PRO 90  87  87  PRO PRO A . n 
A 1 91  PHE 91  88  88  PHE PHE A . n 
A 1 92  THR 92  89  89  THR THR A . n 
A 1 93  LEU 93  90  90  LEU LEU A . n 
A 1 94  VAL 94  91  91  VAL VAL A . n 
A 1 95  ALA 95  92  92  ALA ALA A . n 
A 1 96  THR 96  93  93  THR THR A . n 
A 1 97  ILE 97  94  94  ILE ILE A . n 
A 1 98  ASP 98  95  95  ASP ASP A . n 
A 1 99  VAL 99  96  96  VAL VAL A . n 
A 1 100 GLY 100 97  97  GLY GLY A . n 
A 1 101 SER 101 98  98  SER SER A . n 
A 1 102 GLY 102 99  99  GLY GLY A . n 
A 1 103 VAL 103 100 100 VAL VAL A . n 
A 1 104 THR 104 101 101 THR THR A . n 
A 1 105 PHE 105 102 102 PHE PHE A . n 
A 1 106 VAL 106 103 103 VAL VAL A . n 
A 1 107 LYS 107 104 104 LYS LYS A . n 
A 1 108 GLY 108 105 105 GLY GLY A . n 
A 1 109 GLN 109 106 106 GLN GLN A . n 
A 1 110 TRP 110 107 107 TRP TRP A . n 
A 1 111 LYS 111 108 108 LYS LYS A . n 
A 1 112 SER 112 109 109 SER SER A . n 
A 1 113 VAL 113 110 110 VAL VAL A . n 
A 1 114 ARG 114 111 111 ARG ARG A . n 
A 1 115 GLY 115 112 112 GLY GLY A . n 
A 1 116 SER 116 113 113 SER SER A . n 
A 1 117 ALA 117 114 114 ALA ALA A . n 
A 1 118 MET 118 115 115 MET MET A . n 
A 1 119 HIS 119 116 116 HIS HIS A . n 
A 1 120 ILE 120 117 117 ILE ILE A . n 
A 1 121 ASP 121 118 118 ASP ASP A . n 
A 1 122 SER 122 119 119 SER SER A . n 
A 1 123 TYR 123 120 120 TYR TYR A . n 
A 1 124 ALA 124 121 121 ALA ALA A . n 
A 1 125 SER 125 122 122 SER SER A . n 
A 1 126 LEU 126 123 123 LEU LEU A . n 
A 1 127 SER 127 124 124 SER SER A . n 
A 1 128 ALA 128 125 125 ALA ALA A . n 
A 1 129 ILE 129 126 126 ILE ILE A . n 
A 1 130 TRP 130 127 127 TRP TRP A . n 
A 1 131 GLY 131 128 128 GLY GLY A . n 
A 1 132 THR 132 129 129 THR THR A . n 
A 1 133 ALA 133 130 130 ALA ALA A . n 
A 1 134 ALA 134 131 131 ALA ALA A . n 
# 
loop_
_pdbx_nonpoly_scheme.asym_id 
_pdbx_nonpoly_scheme.entity_id 
_pdbx_nonpoly_scheme.mon_id 
_pdbx_nonpoly_scheme.ndb_seq_num 
_pdbx_nonpoly_scheme.pdb_seq_num 
_pdbx_nonpoly_scheme.auth_seq_num 
_pdbx_nonpoly_scheme.pdb_mon_id 
_pdbx_nonpoly_scheme.auth_mon_id 
_pdbx_nonpoly_scheme.pdb_strand_id 
_pdbx_nonpoly_scheme.pdb_ins_code 
B 2 R7E 1   201 201 R7E UNL A . 
C 3 HOH 1   301 41  HOH HOH A . 
C 3 HOH 2   302 104 HOH HOH A . 
C 3 HOH 3   303 17  HOH HOH A . 
C 3 HOH 4   304 106 HOH HOH A . 
C 3 HOH 5   305 89  HOH HOH A . 
C 3 HOH 6   306 66  HOH HOH A . 
C 3 HOH 7   307 102 HOH HOH A . 
C 3 HOH 8   308 7   HOH HOH A . 
C 3 HOH 9   309 46  HOH HOH A . 
C 3 HOH 10  310 65  HOH HOH A . 
C 3 HOH 11  311 69  HOH HOH A . 
C 3 HOH 12  312 122 HOH HOH A . 
C 3 HOH 13  313 93  HOH HOH A . 
C 3 HOH 14  314 62  HOH HOH A . 
C 3 HOH 15  315 3   HOH HOH A . 
C 3 HOH 16  316 10  HOH HOH A . 
C 3 HOH 17  317 9   HOH HOH A . 
C 3 HOH 18  318 79  HOH HOH A . 
C 3 HOH 19  319 75  HOH HOH A . 
C 3 HOH 20  320 35  HOH HOH A . 
C 3 HOH 21  321 39  HOH HOH A . 
C 3 HOH 22  322 91  HOH HOH A . 
C 3 HOH 23  323 86  HOH HOH A . 
C 3 HOH 24  324 23  HOH HOH A . 
C 3 HOH 25  325 73  HOH HOH A . 
C 3 HOH 26  326 50  HOH HOH A . 
C 3 HOH 27  327 88  HOH HOH A . 
C 3 HOH 28  328 33  HOH HOH A . 
C 3 HOH 29  329 56  HOH HOH A . 
C 3 HOH 30  330 6   HOH HOH A . 
C 3 HOH 31  331 37  HOH HOH A . 
C 3 HOH 32  332 78  HOH HOH A . 
C 3 HOH 33  333 44  HOH HOH A . 
C 3 HOH 34  334 114 HOH HOH A . 
C 3 HOH 35  335 4   HOH HOH A . 
C 3 HOH 36  336 52  HOH HOH A . 
C 3 HOH 37  337 8   HOH HOH A . 
C 3 HOH 38  338 67  HOH HOH A . 
C 3 HOH 39  339 53  HOH HOH A . 
C 3 HOH 40  340 42  HOH HOH A . 
C 3 HOH 41  341 12  HOH HOH A . 
C 3 HOH 42  342 18  HOH HOH A . 
C 3 HOH 43  343 32  HOH HOH A . 
C 3 HOH 44  344 74  HOH HOH A . 
C 3 HOH 45  345 94  HOH HOH A . 
C 3 HOH 46  346 2   HOH HOH A . 
C 3 HOH 47  347 31  HOH HOH A . 
C 3 HOH 48  348 21  HOH HOH A . 
C 3 HOH 49  349 118 HOH HOH A . 
C 3 HOH 50  350 15  HOH HOH A . 
C 3 HOH 51  351 25  HOH HOH A . 
C 3 HOH 52  352 22  HOH HOH A . 
C 3 HOH 53  353 16  HOH HOH A . 
C 3 HOH 54  354 14  HOH HOH A . 
C 3 HOH 55  355 27  HOH HOH A . 
C 3 HOH 56  356 58  HOH HOH A . 
C 3 HOH 57  357 49  HOH HOH A . 
C 3 HOH 58  358 90  HOH HOH A . 
C 3 HOH 59  359 5   HOH HOH A . 
C 3 HOH 60  360 97  HOH HOH A . 
C 3 HOH 61  361 20  HOH HOH A . 
C 3 HOH 62  362 51  HOH HOH A . 
C 3 HOH 63  363 11  HOH HOH A . 
C 3 HOH 64  364 76  HOH HOH A . 
C 3 HOH 65  365 57  HOH HOH A . 
C 3 HOH 66  366 113 HOH HOH A . 
C 3 HOH 67  367 1   HOH HOH A . 
C 3 HOH 68  368 19  HOH HOH A . 
C 3 HOH 69  369 13  HOH HOH A . 
C 3 HOH 70  370 38  HOH HOH A . 
C 3 HOH 71  371 87  HOH HOH A . 
C 3 HOH 72  372 99  HOH HOH A . 
C 3 HOH 73  373 45  HOH HOH A . 
C 3 HOH 74  374 28  HOH HOH A . 
C 3 HOH 75  375 64  HOH HOH A . 
C 3 HOH 76  376 26  HOH HOH A . 
C 3 HOH 77  377 29  HOH HOH A . 
C 3 HOH 78  378 47  HOH HOH A . 
C 3 HOH 79  379 40  HOH HOH A . 
C 3 HOH 80  380 24  HOH HOH A . 
C 3 HOH 81  381 101 HOH HOH A . 
C 3 HOH 82  382 59  HOH HOH A . 
C 3 HOH 83  383 80  HOH HOH A . 
C 3 HOH 84  384 48  HOH HOH A . 
C 3 HOH 85  385 110 HOH HOH A . 
C 3 HOH 86  386 61  HOH HOH A . 
C 3 HOH 87  387 98  HOH HOH A . 
C 3 HOH 88  388 81  HOH HOH A . 
C 3 HOH 89  389 120 HOH HOH A . 
C 3 HOH 90  390 95  HOH HOH A . 
C 3 HOH 91  391 72  HOH HOH A . 
C 3 HOH 92  392 100 HOH HOH A . 
C 3 HOH 93  393 128 HOH HOH A . 
C 3 HOH 94  394 30  HOH HOH A . 
C 3 HOH 95  395 54  HOH HOH A . 
C 3 HOH 96  396 34  HOH HOH A . 
C 3 HOH 97  397 85  HOH HOH A . 
C 3 HOH 98  398 103 HOH HOH A . 
C 3 HOH 99  399 127 HOH HOH A . 
C 3 HOH 100 400 96  HOH HOH A . 
C 3 HOH 101 401 108 HOH HOH A . 
C 3 HOH 102 402 126 HOH HOH A . 
C 3 HOH 103 403 125 HOH HOH A . 
C 3 HOH 104 404 36  HOH HOH A . 
C 3 HOH 105 405 109 HOH HOH A . 
C 3 HOH 106 406 82  HOH HOH A . 
C 3 HOH 107 407 111 HOH HOH A . 
C 3 HOH 108 408 55  HOH HOH A . 
C 3 HOH 109 409 123 HOH HOH A . 
C 3 HOH 110 410 112 HOH HOH A . 
C 3 HOH 111 411 105 HOH HOH A . 
C 3 HOH 112 412 117 HOH HOH A . 
C 3 HOH 113 413 63  HOH HOH A . 
C 3 HOH 114 414 60  HOH HOH A . 
C 3 HOH 115 415 70  HOH HOH A . 
C 3 HOH 116 416 71  HOH HOH A . 
C 3 HOH 117 417 115 HOH HOH A . 
C 3 HOH 118 418 124 HOH HOH A . 
C 3 HOH 119 419 83  HOH HOH A . 
C 3 HOH 120 420 107 HOH HOH A . 
C 3 HOH 121 421 119 HOH HOH A . 
C 3 HOH 122 422 116 HOH HOH A . 
# 
loop_
_pdbx_unobs_or_zero_occ_atoms.id 
_pdbx_unobs_or_zero_occ_atoms.PDB_model_num 
_pdbx_unobs_or_zero_occ_atoms.polymer_flag 
_pdbx_unobs_or_zero_occ_atoms.occupancy_flag 
_pdbx_unobs_or_zero_occ_atoms.auth_asym_id 
_pdbx_unobs_or_zero_occ_atoms.auth_comp_id 
_pdbx_unobs_or_zero_occ_atoms.auth_seq_id 
_pdbx_unobs_or_zero_occ_atoms.PDB_ins_code 
_pdbx_unobs_or_zero_occ_atoms.auth_atom_id 
_pdbx_unobs_or_zero_occ_atoms.label_alt_id 
_pdbx_unobs_or_zero_occ_atoms.label_asym_id 
_pdbx_unobs_or_zero_occ_atoms.label_comp_id 
_pdbx_unobs_or_zero_occ_atoms.label_seq_id 
_pdbx_unobs_or_zero_occ_atoms.label_atom_id 
1  1 Y 1 A LYS 30 ? CG  ? A LYS 33 CG  
2  1 Y 1 A LYS 30 ? CD  ? A LYS 33 CD  
3  1 Y 1 A LYS 30 ? CE  ? A LYS 33 CE  
4  1 Y 1 A LYS 30 ? NZ  ? A LYS 33 NZ  
5  1 Y 1 A ARG 34 ? CG  ? A ARG 37 CG  
6  1 Y 1 A ARG 34 ? CD  ? A ARG 37 CD  
7  1 Y 1 A ARG 34 ? NE  ? A ARG 37 NE  
8  1 Y 1 A ARG 34 ? CZ  ? A ARG 37 CZ  
9  1 Y 1 A ARG 34 ? NH1 ? A ARG 37 NH1 
10 1 Y 1 A ARG 34 ? NH2 ? A ARG 37 NH2 
# 
loop_
_software.citation_id 
_software.classification 
_software.compiler_name 
_software.compiler_version 
_software.contact_author 
_software.contact_author_email 
_software.date 
_software.description 
_software.dependencies 
_software.hardware 
_software.language 
_software.location 
_software.mods 
_software.name 
_software.os 
_software.os_version 
_software.type 
_software.version 
_software.pdbx_ordinal 
? refinement       ? ? ? ? ? ? ? ? ? ? ? REFMAC  ? ? ? 5.8.0352 1 
? 'data reduction' ? ? ? ? ? ? ? ? ? ? ? XDS     ? ? ? .        2 
? 'data scaling'   ? ? ? ? ? ? ? ? ? ? ? Aimless ? ? ? 0.7.9    3 
? phasing          ? ? ? ? ? ? ? ? ? ? ? PHASER  ? ? ? 2.8.3    4 
# 
_cell.angle_alpha                  90.000 
_cell.angle_alpha_esd              ? 
_cell.angle_beta                   90.000 
_cell.angle_beta_esd               ? 
_cell.angle_gamma                  120.000 
_cell.angle_gamma_esd              ? 
_cell.entry_id                     8BRO 
_cell.details                      ? 
_cell.formula_units_Z              ? 
_cell.length_a                     43.008 
_cell.length_a_esd                 ? 
_cell.length_b                     43.008 
_cell.length_b_esd                 ? 
_cell.length_c                     94.217 
_cell.length_c_esd                 ? 
_cell.volume                       ? 
_cell.volume_esd                   ? 
_cell.Z_PDB                        6 
_cell.reciprocal_angle_alpha       ? 
_cell.reciprocal_angle_beta        ? 
_cell.reciprocal_angle_gamma       ? 
_cell.reciprocal_angle_alpha_esd   ? 
_cell.reciprocal_angle_beta_esd    ? 
_cell.reciprocal_angle_gamma_esd   ? 
_cell.reciprocal_length_a          ? 
_cell.reciprocal_length_b          ? 
_cell.reciprocal_length_c          ? 
_cell.reciprocal_length_a_esd      ? 
_cell.reciprocal_length_b_esd      ? 
_cell.reciprocal_length_c_esd      ? 
_cell.pdbx_unique_axis             ? 
_cell.pdbx_esd_method              ? 
# 
_symmetry.entry_id                         8BRO 
_symmetry.cell_setting                     ? 
_symmetry.Int_Tables_number                173 
_symmetry.space_group_name_Hall            ? 
_symmetry.space_group_name_H-M             'P 63' 
_symmetry.pdbx_full_space_group_name_H-M   ? 
# 
_exptl.absorpt_coefficient_mu     ? 
_exptl.absorpt_correction_T_max   ? 
_exptl.absorpt_correction_T_min   ? 
_exptl.absorpt_correction_type    ? 
_exptl.absorpt_process_details    ? 
_exptl.entry_id                   8BRO 
_exptl.crystals_number            1 
_exptl.details                    ? 
_exptl.method                     'X-RAY DIFFRACTION' 
_exptl.method_details             ? 
# 
_exptl_crystal.colour                       ? 
_exptl_crystal.density_diffrn               ? 
_exptl_crystal.density_Matthews             1.8 
_exptl_crystal.density_method               ? 
_exptl_crystal.density_percent_sol          31.74 
_exptl_crystal.description                  cube 
_exptl_crystal.F_000                        ? 
_exptl_crystal.id                           1 
_exptl_crystal.preparation                  ? 
_exptl_crystal.size_max                     ? 
_exptl_crystal.size_mid                     ? 
_exptl_crystal.size_min                     ? 
_exptl_crystal.size_rad                     ? 
_exptl_crystal.colour_lustre                ? 
_exptl_crystal.colour_modifier              ? 
_exptl_crystal.colour_primary               ? 
_exptl_crystal.density_meas                 ? 
_exptl_crystal.density_meas_esd             ? 
_exptl_crystal.density_meas_gt              ? 
_exptl_crystal.density_meas_lt              ? 
_exptl_crystal.density_meas_temp            ? 
_exptl_crystal.density_meas_temp_esd        ? 
_exptl_crystal.density_meas_temp_gt         ? 
_exptl_crystal.density_meas_temp_lt         ? 
_exptl_crystal.pdbx_crystal_image_url       ? 
_exptl_crystal.pdbx_crystal_image_format    ? 
_exptl_crystal.pdbx_mosaicity               ? 
_exptl_crystal.pdbx_mosaicity_esd           ? 
_exptl_crystal.pdbx_mosaic_method           ? 
_exptl_crystal.pdbx_mosaic_block_size       ? 
_exptl_crystal.pdbx_mosaic_block_size_esd   ? 
# 
_exptl_crystal_grow.apparatus       ? 
_exptl_crystal_grow.atmosphere      ? 
_exptl_crystal_grow.crystal_id      1 
_exptl_crystal_grow.details         ? 
_exptl_crystal_grow.method          'VAPOR DIFFUSION' 
_exptl_crystal_grow.method_ref      ? 
_exptl_crystal_grow.pH              7 
_exptl_crystal_grow.pressure        ? 
_exptl_crystal_grow.pressure_esd    ? 
_exptl_crystal_grow.seeding         ? 
_exptl_crystal_grow.seeding_ref     ? 
_exptl_crystal_grow.temp_details    ? 
_exptl_crystal_grow.temp_esd        ? 
_exptl_crystal_grow.time            ? 
_exptl_crystal_grow.pdbx_details    '1.2M Tri sodium citrate ph 7.0' 
_exptl_crystal_grow.pdbx_pH_range   ? 
_exptl_crystal_grow.temp            292 
# 
_diffrn.ambient_environment              ? 
_diffrn.ambient_temp                     100 
_diffrn.ambient_temp_details             ? 
_diffrn.ambient_temp_esd                 ? 
_diffrn.crystal_id                       1 
_diffrn.crystal_support                  ? 
_diffrn.crystal_treatment                ? 
_diffrn.details                          ? 
_diffrn.id                               1 
_diffrn.ambient_pressure                 ? 
_diffrn.ambient_pressure_esd             ? 
_diffrn.ambient_pressure_gt              ? 
_diffrn.ambient_pressure_lt              ? 
_diffrn.ambient_temp_gt                  ? 
_diffrn.ambient_temp_lt                  ? 
_diffrn.pdbx_serial_crystal_experiment   N 
# 
_diffrn_detector.details                      ? 
_diffrn_detector.detector                     PIXEL 
_diffrn_detector.diffrn_id                    1 
_diffrn_detector.type                         'DECTRIS EIGER X 16M' 
_diffrn_detector.area_resol_mean              ? 
_diffrn_detector.dtime                        ? 
_diffrn_detector.pdbx_frames_total            ? 
_diffrn_detector.pdbx_collection_time_total   ? 
_diffrn_detector.pdbx_collection_date         2022-09-10 
_diffrn_detector.pdbx_frequency               ? 
# 
_diffrn_radiation.collimation                      ? 
_diffrn_radiation.diffrn_id                        1 
_diffrn_radiation.filter_edge                      ? 
_diffrn_radiation.inhomogeneity                    ? 
_diffrn_radiation.monochromator                    ? 
_diffrn_radiation.polarisn_norm                    ? 
_diffrn_radiation.polarisn_ratio                   ? 
_diffrn_radiation.probe                            ? 
_diffrn_radiation.type                             ? 
_diffrn_radiation.xray_symbol                      ? 
_diffrn_radiation.wavelength_id                    1 
_diffrn_radiation.pdbx_monochromatic_or_laue_m_l   M 
_diffrn_radiation.pdbx_wavelength_list             ? 
_diffrn_radiation.pdbx_wavelength                  ? 
_diffrn_radiation.pdbx_diffrn_protocol             'SINGLE WAVELENGTH' 
_diffrn_radiation.pdbx_analyzer                    ? 
_diffrn_radiation.pdbx_scattering_type             x-ray 
# 
_diffrn_radiation_wavelength.id           1 
_diffrn_radiation_wavelength.wavelength   0.97856 
_diffrn_radiation_wavelength.wt           1.0 
# 
_diffrn_source.current                     ? 
_diffrn_source.details                     ? 
_diffrn_source.diffrn_id                   1 
_diffrn_source.power                       ? 
_diffrn_source.size                        ? 
_diffrn_source.source                      SYNCHROTRON 
_diffrn_source.target                      ? 
_diffrn_source.type                        'SOLEIL BEAMLINE PROXIMA 1' 
_diffrn_source.voltage                     ? 
_diffrn_source.take-off_angle              ? 
_diffrn_source.pdbx_wavelength_list        0.97856 
_diffrn_source.pdbx_wavelength             ? 
_diffrn_source.pdbx_synchrotron_beamline   'PROXIMA 1' 
_diffrn_source.pdbx_synchrotron_site       SOLEIL 
# 
_reflns.B_iso_Wilson_estimate                          ? 
_reflns.entry_id                                       8BRO 
_reflns.data_reduction_details                         ? 
_reflns.data_reduction_method                          ? 
_reflns.d_resolution_high                              1.55 
_reflns.d_resolution_low                               37.25 
_reflns.details                                        ? 
_reflns.limit_h_max                                    ? 
_reflns.limit_h_min                                    ? 
_reflns.limit_k_max                                    ? 
_reflns.limit_k_min                                    ? 
_reflns.limit_l_max                                    ? 
_reflns.limit_l_min                                    ? 
_reflns.number_all                                     ? 
_reflns.number_obs                                     14192 
_reflns.observed_criterion                             ? 
_reflns.observed_criterion_F_max                       ? 
_reflns.observed_criterion_F_min                       ? 
_reflns.observed_criterion_I_max                       ? 
_reflns.observed_criterion_I_min                       ? 
_reflns.observed_criterion_sigma_F                     ? 
_reflns.observed_criterion_sigma_I                     ? 
_reflns.percent_possible_obs                           99.1 
_reflns.R_free_details                                 ? 
_reflns.Rmerge_F_all                                   ? 
_reflns.Rmerge_F_obs                                   ? 
_reflns.Friedel_coverage                               ? 
_reflns.number_gt                                      ? 
_reflns.threshold_expression                           ? 
_reflns.pdbx_redundancy                                5.6 
_reflns.pdbx_netI_over_av_sigmaI                       ? 
_reflns.pdbx_netI_over_sigmaI                          17.8 
_reflns.pdbx_res_netI_over_av_sigmaI_2                 ? 
_reflns.pdbx_res_netI_over_sigmaI_2                    ? 
_reflns.pdbx_chi_squared                               ? 
_reflns.pdbx_scaling_rejects                           ? 
_reflns.pdbx_d_res_high_opt                            ? 
_reflns.pdbx_d_res_low_opt                             ? 
_reflns.pdbx_d_res_opt_method                          ? 
_reflns.phase_calculation_details                      ? 
_reflns.pdbx_Rrim_I_all                                0.076 
_reflns.pdbx_Rpim_I_all                                0.040 
_reflns.pdbx_d_opt                                     ? 
_reflns.pdbx_number_measured_all                       ? 
_reflns.pdbx_diffrn_id                                 1 
_reflns.pdbx_ordinal                                   1 
_reflns.pdbx_CC_half                                   0.0998 
_reflns.pdbx_CC_star                                   ? 
_reflns.pdbx_R_split                                   ? 
_reflns.pdbx_Rmerge_I_obs                              0.064 
_reflns.pdbx_Rmerge_I_all                              ? 
_reflns.pdbx_Rsym_value                                ? 
_reflns.pdbx_CC_split_method                           ? 
_reflns.pdbx_aniso_diffraction_limit_axis_1_ortho[1]   ? 
_reflns.pdbx_aniso_diffraction_limit_axis_1_ortho[2]   ? 
_reflns.pdbx_aniso_diffraction_limit_axis_1_ortho[3]   ? 
_reflns.pdbx_aniso_diffraction_limit_axis_2_ortho[1]   ? 
_reflns.pdbx_aniso_diffraction_limit_axis_2_ortho[2]   ? 
_reflns.pdbx_aniso_diffraction_limit_axis_2_ortho[3]   ? 
_reflns.pdbx_aniso_diffraction_limit_axis_3_ortho[1]   ? 
_reflns.pdbx_aniso_diffraction_limit_axis_3_ortho[2]   ? 
_reflns.pdbx_aniso_diffraction_limit_axis_3_ortho[3]   ? 
_reflns.pdbx_aniso_diffraction_limit_1                 ? 
_reflns.pdbx_aniso_diffraction_limit_2                 ? 
_reflns.pdbx_aniso_diffraction_limit_3                 ? 
_reflns.pdbx_aniso_B_tensor_eigenvector_1_ortho[1]     ? 
_reflns.pdbx_aniso_B_tensor_eigenvector_1_ortho[2]     ? 
_reflns.pdbx_aniso_B_tensor_eigenvector_1_ortho[3]     ? 
_reflns.pdbx_aniso_B_tensor_eigenvector_2_ortho[1]     ? 
_reflns.pdbx_aniso_B_tensor_eigenvector_2_ortho[2]     ? 
_reflns.pdbx_aniso_B_tensor_eigenvector_2_ortho[3]     ? 
_reflns.pdbx_aniso_B_tensor_eigenvector_3_ortho[1]     ? 
_reflns.pdbx_aniso_B_tensor_eigenvector_3_ortho[2]     ? 
_reflns.pdbx_aniso_B_tensor_eigenvector_3_ortho[3]     ? 
_reflns.pdbx_aniso_B_tensor_eigenvalue_1               ? 
_reflns.pdbx_aniso_B_tensor_eigenvalue_2               ? 
_reflns.pdbx_aniso_B_tensor_eigenvalue_3               ? 
_reflns.pdbx_orthogonalization_convention              ? 
_reflns.pdbx_percent_possible_ellipsoidal              ? 
_reflns.pdbx_percent_possible_spherical                ? 
_reflns.pdbx_percent_possible_ellipsoidal_anomalous    ? 
_reflns.pdbx_percent_possible_spherical_anomalous      ? 
_reflns.pdbx_redundancy_anomalous                      ? 
_reflns.pdbx_CC_half_anomalous                         ? 
_reflns.pdbx_absDiff_over_sigma_anomalous              ? 
_reflns.pdbx_percent_possible_anomalous                ? 
_reflns.pdbx_observed_signal_threshold                 ? 
_reflns.pdbx_signal_type                               ? 
_reflns.pdbx_signal_details                            ? 
_reflns.pdbx_signal_software_id                        ? 
# 
_reflns_shell.d_res_high                                    1.55 
_reflns_shell.d_res_low                                     1.58 
_reflns_shell.meanI_over_sigI_all                           ? 
_reflns_shell.meanI_over_sigI_obs                           3.5 
_reflns_shell.number_measured_all                           ? 
_reflns_shell.number_measured_obs                           ? 
_reflns_shell.number_possible                               ? 
_reflns_shell.number_unique_all                             ? 
_reflns_shell.number_unique_obs                             716 
_reflns_shell.percent_possible_obs                          ? 
_reflns_shell.Rmerge_F_all                                  ? 
_reflns_shell.Rmerge_F_obs                                  ? 
_reflns_shell.meanI_over_sigI_gt                            ? 
_reflns_shell.meanI_over_uI_all                             ? 
_reflns_shell.meanI_over_uI_gt                              ? 
_reflns_shell.number_measured_gt                            ? 
_reflns_shell.number_unique_gt                              ? 
_reflns_shell.percent_possible_gt                           ? 
_reflns_shell.Rmerge_F_gt                                   ? 
_reflns_shell.Rmerge_I_gt                                   ? 
_reflns_shell.pdbx_redundancy                               4.6 
_reflns_shell.pdbx_chi_squared                              ? 
_reflns_shell.pdbx_netI_over_sigmaI_all                     ? 
_reflns_shell.pdbx_netI_over_sigmaI_obs                     ? 
_reflns_shell.pdbx_Rrim_I_all                               0.540 
_reflns_shell.pdbx_Rpim_I_all                               0.297 
_reflns_shell.pdbx_rejects                                  ? 
_reflns_shell.pdbx_ordinal                                  1 
_reflns_shell.pdbx_diffrn_id                                1 
_reflns_shell.pdbx_CC_half                                  0.888 
_reflns_shell.pdbx_CC_star                                  ? 
_reflns_shell.pdbx_R_split                                  ? 
_reflns_shell.percent_possible_all                          99.7 
_reflns_shell.Rmerge_I_all                                  ? 
_reflns_shell.Rmerge_I_obs                                  0.447 
_reflns_shell.pdbx_Rsym_value                               ? 
_reflns_shell.pdbx_percent_possible_ellipsoidal             ? 
_reflns_shell.pdbx_percent_possible_spherical               ? 
_reflns_shell.pdbx_percent_possible_ellipsoidal_anomalous   ? 
_reflns_shell.pdbx_percent_possible_spherical_anomalous     ? 
_reflns_shell.pdbx_redundancy_anomalous                     ? 
_reflns_shell.pdbx_CC_half_anomalous                        ? 
_reflns_shell.pdbx_absDiff_over_sigma_anomalous             ? 
_reflns_shell.pdbx_percent_possible_anomalous               ? 
# 
_refine.aniso_B[1][1]                            0.147 
_refine.aniso_B[1][2]                            0.074 
_refine.aniso_B[1][3]                            -0.000 
_refine.aniso_B[2][2]                            0.147 
_refine.aniso_B[2][3]                            0.000 
_refine.aniso_B[3][3]                            -0.477 
_refine.B_iso_max                                ? 
_refine.B_iso_mean                               10.393 
_refine.B_iso_min                                ? 
_refine.correlation_coeff_Fo_to_Fc               0.968 
_refine.correlation_coeff_Fo_to_Fc_free          0.956 
_refine.details                                  'Hydrogens have been added in their riding positions' 
_refine.diff_density_max                         ? 
_refine.diff_density_max_esd                     ? 
_refine.diff_density_min                         ? 
_refine.diff_density_min_esd                     ? 
_refine.diff_density_rms                         ? 
_refine.diff_density_rms_esd                     ? 
_refine.entry_id                                 8BRO 
_refine.pdbx_refine_id                           'X-RAY DIFFRACTION' 
_refine.ls_abs_structure_details                 ? 
_refine.ls_abs_structure_Flack                   ? 
_refine.ls_abs_structure_Flack_esd               ? 
_refine.ls_abs_structure_Rogers                  ? 
_refine.ls_abs_structure_Rogers_esd              ? 
_refine.ls_d_res_high                            1.550 
_refine.ls_d_res_low                             37.246 
_refine.ls_extinction_coef                       ? 
_refine.ls_extinction_coef_esd                   ? 
_refine.ls_extinction_expression                 ? 
_refine.ls_extinction_method                     ? 
_refine.ls_goodness_of_fit_all                   ? 
_refine.ls_goodness_of_fit_all_esd               ? 
_refine.ls_goodness_of_fit_obs                   ? 
_refine.ls_goodness_of_fit_obs_esd               ? 
_refine.ls_hydrogen_treatment                    ? 
_refine.ls_matrix_type                           ? 
_refine.ls_number_constraints                    ? 
_refine.ls_number_parameters                     ? 
_refine.ls_number_reflns_all                     ? 
_refine.ls_number_reflns_obs                     14191 
_refine.ls_number_reflns_R_free                  734 
_refine.ls_number_reflns_R_work                  13457 
_refine.ls_number_restraints                     ? 
_refine.ls_percent_reflns_obs                    98.940 
_refine.ls_percent_reflns_R_free                 5.172 
_refine.ls_R_factor_all                          0.144 
_refine.ls_R_factor_obs                          ? 
_refine.ls_R_factor_R_free                       0.1687 
_refine.ls_R_factor_R_free_error                 ? 
_refine.ls_R_factor_R_free_error_details         ? 
_refine.ls_R_factor_R_work                       0.1424 
_refine.ls_R_Fsqd_factor_obs                     ? 
_refine.ls_R_I_factor_obs                        ? 
_refine.ls_redundancy_reflns_all                 ? 
_refine.ls_redundancy_reflns_obs                 ? 
_refine.ls_restrained_S_all                      ? 
_refine.ls_restrained_S_obs                      ? 
_refine.ls_shift_over_esd_max                    ? 
_refine.ls_shift_over_esd_mean                   ? 
_refine.ls_structure_factor_coef                 ? 
_refine.ls_weighting_details                     ? 
_refine.ls_weighting_scheme                      ? 
_refine.ls_wR_factor_all                         ? 
_refine.ls_wR_factor_obs                         ? 
_refine.ls_wR_factor_R_free                      0.163 
_refine.ls_wR_factor_R_work                      0.139 
_refine.occupancy_max                            ? 
_refine.occupancy_min                            ? 
_refine.solvent_model_details                    'MASK BULK SOLVENT' 
_refine.solvent_model_param_bsol                 ? 
_refine.solvent_model_param_ksol                 ? 
_refine.pdbx_R_complete                          ? 
_refine.ls_R_factor_gt                           ? 
_refine.ls_goodness_of_fit_gt                    ? 
_refine.ls_goodness_of_fit_ref                   ? 
_refine.ls_shift_over_su_max                     ? 
_refine.ls_shift_over_su_max_lt                  ? 
_refine.ls_shift_over_su_mean                    ? 
_refine.ls_shift_over_su_mean_lt                 ? 
_refine.pdbx_ls_sigma_I                          ? 
_refine.pdbx_ls_sigma_F                          ? 
_refine.pdbx_ls_sigma_Fsqd                       ? 
_refine.pdbx_data_cutoff_high_absF               ? 
_refine.pdbx_data_cutoff_high_rms_absF           ? 
_refine.pdbx_data_cutoff_low_absF                ? 
_refine.pdbx_isotropic_thermal_model             ? 
_refine.pdbx_ls_cross_valid_method               'FREE R-VALUE' 
_refine.pdbx_method_to_determine_struct          'MOLECULAR REPLACEMENT' 
_refine.pdbx_starting_model                      ? 
_refine.pdbx_stereochemistry_target_values       ? 
_refine.pdbx_R_Free_selection_details            ? 
_refine.pdbx_stereochem_target_val_spec_case     ? 
_refine.pdbx_overall_ESU_R                       0.081 
_refine.pdbx_overall_ESU_R_Free                  0.078 
_refine.pdbx_solvent_vdw_probe_radii             1.200 
_refine.pdbx_solvent_ion_probe_radii             0.800 
_refine.pdbx_solvent_shrinkage_radii             0.800 
_refine.pdbx_real_space_R                        ? 
_refine.pdbx_density_correlation                 ? 
_refine.pdbx_pd_number_of_powder_patterns        ? 
_refine.pdbx_pd_number_of_points                 ? 
_refine.pdbx_pd_meas_number_of_points            ? 
_refine.pdbx_pd_proc_ls_prof_R_factor            ? 
_refine.pdbx_pd_proc_ls_prof_wR_factor           ? 
_refine.pdbx_pd_Marquardt_correlation_coeff      ? 
_refine.pdbx_pd_Fsqrd_R_factor                   ? 
_refine.pdbx_pd_ls_matrix_band_width             ? 
_refine.pdbx_overall_phase_error                 ? 
_refine.pdbx_overall_SU_R_free_Cruickshank_DPI   ? 
_refine.pdbx_overall_SU_R_free_Blow_DPI          ? 
_refine.pdbx_overall_SU_R_Blow_DPI               ? 
_refine.pdbx_TLS_residual_ADP_flag               ? 
_refine.pdbx_diffrn_id                           1 
_refine.overall_SU_B                             1.289 
_refine.overall_SU_ML                            0.046 
_refine.overall_SU_R_Cruickshank_DPI             ? 
_refine.overall_SU_R_free                        ? 
_refine.overall_FOM_free_R_set                   ? 
_refine.overall_FOM_work_R_set                   ? 
_refine.pdbx_average_fsc_overall                 ? 
_refine.pdbx_average_fsc_work                    0.9838 
_refine.pdbx_average_fsc_free                    0.9785 
# 
_refine_hist.pdbx_refine_id                   'X-RAY DIFFRACTION' 
_refine_hist.cycle_id                         LAST 
_refine_hist.details                          ? 
_refine_hist.d_res_high                       1.550 
_refine_hist.d_res_low                        37.246 
_refine_hist.number_atoms_solvent             122 
_refine_hist.number_atoms_total               1103 
_refine_hist.number_reflns_all                ? 
_refine_hist.number_reflns_obs                ? 
_refine_hist.number_reflns_R_free             ? 
_refine_hist.number_reflns_R_work             ? 
_refine_hist.R_factor_all                     ? 
_refine_hist.R_factor_obs                     ? 
_refine_hist.R_factor_R_free                  ? 
_refine_hist.R_factor_R_work                  ? 
_refine_hist.pdbx_number_residues_total       ? 
_refine_hist.pdbx_B_iso_mean_ligand           ? 
_refine_hist.pdbx_B_iso_mean_solvent          ? 
_refine_hist.pdbx_number_atoms_protein        955 
_refine_hist.pdbx_number_atoms_nucleic_acid   0 
_refine_hist.pdbx_number_atoms_ligand         26 
_refine_hist.pdbx_number_atoms_lipid          ? 
_refine_hist.pdbx_number_atoms_carb           ? 
_refine_hist.pdbx_pseudo_atom_details         ? 
# 
loop_
_refine_ls_restr.pdbx_refine_id 
_refine_ls_restr.criterion 
_refine_ls_restr.dev_ideal 
_refine_ls_restr.dev_ideal_target 
_refine_ls_restr.number 
_refine_ls_restr.rejects 
_refine_ls_restr.type 
_refine_ls_restr.weight 
_refine_ls_restr.pdbx_restraint_function 
'X-RAY DIFFRACTION' ? 0.015  0.012  1047 ? r_bond_refined_d               ? ? 
'X-RAY DIFFRACTION' ? 0.004  0.016  955  ? r_bond_other_d                 ? ? 
'X-RAY DIFFRACTION' ? 1.821  1.639  1440 ? r_angle_refined_deg            ? ? 
'X-RAY DIFFRACTION' ? 0.644  1.553  2219 ? r_angle_other_deg              ? ? 
'X-RAY DIFFRACTION' ? 7.574  5.000  138  ? r_dihedral_angle_1_deg         ? ? 
'X-RAY DIFFRACTION' ? 4.090  5.000  4    ? r_dihedral_angle_2_deg         ? ? 
'X-RAY DIFFRACTION' ? 12.328 10.000 146  ? r_dihedral_angle_3_deg         ? ? 
'X-RAY DIFFRACTION' ? 17.438 10.000 32   ? r_dihedral_angle_6_deg         ? ? 
'X-RAY DIFFRACTION' ? 0.103  0.200  172  ? r_chiral_restr                 ? ? 
'X-RAY DIFFRACTION' ? 0.088  0.200  1    ? r_chiral_restr_other           ? ? 
'X-RAY DIFFRACTION' ? 0.013  0.020  1190 ? r_gen_planes_refined           ? ? 
'X-RAY DIFFRACTION' ? 0.001  0.020  207  ? r_gen_planes_other             ? ? 
'X-RAY DIFFRACTION' ? 0.208  0.200  135  ? r_nbd_refined                  ? ? 
'X-RAY DIFFRACTION' ? 0.198  0.200  847  ? r_symmetry_nbd_other           ? ? 
'X-RAY DIFFRACTION' ? 0.184  0.200  510  ? r_nbtor_refined                ? ? 
'X-RAY DIFFRACTION' ? 0.091  0.200  558  ? r_symmetry_nbtor_other         ? ? 
'X-RAY DIFFRACTION' ? 0.163  0.200  93   ? r_xyhbond_nbd_refined          ? ? 
'X-RAY DIFFRACTION' ? 0.193  0.200  8    ? r_symmetry_nbd_refined         ? ? 
'X-RAY DIFFRACTION' ? 0.178  0.200  60   ? r_nbd_other                    ? ? 
'X-RAY DIFFRACTION' ? 0.164  0.200  40   ? r_symmetry_xyhbond_nbd_refined ? ? 
'X-RAY DIFFRACTION' ? 1.516  1.046  546  ? r_mcbond_it                    ? ? 
'X-RAY DIFFRACTION' ? 1.520  1.045  546  ? r_mcbond_other                 ? ? 
'X-RAY DIFFRACTION' ? 2.275  1.563  686  ? r_mcangle_it                   ? ? 
'X-RAY DIFFRACTION' ? 2.286  1.570  687  ? r_mcangle_other                ? ? 
'X-RAY DIFFRACTION' ? 2.667  1.175  501  ? r_scbond_it                    ? ? 
'X-RAY DIFFRACTION' ? 2.665  1.175  502  ? r_scbond_other                 ? ? 
'X-RAY DIFFRACTION' ? 3.697  1.700  754  ? r_scangle_it                   ? ? 
'X-RAY DIFFRACTION' ? 3.694  1.700  755  ? r_scangle_other                ? ? 
'X-RAY DIFFRACTION' ? 5.616  18.635 1140 ? r_lrange_it                    ? ? 
'X-RAY DIFFRACTION' ? 5.254  15.550 1103 ? r_lrange_other                 ? ? 
# 
loop_
_refine_ls_shell.pdbx_refine_id 
_refine_ls_shell.d_res_high 
_refine_ls_shell.d_res_low 
_refine_ls_shell.number_reflns_all 
_refine_ls_shell.number_reflns_obs 
_refine_ls_shell.number_reflns_R_free 
_refine_ls_shell.number_reflns_R_work 
_refine_ls_shell.percent_reflns_obs 
_refine_ls_shell.percent_reflns_R_free 
_refine_ls_shell.R_factor_all 
_refine_ls_shell.R_factor_obs 
_refine_ls_shell.R_factor_R_free_error 
_refine_ls_shell.R_factor_R_work 
_refine_ls_shell.redundancy_reflns_all 
_refine_ls_shell.redundancy_reflns_obs 
_refine_ls_shell.wR_factor_all 
_refine_ls_shell.wR_factor_obs 
_refine_ls_shell.wR_factor_R_free 
_refine_ls_shell.wR_factor_R_work 
_refine_ls_shell.pdbx_R_complete 
_refine_ls_shell.pdbx_total_number_of_bins_used 
_refine_ls_shell.pdbx_phase_error 
_refine_ls_shell.pdbx_fsc_work 
_refine_ls_shell.pdbx_fsc_free 
_refine_ls_shell.R_factor_R_free 
'X-RAY DIFFRACTION' 1.550 1.590  1073 . 64 1006 99.7204 . 0.299 . . 0.296 . . . . . 0.247 . 20 . 0.951 0.938 0.359 
'X-RAY DIFFRACTION' 1.590 1.634  1009 . 67 940  99.8018 . 0.223 . . 0.219 . . . . . 0.188 . 20 . 0.972 0.968 0.284 
'X-RAY DIFFRACTION' 1.634 1.681  1008 . 65 941  99.8016 . 0.202 . . 0.202 . . . . . 0.173 . 20 . 0.973 0.977 0.210 
'X-RAY DIFFRACTION' 1.681 1.733  979  . 45 932  99.7957 . 0.148 . . 0.146 . . . . . 0.129 . 20 . 0.986 0.979 0.191 
'X-RAY DIFFRACTION' 1.733 1.790  931  . 35 892  99.5704 . 0.131 . . 0.130 . . . . . 0.119 . 20 . 0.989 0.987 0.140 
'X-RAY DIFFRACTION' 1.790 1.852  919  . 44 870  99.4559 . 0.132 . . 0.131 . . . . . 0.123 . 20 . 0.989 0.986 0.141 
'X-RAY DIFFRACTION' 1.852 1.922  872  . 40 825  99.1973 . 0.126 . . 0.125 . . . . . 0.119 . 20 . 0.990 0.986 0.136 
'X-RAY DIFFRACTION' 1.922 2.000  844  . 40 802  99.7630 . 0.125 . . 0.124 . . . . . 0.121 . 20 . 0.991 0.989 0.137 
'X-RAY DIFFRACTION' 2.000 2.089  812  . 42 767  99.6305 . 0.121 . . 0.120 . . . . . 0.119 . 20 . 0.991 0.988 0.132 
'X-RAY DIFFRACTION' 2.089 2.191  777  . 28 742  99.0991 . 0.126 . . 0.126 . . . . . 0.125 . 20 . 0.991 0.991 0.124 
'X-RAY DIFFRACTION' 2.191 2.309  742  . 52 683  99.0566 . 0.132 . . 0.129 . . . . . 0.131 . 20 . 0.990 0.979 0.177 
'X-RAY DIFFRACTION' 2.309 2.448  701  . 36 658  99.0014 . 0.144 . . 0.142 . . . . . 0.143 . 20 . 0.988 0.984 0.181 
'X-RAY DIFFRACTION' 2.448 2.616  648  . 27 609  98.1481 . 0.146 . . 0.144 . . . . . 0.145 . 20 . 0.988 0.977 0.192 
'X-RAY DIFFRACTION' 2.616 2.825  621  . 32 575  97.7456 . 0.133 . . 0.132 . . . . . 0.136 . 20 . 0.989 0.981 0.165 
'X-RAY DIFFRACTION' 2.825 3.093  574  . 16 549  98.4321 . 0.138 . . 0.138 . . . . . 0.144 . 20 . 0.987 0.983 0.153 
'X-RAY DIFFRACTION' 3.093 3.455  510  . 32 465  97.4510 . 0.129 . . 0.129 . . . . . 0.139 . 20 . 0.989 0.990 0.128 
'X-RAY DIFFRACTION' 3.455 3.983  459  . 33 414  97.3856 . 0.129 . . 0.128 . . . . . 0.144 . 20 . 0.989 0.989 0.138 
'X-RAY DIFFRACTION' 3.983 4.865  384  . 16 349  95.0521 . 0.126 . . 0.124 . . . . . 0.135 . 20 . 0.991 0.985 0.191 
'X-RAY DIFFRACTION' 4.865 6.822  299  . 14 275  96.6555 . 0.153 . . 0.150 . . . . . 0.163 . 20 . 0.988 0.983 0.235 
'X-RAY DIFFRACTION' 6.822 37.246 180  . 6  163  93.8889 . 0.164 . . 0.166 . . . . . 0.181 . 20 . 0.980 0.983 0.113 
# 
_struct.entry_id                     8BRO 
_struct.title                        
'Structure of the N-terminal domain of BC2L-C lectin (1-131) in complex with a synthetic beta-fucosylamide' 
_struct.pdbx_model_details           ? 
_struct.pdbx_formula_weight          ? 
_struct.pdbx_formula_weight_method   ? 
_struct.pdbx_model_type_details      ? 
_struct.pdbx_CASP_flag               N 
# 
_struct_keywords.entry_id        8BRO 
_struct_keywords.text            'Lectin, fucosylamides, antiadhesive drug, SUGAR BINDING PROTEIN' 
_struct_keywords.pdbx_keywords   'SUGAR BINDING PROTEIN' 
# 
loop_
_struct_asym.id 
_struct_asym.pdbx_blank_PDB_chainid_flag 
_struct_asym.pdbx_modified 
_struct_asym.entity_id 
_struct_asym.details 
A N N 1 ? 
B N N 2 ? 
C N N 3 ? 
# 
_struct_ref.id                         1 
_struct_ref.db_name                    UNP 
_struct_ref.db_code                    B4EH86_BURCJ 
_struct_ref.pdbx_db_accession          B4EH86 
_struct_ref.pdbx_db_isoform            ? 
_struct_ref.entity_id                  1 
_struct_ref.pdbx_seq_one_letter_code   
;MPLLSASIVSAPVVTSETYVDIPGLYLDVAKAGIRDGKLQVILNVPTPYATGNNFPGIYFAIATNQGVVADGCFTYSSKV
PESTGRMPFTLVATIDVGSGVTFVKGQWKSVRGSAMHIDSYASLSAIWGTAA
;
_struct_ref.pdbx_align_begin           1 
# 
_struct_ref_seq.align_id                      1 
_struct_ref_seq.ref_id                        1 
_struct_ref_seq.pdbx_PDB_id_code              8BRO 
_struct_ref_seq.pdbx_strand_id                A 
_struct_ref_seq.seq_align_beg                 3 
_struct_ref_seq.pdbx_seq_align_beg_ins_code   ? 
_struct_ref_seq.seq_align_end                 134 
_struct_ref_seq.pdbx_seq_align_end_ins_code   ? 
_struct_ref_seq.pdbx_db_accession             B4EH86 
_struct_ref_seq.db_align_beg                  1 
_struct_ref_seq.pdbx_db_align_beg_ins_code    ? 
_struct_ref_seq.db_align_end                  132 
_struct_ref_seq.pdbx_db_align_end_ins_code    ? 
_struct_ref_seq.pdbx_auth_seq_align_beg       0 
_struct_ref_seq.pdbx_auth_seq_align_end       131 
# 
loop_
_struct_ref_seq_dif.align_id 
_struct_ref_seq_dif.pdbx_pdb_id_code 
_struct_ref_seq_dif.mon_id 
_struct_ref_seq_dif.pdbx_pdb_strand_id 
_struct_ref_seq_dif.seq_num 
_struct_ref_seq_dif.pdbx_pdb_ins_code 
_struct_ref_seq_dif.pdbx_seq_db_name 
_struct_ref_seq_dif.pdbx_seq_db_accession_code 
_struct_ref_seq_dif.db_mon_id 
_struct_ref_seq_dif.pdbx_seq_db_seq_num 
_struct_ref_seq_dif.details 
_struct_ref_seq_dif.pdbx_auth_seq_num 
_struct_ref_seq_dif.pdbx_ordinal 
1 8BRO GLY A 1 ? UNP B4EH86 ? ? 'expression tag' -2 1 
1 8BRO HIS A 2 ? UNP B4EH86 ? ? 'expression tag' -1 2 
# 
_pdbx_struct_assembly.id                   1 
_pdbx_struct_assembly.details              author_and_software_defined_assembly 
_pdbx_struct_assembly.method_details       PISA 
_pdbx_struct_assembly.oligomeric_details   trimeric 
_pdbx_struct_assembly.oligomeric_count     3 
# 
loop_
_pdbx_struct_assembly_prop.biol_id 
_pdbx_struct_assembly_prop.type 
_pdbx_struct_assembly_prop.value 
_pdbx_struct_assembly_prop.details 
1 'ABSA (A^2)' 5820  ? 
1 MORE         -36   ? 
1 'SSA (A^2)'  13940 ? 
# 
_pdbx_struct_assembly_gen.assembly_id       1 
_pdbx_struct_assembly_gen.oper_expression   1,2,3 
_pdbx_struct_assembly_gen.asym_id_list      A,B,C 
# 
_pdbx_struct_assembly_auth_evidence.id                     1 
_pdbx_struct_assembly_auth_evidence.assembly_id            1 
_pdbx_struct_assembly_auth_evidence.experimental_support   'gel filtration' 
_pdbx_struct_assembly_auth_evidence.details                ? 
# 
loop_
_pdbx_struct_oper_list.id 
_pdbx_struct_oper_list.type 
_pdbx_struct_oper_list.name 
_pdbx_struct_oper_list.symmetry_operation 
_pdbx_struct_oper_list.matrix[1][1] 
_pdbx_struct_oper_list.matrix[1][2] 
_pdbx_struct_oper_list.matrix[1][3] 
_pdbx_struct_oper_list.vector[1] 
_pdbx_struct_oper_list.matrix[2][1] 
_pdbx_struct_oper_list.matrix[2][2] 
_pdbx_struct_oper_list.matrix[2][3] 
_pdbx_struct_oper_list.vector[2] 
_pdbx_struct_oper_list.matrix[3][1] 
_pdbx_struct_oper_list.matrix[3][2] 
_pdbx_struct_oper_list.matrix[3][3] 
_pdbx_struct_oper_list.vector[3] 
1 'identity operation'         1_555 x,y,z         1.0000000000 0.0000000000  0.0000000000 0.0000000000   0.0000000000  1.0000000000  0.0000000000  0.0000000000  0.0000000000 0.0000000000  1.0000000000 0.0000000000  
2 'crystal symmetry operation' 2_655 -y+1,x-y,z    0.0843044777 -0.0336032819 0.9958732723 -12.3595382867 0.9902460163  -0.1084381703 -0.0874870869 16.5481109828 0.1109305288 0.9935350938  0.0241336927 -1.2533052510 
3 'crystal symmetry operation' 3_665 -x+y+1,-x+1,z 0.0843044777 0.9902460163  0.1109305288 -15.2057067447 -0.0336032819 -0.1084381703 0.9935350938  2.6243285791  0.9958732723 -0.0874870869 0.0241336927 13.7865267454 
# 
_struct_conf.conf_type_id            HELX_P 
_struct_conf.id                      HELX_P1 
_struct_conf.pdbx_PDB_helix_id       AA1 
_struct_conf.beg_label_comp_id       GLY 
_struct_conf.beg_label_asym_id       A 
_struct_conf.beg_label_seq_id        100 
_struct_conf.pdbx_beg_PDB_ins_code   ? 
_struct_conf.end_label_comp_id       GLY 
_struct_conf.end_label_asym_id       A 
_struct_conf.end_label_seq_id        102 
_struct_conf.pdbx_end_PDB_ins_code   ? 
_struct_conf.beg_auth_comp_id        GLY 
_struct_conf.beg_auth_asym_id        A 
_struct_conf.beg_auth_seq_id         97 
_struct_conf.end_auth_comp_id        GLY 
_struct_conf.end_auth_asym_id        A 
_struct_conf.end_auth_seq_id         99 
_struct_conf.pdbx_PDB_helix_class    5 
_struct_conf.details                 ? 
_struct_conf.pdbx_PDB_helix_length   3 
# 
_struct_conf_type.id          HELX_P 
_struct_conf_type.criteria    ? 
_struct_conf_type.reference   ? 
# 
loop_
_struct_sheet.id 
_struct_sheet.type 
_struct_sheet.number_strands 
_struct_sheet.details 
AA1 ? 4 ? 
AA2 ? 4 ? 
AA3 ? 2 ? 
# 
loop_
_struct_sheet_order.sheet_id 
_struct_sheet_order.range_id_1 
_struct_sheet_order.range_id_2 
_struct_sheet_order.offset 
_struct_sheet_order.sense 
AA1 1 2 ? anti-parallel 
AA1 2 3 ? anti-parallel 
AA1 3 4 ? anti-parallel 
AA2 1 2 ? anti-parallel 
AA2 2 3 ? anti-parallel 
AA2 3 4 ? anti-parallel 
AA3 1 2 ? anti-parallel 
# 
loop_
_struct_sheet_range.sheet_id 
_struct_sheet_range.id 
_struct_sheet_range.beg_label_comp_id 
_struct_sheet_range.beg_label_asym_id 
_struct_sheet_range.beg_label_seq_id 
_struct_sheet_range.pdbx_beg_PDB_ins_code 
_struct_sheet_range.end_label_comp_id 
_struct_sheet_range.end_label_asym_id 
_struct_sheet_range.end_label_seq_id 
_struct_sheet_range.pdbx_end_PDB_ins_code 
_struct_sheet_range.beg_auth_comp_id 
_struct_sheet_range.beg_auth_asym_id 
_struct_sheet_range.beg_auth_seq_id 
_struct_sheet_range.end_auth_comp_id 
_struct_sheet_range.end_auth_asym_id 
_struct_sheet_range.end_auth_seq_id 
AA1 1 LEU A 5   ? ILE A 10  ? LEU A 2   ILE A 7   
AA1 2 ALA A 124 ? GLY A 131 ? ALA A 121 GLY A 128 
AA1 3 LYS A 40  ? VAL A 47  ? LYS A 37  VAL A 44  
AA1 4 PHE A 91  ? ASP A 98  ? PHE A 88  ASP A 95  
AA2 1 VAL A 22  ? ASP A 30  ? VAL A 19  ASP A 27  
AA2 2 PHE A 105 ? VAL A 113 ? PHE A 102 VAL A 110 
AA2 3 GLY A 59  ? THR A 66  ? GLY A 56  THR A 63  
AA2 4 GLY A 69  ? THR A 77  ? GLY A 66  THR A 74  
AA3 1 TYR A 51  ? THR A 53  ? TYR A 48  THR A 50  
AA3 2 ALA A 117 ? HIS A 119 ? ALA A 114 HIS A 116 
# 
loop_
_pdbx_struct_sheet_hbond.sheet_id 
_pdbx_struct_sheet_hbond.range_id_1 
_pdbx_struct_sheet_hbond.range_id_2 
_pdbx_struct_sheet_hbond.range_1_label_atom_id 
_pdbx_struct_sheet_hbond.range_1_label_comp_id 
_pdbx_struct_sheet_hbond.range_1_label_asym_id 
_pdbx_struct_sheet_hbond.range_1_label_seq_id 
_pdbx_struct_sheet_hbond.range_1_PDB_ins_code 
_pdbx_struct_sheet_hbond.range_1_auth_atom_id 
_pdbx_struct_sheet_hbond.range_1_auth_comp_id 
_pdbx_struct_sheet_hbond.range_1_auth_asym_id 
_pdbx_struct_sheet_hbond.range_1_auth_seq_id 
_pdbx_struct_sheet_hbond.range_2_label_atom_id 
_pdbx_struct_sheet_hbond.range_2_label_comp_id 
_pdbx_struct_sheet_hbond.range_2_label_asym_id 
_pdbx_struct_sheet_hbond.range_2_label_seq_id 
_pdbx_struct_sheet_hbond.range_2_PDB_ins_code 
_pdbx_struct_sheet_hbond.range_2_auth_atom_id 
_pdbx_struct_sheet_hbond.range_2_auth_comp_id 
_pdbx_struct_sheet_hbond.range_2_auth_asym_id 
_pdbx_struct_sheet_hbond.range_2_auth_seq_id 
AA1 1 2 N ALA A 8   ? N ALA A 5   O LEU A 126 ? O LEU A 123 
AA1 2 3 O GLY A 131 ? O GLY A 128 N LYS A 40  ? N LYS A 37  
AA1 3 4 N VAL A 43  ? N VAL A 40  O ALA A 95  ? O ALA A 92  
AA2 1 2 N LEU A 29  ? N LEU A 26  O VAL A 106 ? O VAL A 103 
AA2 2 3 O LYS A 111 ? O LYS A 108 N TYR A 61  ? N TYR A 58  
AA2 3 4 N ILE A 64  ? N ILE A 61  O VAL A 71  ? O VAL A 68  
AA3 1 2 N THR A 53  ? N THR A 50  O ALA A 117 ? O ALA A 114 
# 
loop_
_pdbx_validate_torsion.id 
_pdbx_validate_torsion.PDB_model_num 
_pdbx_validate_torsion.auth_comp_id 
_pdbx_validate_torsion.auth_asym_id 
_pdbx_validate_torsion.auth_seq_id 
_pdbx_validate_torsion.PDB_ins_code 
_pdbx_validate_torsion.label_alt_id 
_pdbx_validate_torsion.phi 
_pdbx_validate_torsion.psi 
1 1 THR A 46 ? ? -140.76 38.32 
2 1 PHE A 54 ? ? 50.83   74.29 
# 
loop_
_pdbx_struct_special_symmetry.id 
_pdbx_struct_special_symmetry.PDB_model_num 
_pdbx_struct_special_symmetry.auth_asym_id 
_pdbx_struct_special_symmetry.auth_comp_id 
_pdbx_struct_special_symmetry.auth_seq_id 
_pdbx_struct_special_symmetry.PDB_ins_code 
_pdbx_struct_special_symmetry.label_asym_id 
_pdbx_struct_special_symmetry.label_comp_id 
_pdbx_struct_special_symmetry.label_seq_id 
1 1 A HOH 303 ? C HOH . 
2 1 A HOH 325 ? C HOH . 
3 1 A HOH 388 ? C HOH . 
4 1 A HOH 415 ? C HOH . 
5 1 A HOH 420 ? C HOH . 
6 1 A HOH 421 ? C HOH . 
# 
_pdbx_entry_details.entry_id                 8BRO 
_pdbx_entry_details.has_ligand_of_interest   Y 
_pdbx_entry_details.compound_details         ? 
_pdbx_entry_details.source_details           ? 
_pdbx_entry_details.nonpolymer_details       ? 
_pdbx_entry_details.sequence_details         ? 
# 
loop_
_pdbx_unobs_or_zero_occ_residues.id 
_pdbx_unobs_or_zero_occ_residues.PDB_model_num 
_pdbx_unobs_or_zero_occ_residues.polymer_flag 
_pdbx_unobs_or_zero_occ_residues.occupancy_flag 
_pdbx_unobs_or_zero_occ_residues.auth_asym_id 
_pdbx_unobs_or_zero_occ_residues.auth_comp_id 
_pdbx_unobs_or_zero_occ_residues.auth_seq_id 
_pdbx_unobs_or_zero_occ_residues.PDB_ins_code 
_pdbx_unobs_or_zero_occ_residues.label_asym_id 
_pdbx_unobs_or_zero_occ_residues.label_comp_id 
_pdbx_unobs_or_zero_occ_residues.label_seq_id 
1 1 Y 1 A GLY -2 ? A GLY 1 
2 1 Y 1 A HIS -1 ? A HIS 2 
3 1 Y 1 A MET 0  ? A MET 3 
# 
loop_
_chem_comp_atom.comp_id 
_chem_comp_atom.atom_id 
_chem_comp_atom.type_symbol 
_chem_comp_atom.pdbx_aromatic_flag 
_chem_comp_atom.pdbx_stereo_config 
_chem_comp_atom.pdbx_ordinal 
ALA N    N N N 1   
ALA CA   C N S 2   
ALA C    C N N 3   
ALA O    O N N 4   
ALA CB   C N N 5   
ALA OXT  O N N 6   
ALA H    H N N 7   
ALA H2   H N N 8   
ALA HA   H N N 9   
ALA HB1  H N N 10  
ALA HB2  H N N 11  
ALA HB3  H N N 12  
ALA HXT  H N N 13  
ARG N    N N N 14  
ARG CA   C N S 15  
ARG C    C N N 16  
ARG O    O N N 17  
ARG CB   C N N 18  
ARG CG   C N N 19  
ARG CD   C N N 20  
ARG NE   N N N 21  
ARG CZ   C N N 22  
ARG NH1  N N N 23  
ARG NH2  N N N 24  
ARG OXT  O N N 25  
ARG H    H N N 26  
ARG H2   H N N 27  
ARG HA   H N N 28  
ARG HB2  H N N 29  
ARG HB3  H N N 30  
ARG HG2  H N N 31  
ARG HG3  H N N 32  
ARG HD2  H N N 33  
ARG HD3  H N N 34  
ARG HE   H N N 35  
ARG HH11 H N N 36  
ARG HH12 H N N 37  
ARG HH21 H N N 38  
ARG HH22 H N N 39  
ARG HXT  H N N 40  
ASN N    N N N 41  
ASN CA   C N S 42  
ASN C    C N N 43  
ASN O    O N N 44  
ASN CB   C N N 45  
ASN CG   C N N 46  
ASN OD1  O N N 47  
ASN ND2  N N N 48  
ASN OXT  O N N 49  
ASN H    H N N 50  
ASN H2   H N N 51  
ASN HA   H N N 52  
ASN HB2  H N N 53  
ASN HB3  H N N 54  
ASN HD21 H N N 55  
ASN HD22 H N N 56  
ASN HXT  H N N 57  
ASP N    N N N 58  
ASP CA   C N S 59  
ASP C    C N N 60  
ASP O    O N N 61  
ASP CB   C N N 62  
ASP CG   C N N 63  
ASP OD1  O N N 64  
ASP OD2  O N N 65  
ASP OXT  O N N 66  
ASP H    H N N 67  
ASP H2   H N N 68  
ASP HA   H N N 69  
ASP HB2  H N N 70  
ASP HB3  H N N 71  
ASP HD2  H N N 72  
ASP HXT  H N N 73  
CYS N    N N N 74  
CYS CA   C N R 75  
CYS C    C N N 76  
CYS O    O N N 77  
CYS CB   C N N 78  
CYS SG   S N N 79  
CYS OXT  O N N 80  
CYS H    H N N 81  
CYS H2   H N N 82  
CYS HA   H N N 83  
CYS HB2  H N N 84  
CYS HB3  H N N 85  
CYS HG   H N N 86  
CYS HXT  H N N 87  
GLN N    N N N 88  
GLN CA   C N S 89  
GLN C    C N N 90  
GLN O    O N N 91  
GLN CB   C N N 92  
GLN CG   C N N 93  
GLN CD   C N N 94  
GLN OE1  O N N 95  
GLN NE2  N N N 96  
GLN OXT  O N N 97  
GLN H    H N N 98  
GLN H2   H N N 99  
GLN HA   H N N 100 
GLN HB2  H N N 101 
GLN HB3  H N N 102 
GLN HG2  H N N 103 
GLN HG3  H N N 104 
GLN HE21 H N N 105 
GLN HE22 H N N 106 
GLN HXT  H N N 107 
GLU N    N N N 108 
GLU CA   C N S 109 
GLU C    C N N 110 
GLU O    O N N 111 
GLU CB   C N N 112 
GLU CG   C N N 113 
GLU CD   C N N 114 
GLU OE1  O N N 115 
GLU OE2  O N N 116 
GLU OXT  O N N 117 
GLU H    H N N 118 
GLU H2   H N N 119 
GLU HA   H N N 120 
GLU HB2  H N N 121 
GLU HB3  H N N 122 
GLU HG2  H N N 123 
GLU HG3  H N N 124 
GLU HE2  H N N 125 
GLU HXT  H N N 126 
GLY N    N N N 127 
GLY CA   C N N 128 
GLY C    C N N 129 
GLY O    O N N 130 
GLY OXT  O N N 131 
GLY H    H N N 132 
GLY H2   H N N 133 
GLY HA2  H N N 134 
GLY HA3  H N N 135 
GLY HXT  H N N 136 
HIS N    N N N 137 
HIS CA   C N S 138 
HIS C    C N N 139 
HIS O    O N N 140 
HIS CB   C N N 141 
HIS CG   C Y N 142 
HIS ND1  N Y N 143 
HIS CD2  C Y N 144 
HIS CE1  C Y N 145 
HIS NE2  N Y N 146 
HIS OXT  O N N 147 
HIS H    H N N 148 
HIS H2   H N N 149 
HIS HA   H N N 150 
HIS HB2  H N N 151 
HIS HB3  H N N 152 
HIS HD1  H N N 153 
HIS HD2  H N N 154 
HIS HE1  H N N 155 
HIS HE2  H N N 156 
HIS HXT  H N N 157 
HOH O    O N N 158 
HOH H1   H N N 159 
HOH H2   H N N 160 
ILE N    N N N 161 
ILE CA   C N S 162 
ILE C    C N N 163 
ILE O    O N N 164 
ILE CB   C N S 165 
ILE CG1  C N N 166 
ILE CG2  C N N 167 
ILE CD1  C N N 168 
ILE OXT  O N N 169 
ILE H    H N N 170 
ILE H2   H N N 171 
ILE HA   H N N 172 
ILE HB   H N N 173 
ILE HG12 H N N 174 
ILE HG13 H N N 175 
ILE HG21 H N N 176 
ILE HG22 H N N 177 
ILE HG23 H N N 178 
ILE HD11 H N N 179 
ILE HD12 H N N 180 
ILE HD13 H N N 181 
ILE HXT  H N N 182 
LEU N    N N N 183 
LEU CA   C N S 184 
LEU C    C N N 185 
LEU O    O N N 186 
LEU CB   C N N 187 
LEU CG   C N N 188 
LEU CD1  C N N 189 
LEU CD2  C N N 190 
LEU OXT  O N N 191 
LEU H    H N N 192 
LEU H2   H N N 193 
LEU HA   H N N 194 
LEU HB2  H N N 195 
LEU HB3  H N N 196 
LEU HG   H N N 197 
LEU HD11 H N N 198 
LEU HD12 H N N 199 
LEU HD13 H N N 200 
LEU HD21 H N N 201 
LEU HD22 H N N 202 
LEU HD23 H N N 203 
LEU HXT  H N N 204 
LYS N    N N N 205 
LYS CA   C N S 206 
LYS C    C N N 207 
LYS O    O N N 208 
LYS CB   C N N 209 
LYS CG   C N N 210 
LYS CD   C N N 211 
LYS CE   C N N 212 
LYS NZ   N N N 213 
LYS OXT  O N N 214 
LYS H    H N N 215 
LYS H2   H N N 216 
LYS HA   H N N 217 
LYS HB2  H N N 218 
LYS HB3  H N N 219 
LYS HG2  H N N 220 
LYS HG3  H N N 221 
LYS HD2  H N N 222 
LYS HD3  H N N 223 
LYS HE2  H N N 224 
LYS HE3  H N N 225 
LYS HZ1  H N N 226 
LYS HZ2  H N N 227 
LYS HZ3  H N N 228 
LYS HXT  H N N 229 
MET N    N N N 230 
MET CA   C N S 231 
MET C    C N N 232 
MET O    O N N 233 
MET CB   C N N 234 
MET CG   C N N 235 
MET SD   S N N 236 
MET CE   C N N 237 
MET OXT  O N N 238 
MET H    H N N 239 
MET H2   H N N 240 
MET HA   H N N 241 
MET HB2  H N N 242 
MET HB3  H N N 243 
MET HG2  H N N 244 
MET HG3  H N N 245 
MET HE1  H N N 246 
MET HE2  H N N 247 
MET HE3  H N N 248 
MET HXT  H N N 249 
PHE N    N N N 250 
PHE CA   C N S 251 
PHE C    C N N 252 
PHE O    O N N 253 
PHE CB   C N N 254 
PHE CG   C Y N 255 
PHE CD1  C Y N 256 
PHE CD2  C Y N 257 
PHE CE1  C Y N 258 
PHE CE2  C Y N 259 
PHE CZ   C Y N 260 
PHE OXT  O N N 261 
PHE H    H N N 262 
PHE H2   H N N 263 
PHE HA   H N N 264 
PHE HB2  H N N 265 
PHE HB3  H N N 266 
PHE HD1  H N N 267 
PHE HD2  H N N 268 
PHE HE1  H N N 269 
PHE HE2  H N N 270 
PHE HZ   H N N 271 
PHE HXT  H N N 272 
PRO N    N N N 273 
PRO CA   C N S 274 
PRO C    C N N 275 
PRO O    O N N 276 
PRO CB   C N N 277 
PRO CG   C N N 278 
PRO CD   C N N 279 
PRO OXT  O N N 280 
PRO H    H N N 281 
PRO HA   H N N 282 
PRO HB2  H N N 283 
PRO HB3  H N N 284 
PRO HG2  H N N 285 
PRO HG3  H N N 286 
PRO HD2  H N N 287 
PRO HD3  H N N 288 
PRO HXT  H N N 289 
R7E N1   N N N 290 
R7E C4   C N S 291 
R7E C5   C N S 292 
R7E C6   C N N 293 
R7E C7   C N N 294 
R7E C8   C Y N 295 
R7E C10  C Y N 296 
R7E C13  C Y N 297 
R7E C15  C Y N 298 
R7E C17  C Y N 299 
R7E C1   C N S 300 
R7E O5   O N N 301 
R7E C3   C N R 302 
R7E O3   O N N 303 
R7E C2   C N S 304 
R7E O2   O N N 305 
R7E O4   O N N 306 
R7E O7   O N N 307 
R7E O8   O Y N 308 
R7E C11  C Y N 309 
R7E C9   C Y N 310 
R7E C12  C Y N 311 
R7E C16  C Y N 312 
R7E C14  C Y N 313 
R7E C18  C N N 314 
R7E N2   N N N 315 
R7E H1   H N N 316 
R7E H2   H N N 317 
R7E H3   H N N 318 
R7E H4   H N N 319 
R7E H5   H N N 320 
R7E H6   H N N 321 
R7E H7   H N N 322 
R7E H8   H N N 323 
R7E H9   H N N 324 
R7E H10  H N N 325 
R7E H11  H N N 326 
R7E H12  H N N 327 
R7E H13  H N N 328 
R7E H14  H N N 329 
R7E H15  H N N 330 
R7E H16  H N N 331 
R7E H17  H N N 332 
R7E H18  H N N 333 
R7E H19  H N N 334 
R7E H20  H N N 335 
R7E H21  H N N 336 
R7E H22  H N N 337 
SER N    N N N 338 
SER CA   C N S 339 
SER C    C N N 340 
SER O    O N N 341 
SER CB   C N N 342 
SER OG   O N N 343 
SER OXT  O N N 344 
SER H    H N N 345 
SER H2   H N N 346 
SER HA   H N N 347 
SER HB2  H N N 348 
SER HB3  H N N 349 
SER HG   H N N 350 
SER HXT  H N N 351 
THR N    N N N 352 
THR CA   C N S 353 
THR C    C N N 354 
THR O    O N N 355 
THR CB   C N R 356 
THR OG1  O N N 357 
THR CG2  C N N 358 
THR OXT  O N N 359 
THR H    H N N 360 
THR H2   H N N 361 
THR HA   H N N 362 
THR HB   H N N 363 
THR HG1  H N N 364 
THR HG21 H N N 365 
THR HG22 H N N 366 
THR HG23 H N N 367 
THR HXT  H N N 368 
TRP N    N N N 369 
TRP CA   C N S 370 
TRP C    C N N 371 
TRP O    O N N 372 
TRP CB   C N N 373 
TRP CG   C Y N 374 
TRP CD1  C Y N 375 
TRP CD2  C Y N 376 
TRP NE1  N Y N 377 
TRP CE2  C Y N 378 
TRP CE3  C Y N 379 
TRP CZ2  C Y N 380 
TRP CZ3  C Y N 381 
TRP CH2  C Y N 382 
TRP OXT  O N N 383 
TRP H    H N N 384 
TRP H2   H N N 385 
TRP HA   H N N 386 
TRP HB2  H N N 387 
TRP HB3  H N N 388 
TRP HD1  H N N 389 
TRP HE1  H N N 390 
TRP HE3  H N N 391 
TRP HZ2  H N N 392 
TRP HZ3  H N N 393 
TRP HH2  H N N 394 
TRP HXT  H N N 395 
TYR N    N N N 396 
TYR CA   C N S 397 
TYR C    C N N 398 
TYR O    O N N 399 
TYR CB   C N N 400 
TYR CG   C Y N 401 
TYR CD1  C Y N 402 
TYR CD2  C Y N 403 
TYR CE1  C Y N 404 
TYR CE2  C Y N 405 
TYR CZ   C Y N 406 
TYR OH   O N N 407 
TYR OXT  O N N 408 
TYR H    H N N 409 
TYR H2   H N N 410 
TYR HA   H N N 411 
TYR HB2  H N N 412 
TYR HB3  H N N 413 
TYR HD1  H N N 414 
TYR HD2  H N N 415 
TYR HE1  H N N 416 
TYR HE2  H N N 417 
TYR HH   H N N 418 
TYR HXT  H N N 419 
VAL N    N N N 420 
VAL CA   C N S 421 
VAL C    C N N 422 
VAL O    O N N 423 
VAL CB   C N N 424 
VAL CG1  C N N 425 
VAL CG2  C N N 426 
VAL OXT  O N N 427 
VAL H    H N N 428 
VAL H2   H N N 429 
VAL HA   H N N 430 
VAL HB   H N N 431 
VAL HG11 H N N 432 
VAL HG12 H N N 433 
VAL HG13 H N N 434 
VAL HG21 H N N 435 
VAL HG22 H N N 436 
VAL HG23 H N N 437 
VAL HXT  H N N 438 
# 
loop_
_chem_comp_bond.comp_id 
_chem_comp_bond.atom_id_1 
_chem_comp_bond.atom_id_2 
_chem_comp_bond.value_order 
_chem_comp_bond.pdbx_aromatic_flag 
_chem_comp_bond.pdbx_stereo_config 
_chem_comp_bond.pdbx_ordinal 
ALA N   CA   sing N N 1   
ALA N   H    sing N N 2   
ALA N   H2   sing N N 3   
ALA CA  C    sing N N 4   
ALA CA  CB   sing N N 5   
ALA CA  HA   sing N N 6   
ALA C   O    doub N N 7   
ALA C   OXT  sing N N 8   
ALA CB  HB1  sing N N 9   
ALA CB  HB2  sing N N 10  
ALA CB  HB3  sing N N 11  
ALA OXT HXT  sing N N 12  
ARG N   CA   sing N N 13  
ARG N   H    sing N N 14  
ARG N   H2   sing N N 15  
ARG CA  C    sing N N 16  
ARG CA  CB   sing N N 17  
ARG CA  HA   sing N N 18  
ARG C   O    doub N N 19  
ARG C   OXT  sing N N 20  
ARG CB  CG   sing N N 21  
ARG CB  HB2  sing N N 22  
ARG CB  HB3  sing N N 23  
ARG CG  CD   sing N N 24  
ARG CG  HG2  sing N N 25  
ARG CG  HG3  sing N N 26  
ARG CD  NE   sing N N 27  
ARG CD  HD2  sing N N 28  
ARG CD  HD3  sing N N 29  
ARG NE  CZ   sing N N 30  
ARG NE  HE   sing N N 31  
ARG CZ  NH1  sing N N 32  
ARG CZ  NH2  doub N N 33  
ARG NH1 HH11 sing N N 34  
ARG NH1 HH12 sing N N 35  
ARG NH2 HH21 sing N N 36  
ARG NH2 HH22 sing N N 37  
ARG OXT HXT  sing N N 38  
ASN N   CA   sing N N 39  
ASN N   H    sing N N 40  
ASN N   H2   sing N N 41  
ASN CA  C    sing N N 42  
ASN CA  CB   sing N N 43  
ASN CA  HA   sing N N 44  
ASN C   O    doub N N 45  
ASN C   OXT  sing N N 46  
ASN CB  CG   sing N N 47  
ASN CB  HB2  sing N N 48  
ASN CB  HB3  sing N N 49  
ASN CG  OD1  doub N N 50  
ASN CG  ND2  sing N N 51  
ASN ND2 HD21 sing N N 52  
ASN ND2 HD22 sing N N 53  
ASN OXT HXT  sing N N 54  
ASP N   CA   sing N N 55  
ASP N   H    sing N N 56  
ASP N   H2   sing N N 57  
ASP CA  C    sing N N 58  
ASP CA  CB   sing N N 59  
ASP CA  HA   sing N N 60  
ASP C   O    doub N N 61  
ASP C   OXT  sing N N 62  
ASP CB  CG   sing N N 63  
ASP CB  HB2  sing N N 64  
ASP CB  HB3  sing N N 65  
ASP CG  OD1  doub N N 66  
ASP CG  OD2  sing N N 67  
ASP OD2 HD2  sing N N 68  
ASP OXT HXT  sing N N 69  
CYS N   CA   sing N N 70  
CYS N   H    sing N N 71  
CYS N   H2   sing N N 72  
CYS CA  C    sing N N 73  
CYS CA  CB   sing N N 74  
CYS CA  HA   sing N N 75  
CYS C   O    doub N N 76  
CYS C   OXT  sing N N 77  
CYS CB  SG   sing N N 78  
CYS CB  HB2  sing N N 79  
CYS CB  HB3  sing N N 80  
CYS SG  HG   sing N N 81  
CYS OXT HXT  sing N N 82  
GLN N   CA   sing N N 83  
GLN N   H    sing N N 84  
GLN N   H2   sing N N 85  
GLN CA  C    sing N N 86  
GLN CA  CB   sing N N 87  
GLN CA  HA   sing N N 88  
GLN C   O    doub N N 89  
GLN C   OXT  sing N N 90  
GLN CB  CG   sing N N 91  
GLN CB  HB2  sing N N 92  
GLN CB  HB3  sing N N 93  
GLN CG  CD   sing N N 94  
GLN CG  HG2  sing N N 95  
GLN CG  HG3  sing N N 96  
GLN CD  OE1  doub N N 97  
GLN CD  NE2  sing N N 98  
GLN NE2 HE21 sing N N 99  
GLN NE2 HE22 sing N N 100 
GLN OXT HXT  sing N N 101 
GLU N   CA   sing N N 102 
GLU N   H    sing N N 103 
GLU N   H2   sing N N 104 
GLU CA  C    sing N N 105 
GLU CA  CB   sing N N 106 
GLU CA  HA   sing N N 107 
GLU C   O    doub N N 108 
GLU C   OXT  sing N N 109 
GLU CB  CG   sing N N 110 
GLU CB  HB2  sing N N 111 
GLU CB  HB3  sing N N 112 
GLU CG  CD   sing N N 113 
GLU CG  HG2  sing N N 114 
GLU CG  HG3  sing N N 115 
GLU CD  OE1  doub N N 116 
GLU CD  OE2  sing N N 117 
GLU OE2 HE2  sing N N 118 
GLU OXT HXT  sing N N 119 
GLY N   CA   sing N N 120 
GLY N   H    sing N N 121 
GLY N   H2   sing N N 122 
GLY CA  C    sing N N 123 
GLY CA  HA2  sing N N 124 
GLY CA  HA3  sing N N 125 
GLY C   O    doub N N 126 
GLY C   OXT  sing N N 127 
GLY OXT HXT  sing N N 128 
HIS N   CA   sing N N 129 
HIS N   H    sing N N 130 
HIS N   H2   sing N N 131 
HIS CA  C    sing N N 132 
HIS CA  CB   sing N N 133 
HIS CA  HA   sing N N 134 
HIS C   O    doub N N 135 
HIS C   OXT  sing N N 136 
HIS CB  CG   sing N N 137 
HIS CB  HB2  sing N N 138 
HIS CB  HB3  sing N N 139 
HIS CG  ND1  sing Y N 140 
HIS CG  CD2  doub Y N 141 
HIS ND1 CE1  doub Y N 142 
HIS ND1 HD1  sing N N 143 
HIS CD2 NE2  sing Y N 144 
HIS CD2 HD2  sing N N 145 
HIS CE1 NE2  sing Y N 146 
HIS CE1 HE1  sing N N 147 
HIS NE2 HE2  sing N N 148 
HIS OXT HXT  sing N N 149 
HOH O   H1   sing N N 150 
HOH O   H2   sing N N 151 
ILE N   CA   sing N N 152 
ILE N   H    sing N N 153 
ILE N   H2   sing N N 154 
ILE CA  C    sing N N 155 
ILE CA  CB   sing N N 156 
ILE CA  HA   sing N N 157 
ILE C   O    doub N N 158 
ILE C   OXT  sing N N 159 
ILE CB  CG1  sing N N 160 
ILE CB  CG2  sing N N 161 
ILE CB  HB   sing N N 162 
ILE CG1 CD1  sing N N 163 
ILE CG1 HG12 sing N N 164 
ILE CG1 HG13 sing N N 165 
ILE CG2 HG21 sing N N 166 
ILE CG2 HG22 sing N N 167 
ILE CG2 HG23 sing N N 168 
ILE CD1 HD11 sing N N 169 
ILE CD1 HD12 sing N N 170 
ILE CD1 HD13 sing N N 171 
ILE OXT HXT  sing N N 172 
LEU N   CA   sing N N 173 
LEU N   H    sing N N 174 
LEU N   H2   sing N N 175 
LEU CA  C    sing N N 176 
LEU CA  CB   sing N N 177 
LEU CA  HA   sing N N 178 
LEU C   O    doub N N 179 
LEU C   OXT  sing N N 180 
LEU CB  CG   sing N N 181 
LEU CB  HB2  sing N N 182 
LEU CB  HB3  sing N N 183 
LEU CG  CD1  sing N N 184 
LEU CG  CD2  sing N N 185 
LEU CG  HG   sing N N 186 
LEU CD1 HD11 sing N N 187 
LEU CD1 HD12 sing N N 188 
LEU CD1 HD13 sing N N 189 
LEU CD2 HD21 sing N N 190 
LEU CD2 HD22 sing N N 191 
LEU CD2 HD23 sing N N 192 
LEU OXT HXT  sing N N 193 
LYS N   CA   sing N N 194 
LYS N   H    sing N N 195 
LYS N   H2   sing N N 196 
LYS CA  C    sing N N 197 
LYS CA  CB   sing N N 198 
LYS CA  HA   sing N N 199 
LYS C   O    doub N N 200 
LYS C   OXT  sing N N 201 
LYS CB  CG   sing N N 202 
LYS CB  HB2  sing N N 203 
LYS CB  HB3  sing N N 204 
LYS CG  CD   sing N N 205 
LYS CG  HG2  sing N N 206 
LYS CG  HG3  sing N N 207 
LYS CD  CE   sing N N 208 
LYS CD  HD2  sing N N 209 
LYS CD  HD3  sing N N 210 
LYS CE  NZ   sing N N 211 
LYS CE  HE2  sing N N 212 
LYS CE  HE3  sing N N 213 
LYS NZ  HZ1  sing N N 214 
LYS NZ  HZ2  sing N N 215 
LYS NZ  HZ3  sing N N 216 
LYS OXT HXT  sing N N 217 
MET N   CA   sing N N 218 
MET N   H    sing N N 219 
MET N   H2   sing N N 220 
MET CA  C    sing N N 221 
MET CA  CB   sing N N 222 
MET CA  HA   sing N N 223 
MET C   O    doub N N 224 
MET C   OXT  sing N N 225 
MET CB  CG   sing N N 226 
MET CB  HB2  sing N N 227 
MET CB  HB3  sing N N 228 
MET CG  SD   sing N N 229 
MET CG  HG2  sing N N 230 
MET CG  HG3  sing N N 231 
MET SD  CE   sing N N 232 
MET CE  HE1  sing N N 233 
MET CE  HE2  sing N N 234 
MET CE  HE3  sing N N 235 
MET OXT HXT  sing N N 236 
PHE N   CA   sing N N 237 
PHE N   H    sing N N 238 
PHE N   H2   sing N N 239 
PHE CA  C    sing N N 240 
PHE CA  CB   sing N N 241 
PHE CA  HA   sing N N 242 
PHE C   O    doub N N 243 
PHE C   OXT  sing N N 244 
PHE CB  CG   sing N N 245 
PHE CB  HB2  sing N N 246 
PHE CB  HB3  sing N N 247 
PHE CG  CD1  doub Y N 248 
PHE CG  CD2  sing Y N 249 
PHE CD1 CE1  sing Y N 250 
PHE CD1 HD1  sing N N 251 
PHE CD2 CE2  doub Y N 252 
PHE CD2 HD2  sing N N 253 
PHE CE1 CZ   doub Y N 254 
PHE CE1 HE1  sing N N 255 
PHE CE2 CZ   sing Y N 256 
PHE CE2 HE2  sing N N 257 
PHE CZ  HZ   sing N N 258 
PHE OXT HXT  sing N N 259 
PRO N   CA   sing N N 260 
PRO N   CD   sing N N 261 
PRO N   H    sing N N 262 
PRO CA  C    sing N N 263 
PRO CA  CB   sing N N 264 
PRO CA  HA   sing N N 265 
PRO C   O    doub N N 266 
PRO C   OXT  sing N N 267 
PRO CB  CG   sing N N 268 
PRO CB  HB2  sing N N 269 
PRO CB  HB3  sing N N 270 
PRO CG  CD   sing N N 271 
PRO CG  HG2  sing N N 272 
PRO CG  HG3  sing N N 273 
PRO CD  HD2  sing N N 274 
PRO CD  HD3  sing N N 275 
PRO OXT HXT  sing N N 276 
R7E O3  C3   sing N N 277 
R7E C4  C3   sing N N 278 
R7E C4  C5   sing N N 279 
R7E C4  O4   sing N N 280 
R7E C3  C2   sing N N 281 
R7E C5  C6   sing N N 282 
R7E C5  O5   sing N N 283 
R7E O2  C2   sing N N 284 
R7E C2  C1   sing N N 285 
R7E O5  C1   sing N N 286 
R7E C1  N1   sing N N 287 
R7E O7  C7   doub N N 288 
R7E N1  C7   sing N N 289 
R7E C7  C8   sing N N 290 
R7E C8  C9   doub Y N 291 
R7E C8  O8   sing Y N 292 
R7E C9  C10  sing Y N 293 
R7E O8  C11  sing Y N 294 
R7E C10 C11  doub Y N 295 
R7E C11 C12  sing N N 296 
R7E C12 C17  doub Y N 297 
R7E C12 C13  sing Y N 298 
R7E C17 C16  sing Y N 299 
R7E C13 C14  doub Y N 300 
R7E C16 C15  doub Y N 301 
R7E C14 C15  sing Y N 302 
R7E C14 C18  sing N N 303 
R7E C18 N2   sing N N 304 
R7E N1  H1   sing N N 305 
R7E C4  H2   sing N N 306 
R7E C5  H3   sing N N 307 
R7E C6  H4   sing N N 308 
R7E C6  H5   sing N N 309 
R7E C6  H6   sing N N 310 
R7E C10 H7   sing N N 311 
R7E C13 H8   sing N N 312 
R7E C15 H9   sing N N 313 
R7E C17 H10  sing N N 314 
R7E C1  H11  sing N N 315 
R7E C3  H12  sing N N 316 
R7E O3  H13  sing N N 317 
R7E C2  H14  sing N N 318 
R7E O2  H15  sing N N 319 
R7E O4  H16  sing N N 320 
R7E C9  H17  sing N N 321 
R7E C16 H18  sing N N 322 
R7E C18 H19  sing N N 323 
R7E C18 H20  sing N N 324 
R7E N2  H21  sing N N 325 
R7E N2  H22  sing N N 326 
SER N   CA   sing N N 327 
SER N   H    sing N N 328 
SER N   H2   sing N N 329 
SER CA  C    sing N N 330 
SER CA  CB   sing N N 331 
SER CA  HA   sing N N 332 
SER C   O    doub N N 333 
SER C   OXT  sing N N 334 
SER CB  OG   sing N N 335 
SER CB  HB2  sing N N 336 
SER CB  HB3  sing N N 337 
SER OG  HG   sing N N 338 
SER OXT HXT  sing N N 339 
THR N   CA   sing N N 340 
THR N   H    sing N N 341 
THR N   H2   sing N N 342 
THR CA  C    sing N N 343 
THR CA  CB   sing N N 344 
THR CA  HA   sing N N 345 
THR C   O    doub N N 346 
THR C   OXT  sing N N 347 
THR CB  OG1  sing N N 348 
THR CB  CG2  sing N N 349 
THR CB  HB   sing N N 350 
THR OG1 HG1  sing N N 351 
THR CG2 HG21 sing N N 352 
THR CG2 HG22 sing N N 353 
THR CG2 HG23 sing N N 354 
THR OXT HXT  sing N N 355 
TRP N   CA   sing N N 356 
TRP N   H    sing N N 357 
TRP N   H2   sing N N 358 
TRP CA  C    sing N N 359 
TRP CA  CB   sing N N 360 
TRP CA  HA   sing N N 361 
TRP C   O    doub N N 362 
TRP C   OXT  sing N N 363 
TRP CB  CG   sing N N 364 
TRP CB  HB2  sing N N 365 
TRP CB  HB3  sing N N 366 
TRP CG  CD1  doub Y N 367 
TRP CG  CD2  sing Y N 368 
TRP CD1 NE1  sing Y N 369 
TRP CD1 HD1  sing N N 370 
TRP CD2 CE2  doub Y N 371 
TRP CD2 CE3  sing Y N 372 
TRP NE1 CE2  sing Y N 373 
TRP NE1 HE1  sing N N 374 
TRP CE2 CZ2  sing Y N 375 
TRP CE3 CZ3  doub Y N 376 
TRP CE3 HE3  sing N N 377 
TRP CZ2 CH2  doub Y N 378 
TRP CZ2 HZ2  sing N N 379 
TRP CZ3 CH2  sing Y N 380 
TRP CZ3 HZ3  sing N N 381 
TRP CH2 HH2  sing N N 382 
TRP OXT HXT  sing N N 383 
TYR N   CA   sing N N 384 
TYR N   H    sing N N 385 
TYR N   H2   sing N N 386 
TYR CA  C    sing N N 387 
TYR CA  CB   sing N N 388 
TYR CA  HA   sing N N 389 
TYR C   O    doub N N 390 
TYR C   OXT  sing N N 391 
TYR CB  CG   sing N N 392 
TYR CB  HB2  sing N N 393 
TYR CB  HB3  sing N N 394 
TYR CG  CD1  doub Y N 395 
TYR CG  CD2  sing Y N 396 
TYR CD1 CE1  sing Y N 397 
TYR CD1 HD1  sing N N 398 
TYR CD2 CE2  doub Y N 399 
TYR CD2 HD2  sing N N 400 
TYR CE1 CZ   doub Y N 401 
TYR CE1 HE1  sing N N 402 
TYR CE2 CZ   sing Y N 403 
TYR CE2 HE2  sing N N 404 
TYR CZ  OH   sing N N 405 
TYR OH  HH   sing N N 406 
TYR OXT HXT  sing N N 407 
VAL N   CA   sing N N 408 
VAL N   H    sing N N 409 
VAL N   H2   sing N N 410 
VAL CA  C    sing N N 411 
VAL CA  CB   sing N N 412 
VAL CA  HA   sing N N 413 
VAL C   O    doub N N 414 
VAL C   OXT  sing N N 415 
VAL CB  CG1  sing N N 416 
VAL CB  CG2  sing N N 417 
VAL CB  HB   sing N N 418 
VAL CG1 HG11 sing N N 419 
VAL CG1 HG12 sing N N 420 
VAL CG1 HG13 sing N N 421 
VAL CG2 HG21 sing N N 422 
VAL CG2 HG22 sing N N 423 
VAL CG2 HG23 sing N N 424 
VAL OXT HXT  sing N N 425 
# 
_pdbx_audit_support.funding_organization   'H2020 Marie Curie Actions of the European Commission' 
_pdbx_audit_support.country                'European Union' 
_pdbx_audit_support.grant_number           765581 
_pdbx_audit_support.ordinal                1 
# 
_pdbx_entity_instance_feature.ordinal        1 
_pdbx_entity_instance_feature.comp_id        R7E 
_pdbx_entity_instance_feature.asym_id        ? 
_pdbx_entity_instance_feature.seq_num        ? 
_pdbx_entity_instance_feature.auth_comp_id   R7E 
_pdbx_entity_instance_feature.auth_asym_id   ? 
_pdbx_entity_instance_feature.auth_seq_num   ? 
_pdbx_entity_instance_feature.feature_type   'SUBJECT OF INVESTIGATION' 
_pdbx_entity_instance_feature.details        ? 
# 
_pdbx_initial_refinement_model.id               1 
_pdbx_initial_refinement_model.entity_id_list   ? 
_pdbx_initial_refinement_model.type             'experimental model' 
_pdbx_initial_refinement_model.source_name      PDB 
_pdbx_initial_refinement_model.accession_code   6TID 
_pdbx_initial_refinement_model.details          ? 
# 
_atom_sites.entry_id                    8BRO 
_atom_sites.Cartn_transf_matrix[1][1]   ? 
_atom_sites.Cartn_transf_matrix[1][2]   ? 
_atom_sites.Cartn_transf_matrix[1][3]   ? 
_atom_sites.Cartn_transf_matrix[2][1]   ? 
_atom_sites.Cartn_transf_matrix[2][2]   ? 
_atom_sites.Cartn_transf_matrix[2][3]   ? 
_atom_sites.Cartn_transf_matrix[3][1]   ? 
_atom_sites.Cartn_transf_matrix[3][2]   ? 
_atom_sites.Cartn_transf_matrix[3][3]   ? 
_atom_sites.Cartn_transf_vector[1]      ? 
_atom_sites.Cartn_transf_vector[2]      ? 
_atom_sites.Cartn_transf_vector[3]      ? 
_atom_sites.fract_transf_matrix[1][1]   -0.01656994 
_atom_sites.fract_transf_matrix[1][2]   0.02111124 
_atom_sites.fract_transf_matrix[1][3]   -0.00075184 
_atom_sites.fract_transf_matrix[2][1]   -0.01942577 
_atom_sites.fract_transf_matrix[2][2]   0.00247956 
_atom_sites.fract_transf_matrix[2][3]   0.01836737 
_atom_sites.fract_transf_matrix[3][1]   0.00662450 
_atom_sites.fract_transf_matrix[3][2]   0.00542293 
_atom_sites.fract_transf_matrix[3][3]   0.00627414 
_atom_sites.fract_transf_vector[1]      0.382625 
_atom_sites.fract_transf_vector[2]      0.062267 
_atom_sites.fract_transf_vector[3]      0.246247 
_atom_sites.solution_primary            ? 
_atom_sites.solution_secondary          ? 
_atom_sites.solution_hydrogens          ? 
_atom_sites.special_details             ? 
# 
loop_
_atom_type.symbol 
_atom_type.pdbx_scat_Z 
_atom_type.pdbx_N_electrons 
_atom_type.scat_Cromer_Mann_a1 
_atom_type.scat_Cromer_Mann_b1 
_atom_type.scat_Cromer_Mann_a2 
_atom_type.scat_Cromer_Mann_b2 
_atom_type.scat_Cromer_Mann_a3 
_atom_type.scat_Cromer_Mann_b3 
_atom_type.scat_Cromer_Mann_a4 
_atom_type.scat_Cromer_Mann_b4 
_atom_type.scat_Cromer_Mann_c 
C 6  6  2.310  20.844 1.020 10.208 1.589 0.569  0.865 51.651 0.216   
H 1  1  0.493  10.511 0.323 26.126 0.140 3.142  0.041 57.800 0.003   
N 7  7  12.222 0.006  3.135 9.893  2.014 28.997 1.167 0.583  -11.538 
O 8  8  3.049  13.277 2.287 5.701  1.546 0.324  0.867 32.909 0.251   
S 16 16 6.905  1.468  5.203 22.215 1.438 0.254  1.586 56.172 1.049   
# 
loop_
_atom_site.group_PDB 
_atom_site.id 
_atom_site.type_symbol 
_atom_site.label_atom_id 
_atom_site.label_alt_id 
_atom_site.label_comp_id 
_atom_site.label_asym_id 
_atom_site.label_entity_id 
_atom_site.label_seq_id 
_atom_site.pdbx_PDB_ins_code 
_atom_site.Cartn_x 
_atom_site.Cartn_y 
_atom_site.Cartn_z 
_atom_site.occupancy 
_atom_site.B_iso_or_equiv 
_atom_site.pdbx_formal_charge 
_atom_site.auth_seq_id 
_atom_site.auth_comp_id 
_atom_site.auth_asym_id 
_atom_site.auth_atom_id 
_atom_site.pdbx_PDB_model_num 
_atom_site.calc_flag 
ATOM   1    N N   . PRO A 1 4   ? 8.959   16.151  10.663  1.000 27.549 0 1   PRO A N   1 ? 
ATOM   2    C CA  . PRO A 1 4   ? 8.176   15.056  11.190  1.000 21.862 0 1   PRO A CA  1 ? 
ATOM   3    C C   . PRO A 1 4   ? 7.135   14.452  10.230  1.000 16.454 0 1   PRO A C   1 ? 
ATOM   4    O O   . PRO A 1 4   ? 6.515   13.491  10.599  1.000 12.414 0 1   PRO A O   1 ? 
ATOM   5    C CB  . PRO A 1 4   ? 7.527   15.716  12.417  1.000 24.354 0 1   PRO A CB  1 ? 
ATOM   6    C CG  . PRO A 1 4   ? 7.159   17.042  11.913  1.000 27.210 0 1   PRO A CG  1 ? 
ATOM   7    C CD  . PRO A 1 4   ? 8.474   17.423  11.248  1.000 29.986 0 1   PRO A CD  1 ? 
ATOM   8    N N   . LEU A 1 5   ? 6.928   15.051  9.032   1.000 15.278 0 2   LEU A N   1 ? 
ATOM   9    C CA  . LEU A 1 5   ? 5.995   14.529  8.038   1.000 14.527 0 2   LEU A CA  1 ? 
ATOM   10   C C   . LEU A 1 5   ? 6.787   13.967  6.875   1.000 13.472 0 2   LEU A C   1 ? 
ATOM   11   O O   . LEU A 1 5   ? 7.601   14.669  6.301   1.000 16.142 0 2   LEU A O   1 ? 
ATOM   12   C CB  . LEU A 1 5   ? 5.057   15.644  7.533   1.000 13.547 0 2   LEU A CB  1 ? 
ATOM   13   C CG  . LEU A 1 5   ? 4.135   16.246  8.605   1.000 19.359 0 2   LEU A CG  1 ? 
ATOM   14   C CD1 . LEU A 1 5   ? 3.134   17.244  8.045   1.000 17.204 0 2   LEU A CD1 1 ? 
ATOM   15   C CD2 . LEU A 1 5   ? 3.394   15.169  9.358   1.000 24.910 0 2   LEU A CD2 1 ? 
ATOM   16   N N   A LEU A 1 6   ? 6.564   12.696  6.539   0.500 11.123 0 3   LEU A N   1 ? 
ATOM   17   N N   B LEU A 1 6   ? 6.566   12.697  6.548   0.500 11.049 0 3   LEU A N   1 ? 
ATOM   18   C CA  A LEU A 1 6   ? 7.174   12.074  5.369   0.500 11.935 0 3   LEU A CA  1 ? 
ATOM   19   C CA  B LEU A 1 6   ? 7.206   12.075  5.399   0.500 11.775 0 3   LEU A CA  1 ? 
ATOM   20   C C   A LEU A 1 6   ? 6.088   11.742  4.364   0.500 10.998 0 3   LEU A C   1 ? 
ATOM   21   C C   B LEU A 1 6   ? 6.135   11.703  4.392   0.500 10.964 0 3   LEU A C   1 ? 
ATOM   22   O O   A LEU A 1 6   ? 4.965   11.432  4.761   0.500 10.966 0 3   LEU A O   1 ? 
ATOM   23   O O   B LEU A 1 6   ? 4.991   11.440  4.767   0.500 10.969 0 3   LEU A O   1 ? 
ATOM   24   C CB  A LEU A 1 6   ? 7.843   10.767  5.777   0.500 11.703 0 3   LEU A CB  1 ? 
ATOM   25   C CB  B LEU A 1 6   ? 7.941   10.810  5.831   0.500 11.398 0 3   LEU A CB  1 ? 
ATOM   26   C CG  A LEU A 1 6   ? 8.639   10.801  7.076   0.500 13.590 0 3   LEU A CG  1 ? 
ATOM   27   C CG  B LEU A 1 6   ? 9.078   10.977  6.845   0.500 12.564 0 3   LEU A CG  1 ? 
ATOM   28   C CD1 A LEU A 1 6   ? 9.186   9.419   7.402   0.500 12.766 0 3   LEU A CD1 1 ? 
ATOM   29   C CD1 B LEU A 1 6   ? 8.521   11.339  8.222   0.500 12.554 0 3   LEU A CD1 1 ? 
ATOM   30   C CD2 A LEU A 1 6   ? 9.697   11.861  6.952   0.500 13.953 0 3   LEU A CD2 1 ? 
ATOM   31   C CD2 B LEU A 1 6   ? 9.888   9.687   6.914   0.500 13.465 0 3   LEU A CD2 1 ? 
ATOM   32   N N   A SER A 1 7   ? 6.453   11.787  3.086   0.500 10.191 0 4   SER A N   1 ? 
ATOM   33   N N   B SER A 1 7   ? 6.516   11.691  3.126   0.500 10.174 0 4   SER A N   1 ? 
ATOM   34   C CA  A SER A 1 7   ? 5.451   11.582  2.042   0.500 9.566  0 4   SER A CA  1 ? 
ATOM   35   C CA  B SER A 1 7   ? 5.492   11.433  2.125   0.500 9.673  0 4   SER A CA  1 ? 
ATOM   36   C C   A SER A 1 7   ? 6.137   11.087  0.773   0.500 9.955  0 4   SER A C   1 ? 
ATOM   37   C C   B SER A 1 7   ? 6.137   11.071  0.790   0.500 10.027 0 4   SER A C   1 ? 
ATOM   38   O O   A SER A 1 7   ? 7.192   11.589  0.411   0.500 10.991 0 4   SER A O   1 ? 
ATOM   39   O O   B SER A 1 7   ? 7.171   11.612  0.421   0.500 11.067 0 4   SER A O   1 ? 
ATOM   40   C CB  A SER A 1 7   ? 4.648   12.864  1.733   0.500 10.175 0 4   SER A CB  1 ? 
ATOM   41   C CB  B SER A 1 7   ? 4.584   12.628  2.013   0.500 10.457 0 4   SER A CB  1 ? 
ATOM   42   O OG  A SER A 1 7   ? 3.578   12.559  0.824   0.500 10.788 0 4   SER A OG  1 ? 
ATOM   43   O OG  B SER A 1 7   ? 5.281   13.710  1.454   0.500 10.725 0 4   SER A OG  1 ? 
ATOM   44   N N   . ALA A 1 8   ? 5.485   10.151  0.068   1.000 9.124  0 5   ALA A N   1 ? 
ATOM   45   C CA  . ALA A 1 8   ? 5.862   9.773   -1.291  1.000 9.613  0 5   ALA A CA  1 ? 
ATOM   46   C C   . ALA A 1 8   ? 4.552   9.600   -2.052  1.000 8.432  0 5   ALA A C   1 ? 
ATOM   47   O O   . ALA A 1 8   ? 3.541   9.172   -1.474  1.000 10.004 0 5   ALA A O   1 ? 
ATOM   48   C CB  . ALA A 1 8   ? 6.626   8.469   -1.272  1.000 8.709  0 5   ALA A CB  1 ? 
ATOM   49   N N   . SER A 1 9   ? 4.579   9.933   -3.356  1.000 7.364  0 6   SER A N   1 ? 
ATOM   50   C CA  . SER A 1 9   ? 3.383   9.813   -4.150  1.000 7.336  0 6   SER A CA  1 ? 
ATOM   51   C C   . SER A 1 9   ? 3.756   9.430   -5.574  1.000 8.113  0 6   SER A C   1 ? 
ATOM   52   O O   . SER A 1 9   ? 4.896   9.654   -5.987  1.000 7.003  0 6   SER A O   1 ? 
ATOM   53   C CB  . SER A 1 9   ? 2.540   11.089  -4.111  1.000 9.048  0 6   SER A CB  1 ? 
ATOM   54   O OG  . SER A 1 9   ? 3.158   12.134  -4.801  1.000 11.826 0 6   SER A OG  1 ? 
ATOM   55   N N   . ILE A 1 10  ? 2.812   8.757   -6.241  1.000 6.912  0 7   ILE A N   1 ? 
ATOM   56   C CA  . ILE A 1 10  ? 2.927   8.310   -7.610  1.000 6.564  0 7   ILE A CA  1 ? 
ATOM   57   C C   . ILE A 1 10  ? 1.654   8.695   -8.372  1.000 6.666  0 7   ILE A C   1 ? 
ATOM   58   O O   . ILE A 1 10  ? 0.693   9.051   -7.785  1.000 6.913  0 7   ILE A O   1 ? 
ATOM   59   C CB  . ILE A 1 10  ? 3.181   6.803   -7.692  1.000 5.659  0 7   ILE A CB  1 ? 
ATOM   60   C CG1 . ILE A 1 10  ? 2.057   5.966   -7.110  1.000 6.075  0 7   ILE A CG1 1 ? 
ATOM   61   C CG2 . ILE A 1 10  ? 4.492   6.508   -7.000  1.000 6.621  0 7   ILE A CG2 1 ? 
ATOM   62   C CD1 . ILE A 1 10  ? 2.143   4.552   -7.410  1.000 7.534  0 7   ILE A CD1 1 ? 
ATOM   63   N N   . VAL A 1 11  ? 1.686   8.539   -9.709  1.000 6.075  0 8   VAL A N   1 ? 
ATOM   64   C CA  . VAL A 1 11  ? 0.492   8.705   -10.547 1.000 6.975  0 8   VAL A CA  1 ? 
ATOM   65   C C   . VAL A 1 11  ? 0.210   7.500   -11.414 1.000 8.128  0 8   VAL A C   1 ? 
ATOM   66   O O   . VAL A 1 11  ? -0.710  7.514   -12.205 1.000 7.321  0 8   VAL A O   1 ? 
ATOM   67   C CB  . VAL A 1 11  ? 0.594   9.969   -11.434 1.000 8.221  0 8   VAL A CB  1 ? 
ATOM   68   C CG1 . VAL A 1 11  ? 0.594   11.239  -10.569 1.000 7.797  0 8   VAL A CG1 1 ? 
ATOM   69   C CG2 . VAL A 1 11  ? 1.763   9.934   -12.373 1.000 8.292  0 8   VAL A CG2 1 ? 
ATOM   70   N N   . SER A 1 12  ? 1.133   6.505   -11.415 1.000 6.913  0 9   SER A N   1 ? 
ATOM   71   C CA  . SER A 1 12  ? 0.924   5.269   -12.182 1.000 6.474  0 9   SER A CA  1 ? 
ATOM   72   C C   . SER A 1 12  ? 1.900   4.210   -11.680 1.000 6.963  0 9   SER A C   1 ? 
ATOM   73   O O   . SER A 1 12  ? 2.863   4.553   -11.000 1.000 8.532  0 9   SER A O   1 ? 
ATOM   74   C CB  . SER A 1 12  ? 1.058   5.548   -13.658 1.000 6.490  0 9   SER A CB  1 ? 
ATOM   75   O OG  . SER A 1 12  ? 2.414   5.837   -13.953 1.000 7.537  0 9   SER A OG  1 ? 
ATOM   76   N N   . ALA A 1 13  ? 1.671   2.955   -12.125 1.000 6.837  0 10  ALA A N   1 ? 
ATOM   77   C CA  . ALA A 1 13  ? 2.594   1.866   -11.891 1.000 7.150  0 10  ALA A CA  1 ? 
ATOM   78   C C   . ALA A 1 13  ? 2.372   0.855   -13.034 1.000 7.116  0 10  ALA A C   1 ? 
ATOM   79   O O   . ALA A 1 13  ? 1.239   0.678   -13.520 1.000 6.513  0 10  ALA A O   1 ? 
ATOM   80   C CB  . ALA A 1 13  ? 2.377   1.168   -10.575 1.000 8.317  0 10  ALA A CB  1 ? 
ATOM   81   N N   . PRO A 1 14  ? 3.427   0.162   -13.474 1.000 7.472  0 11  PRO A N   1 ? 
ATOM   82   C CA  . PRO A 1 14  ? 3.212   -0.907  -14.440 1.000 7.596  0 11  PRO A CA  1 ? 
ATOM   83   C C   . PRO A 1 14  ? 2.200   -1.918  -13.873 1.000 7.117  0 11  PRO A C   1 ? 
ATOM   84   O O   . PRO A 1 14  ? 2.278   -2.245  -12.728 1.000 6.707  0 11  PRO A O   1 ? 
ATOM   85   C CB  . PRO A 1 14  ? 4.628   -1.519  -14.518 1.000 8.513  0 11  PRO A CB  1 ? 
ATOM   86   C CG  . PRO A 1 14  ? 5.520   -0.380  -14.193 1.000 8.737  0 11  PRO A CG  1 ? 
ATOM   87   C CD  . PRO A 1 14  ? 4.822   0.308   -13.052 1.000 8.155  0 11  PRO A CD  1 ? 
ATOM   88   N N   . VAL A 1 15  ? 1.265   -2.347  -14.724 1.000 7.809  0 12  VAL A N   1 ? 
ATOM   89   C CA  . VAL A 1 15  ? 0.256   -3.341  -14.387 1.000 7.583  0 12  VAL A CA  1 ? 
ATOM   90   C C   . VAL A 1 15  ? 0.935   -4.692  -14.237 1.000 8.115  0 12  VAL A C   1 ? 
ATOM   91   O O   . VAL A 1 15  ? 1.668   -5.138  -15.123 1.000 8.950  0 12  VAL A O   1 ? 
ATOM   92   C CB  . VAL A 1 15  ? -0.845  -3.372  -15.442 1.000 8.792  0 12  VAL A CB  1 ? 
ATOM   93   C CG1 . VAL A 1 15  ? -1.816  -4.503  -15.158 1.000 9.356  0 12  VAL A CG1 1 ? 
ATOM   94   C CG2 . VAL A 1 15  ? -1.584  -2.028  -15.551 1.000 9.485  0 12  VAL A CG2 1 ? 
ATOM   95   N N   . VAL A 1 16  ? 0.639   -5.312  -13.090 1.000 7.387  0 13  VAL A N   1 ? 
ATOM   96   C CA  . VAL A 1 16  ? 1.172   -6.603  -12.761 1.000 7.402  0 13  VAL A CA  1 ? 
ATOM   97   C C   . VAL A 1 16  ? 0.135   -7.466  -12.065 1.000 7.842  0 13  VAL A C   1 ? 
ATOM   98   O O   . VAL A 1 16  ? -0.848  -6.955  -11.567 1.000 7.196  0 13  VAL A O   1 ? 
ATOM   99   C CB  . VAL A 1 16  ? 2.454   -6.491  -11.922 1.000 7.025  0 13  VAL A CB  1 ? 
ATOM   100  C CG1 . VAL A 1 16  ? 3.555   -5.702  -12.653 1.000 7.438  0 13  VAL A CG1 1 ? 
ATOM   101  C CG2 . VAL A 1 16  ? 2.180   -5.812  -10.589 1.000 7.854  0 13  VAL A CG2 1 ? 
ATOM   102  N N   . THR A 1 17  ? 0.442   -8.774  -12.029 0.990 7.761  0 14  THR A N   1 ? 
ATOM   103  C CA  . THR A 1 17  ? -0.198  -9.710  -11.099 0.990 8.532  0 14  THR A CA  1 ? 
ATOM   104  C C   . THR A 1 17  ? 0.833   -10.188 -10.090 0.990 8.660  0 14  THR A C   1 ? 
ATOM   105  O O   . THR A 1 17  ? 2.035   -10.090 -10.333 0.990 9.426  0 14  THR A O   1 ? 
ATOM   106  C CB  . THR A 1 17  ? -0.820  -10.880 -11.839 0.990 9.029  0 14  THR A CB  1 ? 
ATOM   107  O OG1 . THR A 1 17  ? 0.242   -11.699 -12.344 0.990 11.627 0 14  THR A OG1 1 ? 
ATOM   108  C CG2 . THR A 1 17  ? -1.705  -10.429 -12.979 0.990 8.429  0 14  THR A CG2 1 ? 
ATOM   109  N N   . SER A 1 18  ? 0.401   -10.663 -8.922  1.000 8.878  0 15  SER A N   1 ? 
ATOM   110  C CA  . SER A 1 18  ? 1.321   -11.244 -7.969  1.000 8.456  0 15  SER A CA  1 ? 
ATOM   111  C C   . SER A 1 18  ? 0.546   -12.109 -6.983  1.000 10.649 0 15  SER A C   1 ? 
ATOM   112  O O   . SER A 1 18  ? -0.495  -11.692 -6.475  1.000 7.771  0 15  SER A O   1 ? 
ATOM   113  C CB  . SER A 1 18  ? 2.048   -10.232 -7.250  1.000 9.178  0 15  SER A CB  1 ? 
ATOM   114  O OG  . SER A 1 18  ? 3.072   -10.810 -6.465  1.000 11.412 0 15  SER A OG  1 ? 
ATOM   115  N N   A GLU A 1 19  ? 1.077   -13.303 -6.688  0.500 11.212 0 16  GLU A N   1 ? 
ATOM   116  N N   B GLU A 1 19  ? 1.079   -13.305 -6.692  0.500 11.431 0 16  GLU A N   1 ? 
ATOM   117  C CA  A GLU A 1 19  ? 0.497   -14.103 -5.609  0.500 11.700 0 16  GLU A CA  1 ? 
ATOM   118  C CA  B GLU A 1 19  ? 0.507   -14.117 -5.617  0.500 12.105 0 16  GLU A CA  1 ? 
ATOM   119  C C   A GLU A 1 19  ? 1.086   -13.751 -4.256  0.500 11.045 0 16  GLU A C   1 ? 
ATOM   120  C C   B GLU A 1 19  ? 1.085   -13.752 -4.260  0.500 11.230 0 16  GLU A C   1 ? 
ATOM   121  O O   A GLU A 1 19  ? 0.626   -14.272 -3.234  0.500 11.582 0 16  GLU A O   1 ? 
ATOM   122  O O   B GLU A 1 19  ? 0.623   -14.272 -3.237  0.500 11.709 0 16  GLU A O   1 ? 
ATOM   123  C CB  A GLU A 1 19  ? 0.716   -15.603 -5.846  0.500 13.032 0 16  GLU A CB  1 ? 
ATOM   124  C CB  B GLU A 1 19  ? 0.765   -15.613 -5.849  0.500 13.802 0 16  GLU A CB  1 ? 
ATOM   125  C CG  A GLU A 1 19  ? -0.232  -16.184 -6.869  0.500 16.102 0 16  GLU A CG  1 ? 
ATOM   126  C CG  B GLU A 1 19  ? 0.081   -16.158 -7.087  0.500 17.369 0 16  GLU A CG  1 ? 
ATOM   127  C CD  A GLU A 1 19  ? 0.012   -17.659 -7.139  0.500 18.303 0 16  GLU A CD  1 ? 
ATOM   128  C CD  B GLU A 1 19  ? -1.431  -16.261 -6.978  0.500 20.149 0 16  GLU A CD  1 ? 
ATOM   129  O OE1 A GLU A 1 19  ? 0.435   -17.969 -8.300  0.500 21.862 0 16  GLU A OE1 1 ? 
ATOM   130  O OE1 B GLU A 1 19  ? -1.890  -17.112 -6.154  0.500 26.182 0 16  GLU A OE1 1 ? 
ATOM   131  O OE2 A GLU A 1 19  ? -0.204  -18.494 -6.202  0.500 25.655 0 16  GLU A OE2 1 ? 
ATOM   132  O OE2 B GLU A 1 19  ? -2.144  -15.504 -7.675  0.500 25.315 0 16  GLU A OE2 1 ? 
ATOM   133  N N   . THR A 1 20  ? 2.122   -12.902 -4.231  1.000 9.835  0 17  THR A N   1 ? 
ATOM   134  C CA  . THR A 1 20  ? 2.800   -12.470 -3.040  1.000 11.145 0 17  THR A CA  1 ? 
ATOM   135  C C   . THR A 1 20  ? 2.773   -10.963 -2.981  1.000 9.007  0 17  THR A C   1 ? 
ATOM   136  O O   . THR A 1 20  ? 2.585   -10.313 -4.005  1.000 10.905 0 17  THR A O   1 ? 
ATOM   137  C CB  . THR A 1 20  ? 4.273   -12.924 -3.027  1.000 14.902 0 17  THR A CB  1 ? 
ATOM   138  O OG1 . THR A 1 20  ? 4.826   -12.486 -4.250  1.000 20.107 0 17  THR A OG1 1 ? 
ATOM   139  C CG2 . THR A 1 20  ? 4.293   -14.413 -2.851  1.000 19.357 0 17  THR A CG2 1 ? 
ATOM   140  N N   . TYR A 1 21  ? 2.893   -10.380 -1.792  1.000 7.765  0 18  TYR A N   1 ? 
ATOM   141  C CA  . TYR A 1 21  ? 3.058   -8.949  -1.715  1.000 7.107  0 18  TYR A CA  1 ? 
ATOM   142  C C   . TYR A 1 21  ? 4.332   -8.464  -2.413  1.000 7.408  0 18  TYR A C   1 ? 
ATOM   143  O O   . TYR A 1 21  ? 5.418   -8.959  -2.112  1.000 9.546  0 18  TYR A O   1 ? 
ATOM   144  C CB  . TYR A 1 21  ? 3.030   -8.433  -0.289  1.000 7.339  0 18  TYR A CB  1 ? 
ATOM   145  C CG  . TYR A 1 21  ? 1.677   -8.375  0.346   1.000 7.349  0 18  TYR A CG  1 ? 
ATOM   146  C CD1 . TYR A 1 21  ? 0.681   -7.571  -0.162  1.000 7.188  0 18  TYR A CD1 1 ? 
ATOM   147  C CD2 . TYR A 1 21  ? 1.351   -9.157  1.450   1.000 7.404  0 18  TYR A CD2 1 ? 
ATOM   148  C CE1 . TYR A 1 21  ? -0.608  -7.558  0.349   1.000 7.079  0 18  TYR A CE1 1 ? 
ATOM   149  C CE2 . TYR A 1 21  ? 0.054   -9.147  1.979   1.000 8.539  0 18  TYR A CE2 1 ? 
ATOM   150  C CZ  . TYR A 1 21  ? -0.921  -8.332  1.415   1.000 7.938  0 18  TYR A CZ  1 ? 
ATOM   151  O OH  . TYR A 1 21  ? -2.194  -8.369  1.965   1.000 8.850  0 18  TYR A OH  1 ? 
ATOM   152  N N   . VAL A 1 22  ? 4.149   -7.472  -3.291  1.000 7.704  0 19  VAL A N   1 ? 
ATOM   153  C CA  . VAL A 1 22  ? 5.294   -6.937  -4.018  1.000 6.691  0 19  VAL A CA  1 ? 
ATOM   154  C C   . VAL A 1 22  ? 5.186   -5.413  -3.907  1.000 6.593  0 19  VAL A C   1 ? 
ATOM   155  O O   . VAL A 1 22  ? 4.073   -4.836  -3.888  1.000 7.011  0 19  VAL A O   1 ? 
ATOM   156  C CB  . VAL A 1 22  ? 5.341   -7.425  -5.471  1.000 7.472  0 19  VAL A CB  1 ? 
ATOM   157  C CG1 . VAL A 1 22  ? 4.137   -6.953  -6.325  1.000 7.979  0 19  VAL A CG1 1 ? 
ATOM   158  C CG2 . VAL A 1 22  ? 6.665   -7.041  -6.154  1.000 8.416  0 19  VAL A CG2 1 ? 
ATOM   159  N N   . ASP A 1 23  ? 6.349   -4.785  -3.899  1.000 6.415  0 20  ASP A N   1 ? 
ATOM   160  C CA  . ASP A 1 23  ? 6.423   -3.347  -3.718  1.000 6.717  0 20  ASP A CA  1 ? 
ATOM   161  C C   . ASP A 1 23  ? 5.580   -2.650  -4.799  1.000 5.894  0 20  ASP A C   1 ? 
ATOM   162  O O   . ASP A 1 23  ? 5.630   -2.976  -5.980  1.000 6.173  0 20  ASP A O   1 ? 
ATOM   163  C CB  . ASP A 1 23  ? 7.890   -2.871  -3.896  1.000 8.029  0 20  ASP A CB  1 ? 
ATOM   164  C CG  . ASP A 1 23  ? 8.806   -3.409  -2.823  1.000 9.544  0 20  ASP A CG  1 ? 
ATOM   165  O OD1 . ASP A 1 23  ? 8.314   -3.899  -1.796  1.000 10.699 0 20  ASP A OD1 1 ? 
ATOM   166  O OD2 . ASP A 1 23  ? 10.042  -3.203  -2.991  1.000 12.594 0 20  ASP A OD2 1 ? 
ATOM   167  N N   . ILE A 1 24  ? 4.902   -1.558  -4.430  1.000 6.075  0 21  ILE A N   1 ? 
ATOM   168  C CA  . ILE A 1 24  ? 4.310   -0.636  -5.372  1.000 6.779  0 21  ILE A CA  1 ? 
ATOM   169  C C   . ILE A 1 24  ? 5.408   0.377   -5.653  1.000 6.833  0 21  ILE A C   1 ? 
ATOM   170  O O   . ILE A 1 24  ? 5.814   1.124   -4.763  1.000 6.672  0 21  ILE A O   1 ? 
ATOM   171  C CB  . ILE A 1 24  ? 3.055   0.031   -4.821  1.000 6.621  0 21  ILE A CB  1 ? 
ATOM   172  C CG1 . ILE A 1 24  ? 1.961   -1.004  -4.461  1.000 6.645  0 21  ILE A CG1 1 ? 
ATOM   173  C CG2 . ILE A 1 24  ? 2.525   1.088   -5.825  1.000 7.486  0 21  ILE A CG2 1 ? 
ATOM   174  C CD1 . ILE A 1 24  ? 0.789   -0.448  -3.660  1.000 6.968  0 21  ILE A CD1 1 ? 
ATOM   175  N N   . PRO A 1 25  ? 5.962   0.409   -6.846  1.000 7.842  0 22  PRO A N   1 ? 
ATOM   176  C CA  . PRO A 1 25  ? 7.111   1.285   -7.122  1.000 7.815  0 22  PRO A CA  1 ? 
ATOM   177  C C   . PRO A 1 25  ? 6.773   2.732   -6.784  1.000 7.098  0 22  PRO A C   1 ? 
ATOM   178  O O   . PRO A 1 25  ? 5.735   3.227   -7.165  1.000 7.571  0 22  PRO A O   1 ? 
ATOM   179  C CB  . PRO A 1 25  ? 7.383   1.166   -8.612  1.000 9.228  0 22  PRO A CB  1 ? 
ATOM   180  C CG  . PRO A 1 25  ? 6.583   0.016   -9.034  1.000 12.015 0 22  PRO A CG  1 ? 
ATOM   181  C CD  . PRO A 1 25  ? 5.515   -0.349  -8.035  1.000 9.174  0 22  PRO A CD  1 ? 
ATOM   182  N N   . GLY A 1 26  ? 7.691   3.376   -6.070  1.000 8.474  0 23  GLY A N   1 ? 
ATOM   183  C CA  . GLY A 1 26  ? 7.582   4.783   -5.733  1.000 7.626  0 23  GLY A CA  1 ? 
ATOM   184  C C   . GLY A 1 26  ? 6.957   5.006   -4.387  1.000 8.336  0 23  GLY A C   1 ? 
ATOM   185  O O   . GLY A 1 26  ? 7.092   6.110   -3.867  1.000 8.612  0 23  GLY A O   1 ? 
ATOM   186  N N   . LEU A 1 27  ? 6.245   4.008   -3.815  1.000 7.688  0 24  LEU A N   1 ? 
ATOM   187  C CA  . LEU A 1 27  ? 5.651   4.234   -2.513  1.000 6.796  0 24  LEU A CA  1 ? 
ATOM   188  C C   . LEU A 1 27  ? 6.593   3.690   -1.479  1.000 7.376  0 24  LEU A C   1 ? 
ATOM   189  O O   . LEU A 1 27  ? 6.452   2.548   -1.070  1.000 9.235  0 24  LEU A O   1 ? 
ATOM   190  C CB  . LEU A 1 27  ? 4.285   3.547   -2.496  1.000 5.858  0 24  LEU A CB  1 ? 
ATOM   191  C CG  . LEU A 1 27  ? 3.250   4.227   -3.438  1.000 6.777  0 24  LEU A CG  1 ? 
ATOM   192  C CD1 . LEU A 1 27  ? 1.873   3.634   -3.261  1.000 7.495  0 24  LEU A CD1 1 ? 
ATOM   193  C CD2 . LEU A 1 27  ? 3.151   5.720   -3.213  1.000 6.528  0 24  LEU A CD2 1 ? 
ATOM   194  N N   . TYR A 1 28  ? 7.556   4.525   -1.159  1.000 7.949  0 25  TYR A N   1 ? 
ATOM   195  C CA  . TYR A 1 28  ? 8.678   4.170   -0.324  1.000 9.315  0 25  TYR A CA  1 ? 
ATOM   196  C C   . TYR A 1 28  ? 9.079   5.396   0.493   1.000 9.778  0 25  TYR A C   1 ? 
ATOM   197  O O   . TYR A 1 28  ? 9.227   6.485   -0.077  1.000 9.089  0 25  TYR A O   1 ? 
ATOM   198  C CB  . TYR A 1 28  ? 9.839   3.680   -1.216  1.000 10.689 0 25  TYR A CB  1 ? 
ATOM   199  C CG  . TYR A 1 28  ? 11.140  3.409   -0.534  1.000 14.053 0 25  TYR A CG  1 ? 
ATOM   200  C CD1 . TYR A 1 28  ? 12.071  4.401   -0.347  1.000 19.394 0 25  TYR A CD1 1 ? 
ATOM   201  C CD2 . TYR A 1 28  ? 11.344  2.183   0.048   1.000 17.707 0 25  TYR A CD2 1 ? 
ATOM   202  C CE1 . TYR A 1 28  ? 13.261  4.091   0.286   1.000 21.709 0 25  TYR A CE1 1 ? 
ATOM   203  C CE2 . TYR A 1 28  ? 12.534  1.843   0.653   1.000 19.203 0 25  TYR A CE2 1 ? 
ATOM   204  C CZ  . TYR A 1 28  ? 13.464  2.826   0.790   1.000 21.018 0 25  TYR A CZ  1 ? 
ATOM   205  O OH  . TYR A 1 28  ? 14.605  2.434   1.474   1.000 31.952 0 25  TYR A OH  1 ? 
ATOM   206  N N   . LEU A 1 29  ? 9.295   5.165   1.804   1.000 9.934  0 26  LEU A N   1 ? 
ATOM   207  C CA  . LEU A 1 29  ? 9.766   6.194   2.721   1.000 9.658  0 26  LEU A CA  1 ? 
ATOM   208  C C   . LEU A 1 29  ? 11.029  5.631   3.343   1.000 10.027 0 26  LEU A C   1 ? 
ATOM   209  O O   . LEU A 1 29  ? 10.977  4.605   4.021   1.000 10.819 0 26  LEU A O   1 ? 
ATOM   210  C CB  . LEU A 1 29  ? 8.752   6.493   3.808   1.000 10.135 0 26  LEU A CB  1 ? 
ATOM   211  C CG  . LEU A 1 29  ? 7.375   6.923   3.313   1.000 13.637 0 26  LEU A CG  1 ? 
ATOM   212  C CD1 . LEU A 1 29  ? 6.447   7.134   4.465   1.000 13.528 0 26  LEU A CD1 1 ? 
ATOM   213  C CD2 . LEU A 1 29  ? 7.417   8.164   2.455   1.000 16.759 0 26  LEU A CD2 1 ? 
ATOM   214  N N   . ASP A 1 30  ? 12.134  6.389   3.198   1.000 13.782 0 27  ASP A N   1 ? 
ATOM   215  C CA  . ASP A 1 30  ? 13.397  6.002   3.853   1.000 15.145 0 27  ASP A CA  1 ? 
ATOM   216  C C   . ASP A 1 30  ? 13.530  6.644   5.240   1.000 15.054 0 27  ASP A C   1 ? 
ATOM   217  O O   . ASP A 1 30  ? 13.867  7.828   5.344   1.000 18.940 0 27  ASP A O   1 ? 
ATOM   218  C CB  . ASP A 1 30  ? 14.585  6.327   2.934   1.000 18.092 0 27  ASP A CB  1 ? 
ATOM   219  C CG  . ASP A 1 30  ? 15.921  5.783   3.423   1.000 19.363 0 27  ASP A CG  1 ? 
ATOM   220  O OD1 . ASP A 1 30  ? 16.058  5.365   4.654   1.000 17.752 0 27  ASP A OD1 1 ? 
ATOM   221  O OD2 . ASP A 1 30  ? 16.811  5.669   2.568   1.000 25.002 0 27  ASP A OD2 1 ? 
ATOM   222  N N   . VAL A 1 31  ? 13.225  5.903   6.309   1.000 11.700 0 28  VAL A N   1 ? 
ATOM   223  C CA  . VAL A 1 31  ? 13.170  6.334   7.691   1.000 11.252 0 28  VAL A CA  1 ? 
ATOM   224  C C   . VAL A 1 31  ? 14.592  6.535   8.226   1.000 11.710 0 28  VAL A C   1 ? 
ATOM   225  O O   . VAL A 1 31  ? 14.841  7.559   8.846   1.000 12.449 0 28  VAL A O   1 ? 
ATOM   226  C CB  . VAL A 1 31  ? 12.366  5.321   8.530   1.000 12.410 0 28  VAL A CB  1 ? 
ATOM   227  C CG1 . VAL A 1 31  ? 12.311  5.702   9.991   1.000 17.666 0 28  VAL A CG1 1 ? 
ATOM   228  C CG2 . VAL A 1 31  ? 10.937  5.220   8.001   1.000 14.980 0 28  VAL A CG2 1 ? 
ATOM   229  N N   . ALA A 1 32  ? 15.455  5.600   7.880   1.000 13.287 0 29  ALA A N   1 ? 
ATOM   230  C CA  . ALA A 1 32  ? 16.823  5.671   8.423   1.000 14.632 0 29  ALA A CA  1 ? 
ATOM   231  C C   . ALA A 1 32  ? 17.511  6.911   7.861   1.000 12.605 0 29  ALA A C   1 ? 
ATOM   232  O O   . ALA A 1 32  ? 18.279  7.580   8.559   1.000 12.733 0 29  ALA A O   1 ? 
ATOM   233  C CB  . ALA A 1 32  ? 17.567  4.447   8.037   1.000 16.167 0 29  ALA A CB  1 ? 
ATOM   234  N N   . LYS A 1 33  ? 17.314  7.128   6.576   1.000 14.290 0 30  LYS A N   1 ? 
ATOM   235  C CA  . LYS A 1 33  ? 17.934  8.264   5.886   1.000 17.799 0 30  LYS A CA  1 ? 
ATOM   236  C C   . LYS A 1 33  ? 17.484  9.580   6.493   1.000 19.364 0 30  LYS A C   1 ? 
ATOM   237  O O   . LYS A 1 33  ? 18.272  10.533  6.515   1.000 21.806 0 30  LYS A O   1 ? 
ATOM   238  C CB  . LYS A 1 33  ? 17.631  8.272   4.383   1.000 18.929 0 30  LYS A CB  1 ? 
ATOM   239  N N   . ALA A 1 34  ? 16.260  9.660   7.056   1.000 18.475 0 31  ALA A N   1 ? 
ATOM   240  C CA  . ALA A 1 34  ? 15.762  10.821  7.779   1.000 21.843 0 31  ALA A CA  1 ? 
ATOM   241  C C   . ALA A 1 34  ? 16.266  10.888  9.222   1.000 21.524 0 31  ALA A C   1 ? 
ATOM   242  O O   . ALA A 1 34  ? 15.885  11.774  9.991   1.000 26.639 0 31  ALA A O   1 ? 
ATOM   243  C CB  . ALA A 1 34  ? 14.251  10.813  7.755   1.000 27.872 0 31  ALA A CB  1 ? 
ATOM   244  N N   . GLY A 1 35  ? 17.151  9.979   9.653   1.000 20.966 0 32  GLY A N   1 ? 
ATOM   245  C CA  . GLY A 1 35  ? 17.682  10.031  11.005  1.000 21.647 0 32  GLY A CA  1 ? 
ATOM   246  C C   . GLY A 1 35  ? 16.688  9.671   12.105  1.000 23.905 0 32  GLY A C   1 ? 
ATOM   247  O O   . GLY A 1 35  ? 16.885  9.974   13.289  1.000 25.847 0 32  GLY A O   1 ? 
ATOM   248  N N   . ILE A 1 36  ? 15.640  8.955   11.725  1.000 20.100 0 33  ILE A N   1 ? 
ATOM   249  C CA  . ILE A 1 36  ? 14.629  8.519   12.670  1.000 20.001 0 33  ILE A CA  1 ? 
ATOM   250  C C   . ILE A 1 36  ? 14.967  7.096   13.098  1.000 18.579 0 33  ILE A C   1 ? 
ATOM   251  O O   . ILE A 1 36  ? 14.934  6.171   12.308  1.000 19.208 0 33  ILE A O   1 ? 
ATOM   252  C CB  . ILE A 1 36  ? 13.221  8.661   12.047  1.000 16.849 0 33  ILE A CB  1 ? 
ATOM   253  C CG1 . ILE A 1 36  ? 12.907  10.136  11.843  1.000 18.292 0 33  ILE A CG1 1 ? 
ATOM   254  C CG2 . ILE A 1 36  ? 12.184  7.902   12.869  1.000 17.822 0 33  ILE A CG2 1 ? 
ATOM   255  C CD1 . ILE A 1 36  ? 11.672  10.415  10.982  1.000 22.638 0 33  ILE A CD1 1 ? 
ATOM   256  N N   . ARG A 1 37  ? 15.281  6.914   14.389  1.000 19.588 0 34  ARG A N   1 ? 
ATOM   257  C CA  . ARG A 1 37  ? 15.698  5.602   14.836  1.000 20.902 0 34  ARG A CA  1 ? 
ATOM   258  C C   . ARG A 1 37  ? 14.874  5.114   16.036  1.000 22.973 0 34  ARG A C   1 ? 
ATOM   259  O O   . ARG A 1 37  ? 15.047  3.974   16.492  1.000 26.690 0 34  ARG A O   1 ? 
ATOM   260  C CB  . ARG A 1 37  ? 17.205  5.617   15.176  1.000 24.716 0 34  ARG A CB  1 ? 
ATOM   261  N N   . ASP A 1 38  ? 13.955  5.942   16.552  1.000 21.154 0 35  ASP A N   1 ? 
ATOM   262  C CA  . ASP A 1 38  ? 13.088  5.456   17.609  1.000 20.700 0 35  ASP A CA  1 ? 
ATOM   263  C C   . ASP A 1 38  ? 11.795  6.273   17.558  1.000 19.166 0 35  ASP A C   1 ? 
ATOM   264  O O   . ASP A 1 38  ? 11.595  7.061   16.613  1.000 18.939 0 35  ASP A O   1 ? 
ATOM   265  C CB  . ASP A 1 38  ? 13.848  5.553   18.929  1.000 25.242 0 35  ASP A CB  1 ? 
ATOM   266  C CG  . ASP A 1 38  ? 14.106  6.972   19.347  1.000 26.765 0 35  ASP A CG  1 ? 
ATOM   267  O OD1 . ASP A 1 38  ? 13.794  7.912   18.575  1.000 31.775 0 35  ASP A OD1 1 ? 
ATOM   268  O OD2 . ASP A 1 38  ? 14.533  7.122   20.498  1.000 41.853 0 35  ASP A OD2 1 ? 
ATOM   269  N N   . GLY A 1 39  ? 10.895  5.982   18.487  1.000 17.466 0 36  GLY A N   1 ? 
ATOM   270  C CA  . GLY A 1 39  ? 9.587   6.578   18.491  1.000 16.338 0 36  GLY A CA  1 ? 
ATOM   271  C C   . GLY A 1 39  ? 8.640   5.761   17.616  1.000 14.570 0 36  GLY A C   1 ? 
ATOM   272  O O   . GLY A 1 39  ? 8.890   4.551   17.409  1.000 13.083 0 36  GLY A O   1 ? 
ATOM   273  N N   . LYS A 1 40  ? 7.559   6.451   17.218  1.000 12.847 0 37  LYS A N   1 ? 
ATOM   274  C CA  . LYS A 1 40  ? 6.482   5.795   16.490  1.000 13.796 0 37  LYS A CA  1 ? 
ATOM   275  C C   . LYS A 1 40  ? 6.213   6.562   15.186  1.000 11.844 0 37  LYS A C   1 ? 
ATOM   276  O O   . LYS A 1 40  ? 6.370   7.763   15.104  1.000 13.128 0 37  LYS A O   1 ? 
ATOM   277  C CB  . LYS A 1 40  ? 5.234   5.781   17.382  1.000 15.487 0 37  LYS A CB  1 ? 
ATOM   278  C CG  . LYS A 1 40  ? 5.223   4.655   18.410  1.000 17.933 0 37  LYS A CG  1 ? 
ATOM   279  C CD  . LYS A 1 40  ? 4.147   4.735   19.404  0.500 20.736 0 37  LYS A CD  1 ? 
ATOM   280  C CE  . LYS A 1 40  ? 4.515   3.947   20.646  0.500 22.608 0 37  LYS A CE  1 ? 
ATOM   281  N NZ  . LYS A 1 40  ? 5.225   2.696   20.292  0.500 24.888 0 37  LYS A NZ  1 ? 
ATOM   282  N N   . LEU A 1 41  ? 5.780   5.820   14.165  1.000 10.830 0 38  LEU A N   1 ? 
ATOM   283  C CA  . LEU A 1 41  ? 5.350   6.399   12.917  1.000 10.750 0 38  LEU A CA  1 ? 
ATOM   284  C C   . LEU A 1 41  ? 3.899   5.998   12.729  1.000 9.436  0 38  LEU A C   1 ? 
ATOM   285  O O   . LEU A 1 41  ? 3.595   4.800   12.757  1.000 12.625 0 38  LEU A O   1 ? 
ATOM   286  C CB  . LEU A 1 41  ? 6.127   5.834   11.730  1.000 11.060 0 38  LEU A CB  1 ? 
ATOM   287  C CG  . LEU A 1 41  ? 7.549   6.300   11.547  1.000 13.720 0 38  LEU A CG  1 ? 
ATOM   288  C CD1 . LEU A 1 41  ? 8.170   5.426   10.454  1.000 15.773 0 38  LEU A CD1 1 ? 
ATOM   289  C CD2 . LEU A 1 41  ? 7.541   7.788   11.176  1.000 14.331 0 38  LEU A CD2 1 ? 
ATOM   290  N N   . GLN A 1 42  ? 3.019   6.954   12.448  1.000 8.853  0 39  GLN A N   1 ? 
ATOM   291  C CA  . GLN A 1 42  ? 1.645   6.655   12.022  1.000 8.977  0 39  GLN A CA  1 ? 
ATOM   292  C C   . GLN A 1 42  ? 1.707   6.721   10.491  1.000 8.750  0 39  GLN A C   1 ? 
ATOM   293  O O   . GLN A 1 42  ? 2.039   7.761   9.958   1.000 8.328  0 39  GLN A O   1 ? 
ATOM   294  C CB  . GLN A 1 42  ? 0.625   7.694   12.487  1.000 10.240 0 39  GLN A CB  1 ? 
ATOM   295  C CG  . GLN A 1 42  ? -0.770  7.359   11.984  1.000 10.983 0 39  GLN A CG  1 ? 
ATOM   296  C CD  . GLN A 1 42  ? -1.765  8.488   12.100  1.000 16.899 0 39  GLN A CD  1 ? 
ATOM   297  O OE1 . GLN A 1 42  ? -2.512  8.599   13.046  1.000 20.197 0 39  GLN A OE1 1 ? 
ATOM   298  N NE2 . GLN A 1 42  ? -1.734  9.370   11.137  1.000 13.377 0 39  GLN A NE2 1 ? 
ATOM   299  N N   . VAL A 1 43  ? 1.471   5.584   9.865   1.000 8.328  0 40  VAL A N   1 ? 
ATOM   300  C CA  . VAL A 1 43  ? 1.639   5.449   8.414   1.000 8.963  0 40  VAL A CA  1 ? 
ATOM   301  C C   . VAL A 1 43  ? 0.243   5.341   7.791   1.000 7.648  0 40  VAL A C   1 ? 
ATOM   302  O O   . VAL A 1 43  ? -0.550  4.510   8.153   1.000 6.929  0 40  VAL A O   1 ? 
ATOM   303  C CB  . VAL A 1 43  ? 2.473   4.208   8.086   1.000 7.700  0 40  VAL A CB  1 ? 
ATOM   304  C CG1 . VAL A 1 43  ? 2.652   4.047   6.576   1.000 7.786  0 40  VAL A CG1 1 ? 
ATOM   305  C CG2 . VAL A 1 43  ? 3.848   4.253   8.707   1.000 10.163 0 40  VAL A CG2 1 ? 
ATOM   306  N N   . ILE A 1 44  ? 0.076   6.069   6.668   1.000 7.344  0 41  ILE A N   1 ? 
ATOM   307  C CA  . ILE A 1 44  ? -1.158  5.979   5.868   1.000 7.120  0 41  ILE A CA  1 ? 
ATOM   308  C C   . ILE A 1 44  ? -0.780  5.580   4.431   1.000 6.094  0 41  ILE A C   1 ? 
ATOM   309  O O   . ILE A 1 44  ? -0.041  6.355   3.751   1.000 5.969  0 41  ILE A O   1 ? 
ATOM   310  C CB  . ILE A 1 44  ? -1.957  7.286   5.877   1.000 6.853  0 41  ILE A CB  1 ? 
ATOM   311  C CG1 . ILE A 1 44  ? -2.320  7.764   7.292   1.000 7.551  0 41  ILE A CG1 1 ? 
ATOM   312  C CG2 . ILE A 1 44  ? -3.177  7.072   5.007   1.000 7.454  0 41  ILE A CG2 1 ? 
ATOM   313  C CD1 . ILE A 1 44  ? -2.972  9.087   7.374   1.000 7.916  0 41  ILE A CD1 1 ? 
ATOM   314  N N   . LEU A 1 45  ? -1.306  4.440   3.990   1.000 6.136  0 42  LEU A N   1 ? 
ATOM   315  C CA  . LEU A 1 45  ? -1.249  4.084   2.564   1.000 6.684  0 42  LEU A CA  1 ? 
ATOM   316  C C   . LEU A 1 45  ? -2.563  4.485   1.924   1.000 6.094  0 42  LEU A C   1 ? 
ATOM   317  O O   . LEU A 1 45  ? -3.599  3.978   2.357   1.000 6.501  0 42  LEU A O   1 ? 
ATOM   318  C CB  . LEU A 1 45  ? -0.994  2.587   2.409   1.000 5.802  0 42  LEU A CB  1 ? 
ATOM   319  C CG  . LEU A 1 45  ? -1.079  2.056   0.970   1.000 6.308  0 42  LEU A CG  1 ? 
ATOM   320  C CD1 . LEU A 1 45  ? -0.030  2.691   0.044   1.000 5.938  0 42  LEU A CD1 1 ? 
ATOM   321  C CD2 . LEU A 1 45  ? -0.866  0.550   0.952   1.000 7.036  0 42  LEU A CD2 1 ? 
ATOM   322  N N   . ASN A 1 46  ? -2.528  5.358   0.934   1.000 5.278  0 43  ASN A N   1 ? 
ATOM   323  C CA  . ASN A 1 46  ? -3.732  5.890   0.337   1.000 5.845  0 43  ASN A CA  1 ? 
ATOM   324  C C   . ASN A 1 46  ? -3.702  5.603   -1.153  1.000 5.871  0 43  ASN A C   1 ? 
ATOM   325  O O   . ASN A 1 46  ? -2.851  6.156   -1.869  1.000 5.842  0 43  ASN A O   1 ? 
ATOM   326  C CB  . ASN A 1 46  ? -3.876  7.400   0.572   1.000 5.932  0 43  ASN A CB  1 ? 
ATOM   327  C CG  . ASN A 1 46  ? -5.074  8.020   -0.086  1.000 7.104  0 43  ASN A CG  1 ? 
ATOM   328  O OD1 . ASN A 1 46  ? -4.958  9.037   -0.739  1.000 7.121  0 43  ASN A OD1 1 ? 
ATOM   329  N ND2 . ASN A 1 46  ? -6.268  7.471   0.184   1.000 7.367  0 43  ASN A ND2 1 ? 
ATOM   330  N N   . VAL A 1 47  ? -4.602  4.704   -1.599  1.000 5.355  0 44  VAL A N   1 ? 
ATOM   331  C CA  . VAL A 1 47  ? -4.745  4.299   -2.991  1.000 5.441  0 44  VAL A CA  1 ? 
ATOM   332  C C   . VAL A 1 47  ? -6.183  4.627   -3.321  1.000 5.326  0 44  VAL A C   1 ? 
ATOM   333  O O   . VAL A 1 47  ? -7.085  3.748   -3.213  1.000 5.469  0 44  VAL A O   1 ? 
ATOM   334  C CB  . VAL A 1 47  ? -4.297  2.850   -3.297  1.000 5.266  0 44  VAL A CB  1 ? 
ATOM   335  C CG1 . VAL A 1 47  ? -4.292  2.618   -4.761  1.000 5.399  0 44  VAL A CG1 1 ? 
ATOM   336  C CG2 . VAL A 1 47  ? -2.954  2.492   -2.640  1.000 6.038  0 44  VAL A CG2 1 ? 
ATOM   337  N N   . PRO A 1 48  ? -6.484  5.875   -3.664  1.000 6.204  0 45  PRO A N   1 ? 
ATOM   338  C CA  . PRO A 1 48  ? -7.898  6.321   -3.768  1.000 5.920  0 45  PRO A CA  1 ? 
ATOM   339  C C   . PRO A 1 48  ? -8.622  5.877   -5.014  1.000 6.025  0 45  PRO A C   1 ? 
ATOM   340  O O   . PRO A 1 48  ? -9.831  5.882   -5.002  1.000 5.775  0 45  PRO A O   1 ? 
ATOM   341  C CB  . PRO A 1 48  ? -7.808  7.859   -3.670  1.000 6.050  0 45  PRO A CB  1 ? 
ATOM   342  C CG  . PRO A 1 48  ? -6.422  8.191   -4.150  1.000 6.310  0 45  PRO A CG  1 ? 
ATOM   343  C CD  . PRO A 1 48  ? -5.548  7.027   -3.752  1.000 6.199  0 45  PRO A CD  1 ? 
ATOM   344  N N   . THR A 1 49  ? -7.896  5.397   -6.028  1.000 5.548  0 46  THR A N   1 ? 
ATOM   345  C CA  . THR A 1 49  ? -8.520  5.156   -7.338  1.000 6.032  0 46  THR A CA  1 ? 
ATOM   346  C C   . THR A 1 49  ? -8.049  3.884   -8.053  1.000 6.087  0 46  THR A C   1 ? 
ATOM   347  O O   . THR A 1 49  ? -7.805  3.899   -9.280  1.000 6.125  0 46  THR A O   1 ? 
ATOM   348  C CB  . THR A 1 49  ? -8.410  6.376   -8.285  1.000 5.979  0 46  THR A CB  1 ? 
ATOM   349  O OG1 . THR A 1 49  ? -8.551  7.588   -7.556  1.000 6.264  0 46  THR A OG1 1 ? 
ATOM   350  C CG2 . THR A 1 49  ? -9.521  6.370   -9.303  1.000 5.802  0 46  THR A CG2 1 ? 
ATOM   351  N N   . PRO A 1 50  ? -7.818  2.779   -7.338  1.000 6.014  0 47  PRO A N   1 ? 
ATOM   352  C CA  . PRO A 1 50  ? -7.355  1.540   -7.978  1.000 6.183  0 47  PRO A CA  1 ? 
ATOM   353  C C   . PRO A 1 50  ? -8.495  0.834   -8.686  1.000 6.584  0 47  PRO A C   1 ? 
ATOM   354  O O   . PRO A 1 50  ? -9.668  1.091   -8.367  1.000 6.802  0 47  PRO A O   1 ? 
ATOM   355  C CB  . PRO A 1 50  ? -6.937  0.713   -6.795  1.000 7.315  0 47  PRO A CB  1 ? 
ATOM   356  C CG  . PRO A 1 50  ? -7.966  1.079   -5.739  1.000 6.624  0 47  PRO A CG  1 ? 
ATOM   357  C CD  . PRO A 1 50  ? -8.190  2.596   -5.904  1.000 6.108  0 47  PRO A CD  1 ? 
ATOM   358  N N   . TYR A 1 51  ? -8.114  -0.059  -9.581  1.000 6.313  0 48  TYR A N   1 ? 
ATOM   359  C CA  . TYR A 1 51  ? -9.081  -1.035  -10.020 1.000 6.899  0 48  TYR A CA  1 ? 
ATOM   360  C C   . TYR A 1 51  ? -8.340  -2.343  -10.233 1.000 6.602  0 48  TYR A C   1 ? 
ATOM   361  O O   . TYR A 1 51  ? -7.123  -2.383  -10.389 1.000 6.124  0 48  TYR A O   1 ? 
ATOM   362  C CB  . TYR A 1 51  ? -9.943  -0.669  -11.229 1.000 6.971  0 48  TYR A CB  1 ? 
ATOM   363  C CG  . TYR A 1 51  ? -9.186  -0.483  -12.522 1.000 8.525  0 48  TYR A CG  1 ? 
ATOM   364  C CD1 . TYR A 1 51  ? -8.533  0.704   -12.798 1.000 8.478  0 48  TYR A CD1 1 ? 
ATOM   365  C CD2 . TYR A 1 51  ? -9.284  -1.440  -13.517 1.000 7.898  0 48  TYR A CD2 1 ? 
ATOM   366  C CE1 . TYR A 1 51  ? -7.869  0.891   -13.998 1.000 9.681  0 48  TYR A CE1 1 ? 
ATOM   367  C CE2 . TYR A 1 51  ? -8.744  -1.206  -14.758 1.000 8.583  0 48  TYR A CE2 1 ? 
ATOM   368  C CZ  . TYR A 1 51  ? -8.001  -0.064  -14.983 1.000 8.962  0 48  TYR A CZ  1 ? 
ATOM   369  O OH  . TYR A 1 51  ? -7.453  0.099   -16.228 1.000 9.800  0 48  TYR A OH  1 ? 
ATOM   370  N N   . ALA A 1 52  ? -9.112  -3.447  -10.279 1.000 6.432  0 49  ALA A N   1 ? 
ATOM   371  C CA  . ALA A 1 52  ? -8.585  -4.785  -10.535 1.000 7.595  0 49  ALA A CA  1 ? 
ATOM   372  C C   . ALA A 1 52  ? -9.258  -5.360  -11.755 1.000 7.934  0 49  ALA A C   1 ? 
ATOM   373  O O   . ALA A 1 52  ? -10.481 -5.139  -11.919 1.000 7.636  0 49  ALA A O   1 ? 
ATOM   374  C CB  . ALA A 1 52  ? -8.858  -5.636  -9.327  1.000 6.959  0 49  ALA A CB  1 ? 
ATOM   375  N N   . THR A 1 53  ? -8.512  -6.124  -12.576 1.000 7.521  0 50  THR A N   1 ? 
ATOM   376  C CA  . THR A 1 53  ? -9.142  -6.816  -13.691 1.000 8.926  0 50  THR A CA  1 ? 
ATOM   377  C C   . THR A 1 53  ? -8.903  -8.305  -13.545 1.000 8.106  0 50  THR A C   1 ? 
ATOM   378  O O   . THR A 1 53  ? -7.846  -8.703  -13.140 1.000 8.767  0 50  THR A O   1 ? 
ATOM   379  C CB  . THR A 1 53  ? -8.622  -6.243  -15.012 1.000 8.864  0 50  THR A CB  1 ? 
ATOM   380  O OG1 . THR A 1 53  ? -7.212  -6.405  -15.108 1.000 10.506 0 50  THR A OG1 1 ? 
ATOM   381  C CG2 . THR A 1 53  ? -9.108  -4.812  -15.210 1.000 9.703  0 50  THR A CG2 1 ? 
ATOM   382  N N   . GLY A 1 54  ? -9.956  -9.093  -13.796 1.000 10.146 0 51  GLY A N   1 ? 
ATOM   383  C CA  . GLY A 1 54  ? -9.821  -10.512 -13.612 1.000 10.964 0 51  GLY A CA  1 ? 
ATOM   384  C C   . GLY A 1 54  ? -11.123 -11.228 -13.898 1.000 11.463 0 51  GLY A C   1 ? 
ATOM   385  O O   . GLY A 1 54  ? -12.118 -10.607 -14.315 1.000 10.156 0 51  GLY A O   1 ? 
ATOM   386  N N   . ASN A 1 55  ? -11.048 -12.542 -13.723 1.000 11.249 0 52  ASN A N   1 ? 
ATOM   387  C CA  . ASN A 1 55  ? -12.184 -13.345 -14.159 1.000 13.024 0 52  ASN A CA  1 ? 
ATOM   388  C C   . ASN A 1 55  ? -13.016 -13.898 -12.999 1.000 13.052 0 52  ASN A C   1 ? 
ATOM   389  O O   . ASN A 1 55  ? -14.018 -14.567 -13.230 1.000 14.335 0 52  ASN A O   1 ? 
ATOM   390  C CB  . ASN A 1 55  ? -11.665 -14.494 -15.032 1.000 15.005 0 52  ASN A CB  1 ? 
ATOM   391  C CG  . ASN A 1 55  ? -10.979 -13.996 -16.283 1.000 16.721 0 52  ASN A CG  1 ? 
ATOM   392  O OD1 . ASN A 1 55  ? -11.596 -13.292 -17.073 1.000 22.924 0 52  ASN A OD1 1 ? 
ATOM   393  N ND2 . ASN A 1 55  ? -9.718  -14.346 -16.471 1.000 20.827 0 52  ASN A ND2 1 ? 
ATOM   394  N N   . ASN A 1 56  ? -12.607 -13.684 -11.767 1.000 10.476 0 53  ASN A N   1 ? 
ATOM   395  C CA  . ASN A 1 56  ? -13.200 -14.400 -10.654 1.000 13.160 0 53  ASN A CA  1 ? 
ATOM   396  C C   . ASN A 1 56  ? -13.296 -13.494 -9.426  1.000 9.802  0 53  ASN A C   1 ? 
ATOM   397  O O   . ASN A 1 56  ? -12.474 -13.619 -8.526  1.000 11.204 0 53  ASN A O   1 ? 
ATOM   398  C CB  . ASN A 1 56  ? -12.313 -15.600 -10.338 1.000 16.489 0 53  ASN A CB  1 ? 
ATOM   399  C CG  . ASN A 1 56  ? -12.984 -16.632 -9.461  1.000 23.972 0 53  ASN A CG  1 ? 
ATOM   400  O OD1 . ASN A 1 56  ? -14.218 -16.703 -9.385  1.000 26.630 0 53  ASN A OD1 1 ? 
ATOM   401  N ND2 . ASN A 1 56  ? -12.133 -17.458 -8.838  1.000 34.745 0 53  ASN A ND2 1 ? 
ATOM   402  N N   . PHE A 1 57  ? -14.274 -12.591 -9.440  1.000 8.324  0 54  PHE A N   1 ? 
ATOM   403  C CA  . PHE A 1 57  ? -14.476 -11.610 -8.335  1.000 7.829  0 54  PHE A CA  1 ? 
ATOM   404  C C   . PHE A 1 57  ? -13.165 -10.891 -8.020  1.000 7.880  0 54  PHE A C   1 ? 
ATOM   405  O O   . PHE A 1 57  ? -12.534 -11.083 -6.995  1.000 7.165  0 54  PHE A O   1 ? 
ATOM   406  C CB  . PHE A 1 57  ? -14.991 -12.314 -7.074  1.000 9.401  0 54  PHE A CB  1 ? 
ATOM   407  C CG  . PHE A 1 57  ? -16.348 -12.927 -7.300  1.000 10.151 0 54  PHE A CG  1 ? 
ATOM   408  C CD1 . PHE A 1 57  ? -17.504 -12.205 -7.068  1.000 10.880 0 54  PHE A CD1 1 ? 
ATOM   409  C CD2 . PHE A 1 57  ? -16.416 -14.288 -7.629  1.000 10.174 0 54  PHE A CD2 1 ? 
ATOM   410  C CE1 . PHE A 1 57  ? -18.767 -12.793 -7.211  1.000 11.635 0 54  PHE A CE1 1 ? 
ATOM   411  C CE2 . PHE A 1 57  ? -17.676 -14.840 -7.806  1.000 11.382 0 54  PHE A CE2 1 ? 
ATOM   412  C CZ  . PHE A 1 57  ? -18.812 -14.100 -7.608  1.000 11.810 0 54  PHE A CZ  1 ? 
ATOM   413  N N   . PRO A 1 58  ? -12.768 -9.964  -8.906  1.000 6.982  0 55  PRO A N   1 ? 
ATOM   414  C CA  . PRO A 1 58  ? -11.440 -9.362  -8.785  1.000 6.899  0 55  PRO A CA  1 ? 
ATOM   415  C C   . PRO A 1 58  ? -11.273 -8.453  -7.575  1.000 6.010  0 55  PRO A C   1 ? 
ATOM   416  O O   . PRO A 1 58  ? -12.252 -7.954  -6.994  1.000 8.305  0 55  PRO A O   1 ? 
ATOM   417  C CB  . PRO A 1 58  ? -11.263 -8.593  -10.099 1.000 7.409  0 55  PRO A CB  1 ? 
ATOM   418  C CG  . PRO A 1 58  ? -12.262 -9.195  -11.061 1.000 8.320  0 55  PRO A CG  1 ? 
ATOM   419  C CD  . PRO A 1 58  ? -13.379 -9.648  -10.180 1.000 8.024  0 55  PRO A CD  1 ? 
ATOM   420  N N   . GLY A 1 59  ? -10.001 -8.225  -7.266  1.000 5.832  0 56  GLY A N   1 ? 
ATOM   421  C CA  . GLY A 1 59  ? -9.687  -7.305  -6.194  1.000 5.716  0 56  GLY A CA  1 ? 
ATOM   422  C C   . GLY A 1 59  ? -8.176  -7.194  -6.019  1.000 5.844  0 56  GLY A C   1 ? 
ATOM   423  O O   . GLY A 1 59  ? -7.414  -7.804  -6.748  1.000 6.542  0 56  GLY A O   1 ? 
ATOM   424  N N   . ILE A 1 60  ? -7.763  -6.386  -5.066  1.000 5.350  0 57  ILE A N   1 ? 
ATOM   425  C CA  . ILE A 1 60  ? -6.361  -6.168  -4.742  1.000 5.602  0 57  ILE A CA  1 ? 
ATOM   426  C C   . ILE A 1 60  ? -6.191  -6.160  -3.242  1.000 6.042  0 57  ILE A C   1 ? 
ATOM   427  O O   . ILE A 1 60  ? -6.932  -5.476  -2.538  1.000 5.418  0 57  ILE A O   1 ? 
ATOM   428  C CB  . ILE A 1 60  ? -5.810  -4.824  -5.305  1.000 5.969  0 57  ILE A CB  1 ? 
ATOM   429  C CG1 . ILE A 1 60  ? -6.065  -4.692  -6.818  1.000 5.760  0 57  ILE A CG1 1 ? 
ATOM   430  C CG2 . ILE A 1 60  ? -4.354  -4.649  -4.980  1.000 6.095  0 57  ILE A CG2 1 ? 
ATOM   431  C CD1 . ILE A 1 60  ? -5.682  -3.339  -7.409  1.000 7.088  0 57  ILE A CD1 1 ? 
ATOM   432  N N   . TYR A 1 61  ? -5.157  -6.854  -2.760  1.000 6.080  0 58  TYR A N   1 ? 
ATOM   433  C CA  . TYR A 1 61  ? -4.667  -6.705  -1.404  1.000 6.564  0 58  TYR A CA  1 ? 
ATOM   434  C C   . TYR A 1 61  ? -3.585  -5.646  -1.389  1.000 5.401  0 58  TYR A C   1 ? 
ATOM   435  O O   . TYR A 1 61  ? -2.727  -5.648  -2.256  1.000 6.070  0 58  TYR A O   1 ? 
ATOM   436  C CB  . TYR A 1 61  ? -4.062  -8.000  -0.851  1.000 6.712  0 58  TYR A CB  1 ? 
ATOM   437  C CG  . TYR A 1 61  ? -4.992  -9.144  -0.649  1.000 7.548  0 58  TYR A CG  1 ? 
ATOM   438  C CD1 . TYR A 1 61  ? -5.672  -9.282  0.571   1.000 8.834  0 58  TYR A CD1 1 ? 
ATOM   439  C CD2 . TYR A 1 61  ? -5.028  -10.195 -1.540  1.000 8.248  0 58  TYR A CD2 1 ? 
ATOM   440  C CE1 . TYR A 1 61  ? -6.481  -10.362 0.802   1.000 9.984  0 58  TYR A CE1 1 ? 
ATOM   441  C CE2 . TYR A 1 61  ? -5.871  -11.271 -1.305  1.000 10.092 0 58  TYR A CE2 1 ? 
ATOM   442  C CZ  . TYR A 1 61  ? -6.557  -11.353 -0.114  1.000 11.284 0 58  TYR A CZ  1 ? 
ATOM   443  O OH  . TYR A 1 61  ? -7.430  -12.419 0.156   1.000 13.842 0 58  TYR A OH  1 ? 
ATOM   444  N N   . PHE A 1 62  ? -3.594  -4.781  -0.396  1.000 5.514  0 59  PHE A N   1 ? 
ATOM   445  C CA  . PHE A 1 62  ? -2.573  -3.785  -0.160  1.000 6.132  0 59  PHE A CA  1 ? 
ATOM   446  C C   . PHE A 1 62  ? -1.986  -3.966  1.227   1.000 6.439  0 59  PHE A C   1 ? 
ATOM   447  O O   . PHE A 1 62  ? -2.706  -4.283  2.158   1.000 6.877  0 59  PHE A O   1 ? 
ATOM   448  C CB  . PHE A 1 62  ? -3.186  -2.392  -0.217  1.000 6.070  0 59  PHE A CB  1 ? 
ATOM   449  C CG  . PHE A 1 62  ? -3.710  -1.961  -1.560  1.000 6.327  0 59  PHE A CG  1 ? 
ATOM   450  C CD1 . PHE A 1 62  ? -2.816  -1.527  -2.550  1.000 6.711  0 59  PHE A CD1 1 ? 
ATOM   451  C CD2 . PHE A 1 62  ? -5.054  -2.058  -1.879  1.000 6.026  0 59  PHE A CD2 1 ? 
ATOM   452  C CE1 . PHE A 1 62  ? -3.281  -1.184  -3.804  1.000 6.249  0 59  PHE A CE1 1 ? 
ATOM   453  C CE2 . PHE A 1 62  ? -5.495  -1.677  -3.150  1.000 6.062  0 59  PHE A CE2 1 ? 
ATOM   454  C CZ  . PHE A 1 62  ? -4.621  -1.207  -4.066  1.000 6.195  0 59  PHE A CZ  1 ? 
ATOM   455  N N   . ALA A 1 63  ? -0.691  -3.664  1.348   1.000 5.562  0 60  ALA A N   1 ? 
ATOM   456  C CA  . ALA A 1 63  ? -0.017  -3.780  2.652   1.000 5.813  0 60  ALA A CA  1 ? 
ATOM   457  C C   . ALA A 1 63  ? 0.832   -2.562  2.898   1.000 6.075  0 60  ALA A C   1 ? 
ATOM   458  O O   . ALA A 1 63  ? 1.376   -1.959  1.980   1.000 6.558  0 60  ALA A O   1 ? 
ATOM   459  C CB  . ALA A 1 63  ? 0.812   -5.010  2.743   1.000 6.092  0 60  ALA A CB  1 ? 
ATOM   460  N N   . ILE A 1 64  ? 1.046   -2.296  4.169   1.000 6.137  0 61  ILE A N   1 ? 
ATOM   461  C CA  . ILE A 1 64  ? 2.144   -1.484  4.621   1.000 6.065  0 61  ILE A CA  1 ? 
ATOM   462  C C   . ILE A 1 64  ? 3.225   -2.447  5.121   1.000 6.479  0 61  ILE A C   1 ? 
ATOM   463  O O   . ILE A 1 64  ? 2.936   -3.280  5.991   1.000 6.236  0 61  ILE A O   1 ? 
ATOM   464  C CB  . ILE A 1 64  ? 1.706   -0.503  5.713   1.000 6.289  0 61  ILE A CB  1 ? 
ATOM   465  C CG1 . ILE A 1 64  ? 0.670   0.538   5.220   1.000 6.998  0 61  ILE A CG1 1 ? 
ATOM   466  C CG2 . ILE A 1 64  ? 2.934   0.154   6.327   1.000 7.893  0 61  ILE A CG2 1 ? 
ATOM   467  C CD1 . ILE A 1 64  ? -0.022  1.338   6.325   1.000 7.299  0 61  ILE A CD1 1 ? 
ATOM   468  N N   . ALA A 1 65  ? 4.453   -2.241  4.643   1.000 6.225  0 62  ALA A N   1 ? 
ATOM   469  C CA  . ALA A 1 65  ? 5.571   -3.103  5.036   1.000 7.295  0 62  ALA A CA  1 ? 
ATOM   470  C C   . ALA A 1 65  ? 6.767   -2.271  5.427   1.000 8.364  0 62  ALA A C   1 ? 
ATOM   471  O O   . ALA A 1 65  ? 6.896   -1.097  5.041   1.000 8.989  0 62  ALA A O   1 ? 
ATOM   472  C CB  . ALA A 1 65  ? 5.928   -4.034  3.889   1.000 8.001  0 62  ALA A CB  1 ? 
ATOM   473  N N   . THR A 1 66  ? 7.599   -2.871  6.287   1.000 8.464  0 63  THR A N   1 ? 
ATOM   474  C CA  . THR A 1 66  ? 8.924   -2.319  6.584   1.000 9.368  0 63  THR A CA  1 ? 
ATOM   475  C C   . THR A 1 66  ? 9.924   -3.350  6.165   1.000 9.269  0 63  THR A C   1 ? 
ATOM   476  O O   . THR A 1 66  ? 9.656   -4.312  5.482   1.000 9.985  0 63  THR A O   1 ? 
ATOM   477  C CB  . THR A 1 66  ? 9.032   -2.008  8.058   1.000 10.107 0 63  THR A CB  1 ? 
ATOM   478  O OG1 . THR A 1 66  ? 9.053   -3.228  8.790   1.000 10.730 0 63  THR A OG1 1 ? 
ATOM   479  C CG2 . THR A 1 66  ? 7.921   -1.122  8.599   1.000 11.537 0 63  THR A CG2 1 ? 
ATOM   480  N N   . ASN A 1 67  ? 11.202  -3.070  6.477   1.000 9.822  0 64  ASN A N   1 ? 
ATOM   481  C CA  . ASN A 1 67  ? 12.226  -4.037  6.266   1.000 10.845 0 64  ASN A CA  1 ? 
ATOM   482  C C   . ASN A 1 67  ? 11.981  -5.314  7.078   1.000 12.481 0 64  ASN A C   1 ? 
ATOM   483  O O   . ASN A 1 67  ? 12.524  -6.365  6.713   1.000 12.933 0 64  ASN A O   1 ? 
ATOM   484  C CB  . ASN A 1 67  ? 13.574  -3.370  6.647   1.000 12.236 0 64  ASN A CB  1 ? 
ATOM   485  C CG  . ASN A 1 67  ? 13.517  -2.718  7.985   1.000 12.889 0 64  ASN A CG  1 ? 
ATOM   486  O OD1 . ASN A 1 67  ? 12.771  -1.762  8.254   1.000 13.925 0 64  ASN A OD1 1 ? 
ATOM   487  N ND2 . ASN A 1 67  ? 14.322  -3.199  8.930   1.000 16.321 0 64  ASN A ND2 1 ? 
ATOM   488  N N   . GLN A 1 68  ? 11.116  -5.243  8.114   1.000 13.049 0 65  GLN A N   1 ? 
ATOM   489  C CA  . GLN A 1 68  ? 10.701  -6.411  8.914   1.000 13.556 0 65  GLN A CA  1 ? 
ATOM   490  C C   . GLN A 1 68  ? 9.535   -7.154  8.315   1.000 13.485 0 65  GLN A C   1 ? 
ATOM   491  O O   . GLN A 1 68  ? 9.181   -8.238  8.778   1.000 13.678 0 65  GLN A O   1 ? 
ATOM   492  C CB  . GLN A 1 68  ? 10.360  -5.969  10.322  1.000 13.477 0 65  GLN A CB  1 ? 
ATOM   493  C CG  . GLN A 1 68  ? 11.545  -5.247  10.895  1.000 20.569 0 65  GLN A CG  1 ? 
ATOM   494  C CD  . GLN A 1 68  ? 11.334  -4.879  12.322  1.000 24.185 0 65  GLN A CD  1 ? 
ATOM   495  O OE1 . GLN A 1 68  ? 10.245  -4.470  12.718  1.000 28.456 0 65  GLN A OE1 1 ? 
ATOM   496  N NE2 . GLN A 1 68  ? 12.404  -5.033  13.092  1.000 30.154 0 65  GLN A NE2 1 ? 
ATOM   497  N N   . GLY A 1 69  ? 8.945   -6.639  7.223   1.000 13.443 0 66  GLY A N   1 ? 
ATOM   498  C CA  . GLY A 1 69  ? 7.798   -7.283  6.570   1.000 15.011 0 66  GLY A CA  1 ? 
ATOM   499  C C   . GLY A 1 69  ? 6.490   -6.472  6.685   1.000 11.480 0 66  GLY A C   1 ? 
ATOM   500  O O   . GLY A 1 69  ? 6.481   -5.277  7.080   1.000 11.335 0 66  GLY A O   1 ? 
ATOM   501  N N   . VAL A 1 70  ? 5.379   -7.208  6.429   1.000 11.384 0 67  VAL A N   1 ? 
ATOM   502  C CA  . VAL A 1 70  ? 4.050   -6.583  6.461   1.000 11.721 0 67  VAL A CA  1 ? 
ATOM   503  C C   . VAL A 1 70  ? 3.613   -6.323  7.894   1.000 9.736  0 67  VAL A C   1 ? 
ATOM   504  O O   . VAL A 1 70  ? 3.586   -7.236  8.751   1.000 10.490 0 67  VAL A O   1 ? 
ATOM   505  C CB  . VAL A 1 70  ? 3.050   -7.450  5.714   1.000 10.906 0 67  VAL A CB  1 ? 
ATOM   506  C CG1 . VAL A 1 70  ? 1.592   -7.006  5.936   1.000 8.973  0 67  VAL A CG1 1 ? 
ATOM   507  C CG2 . VAL A 1 70  ? 3.371   -7.485  4.233   1.000 12.305 0 67  VAL A CG2 1 ? 
ATOM   508  N N   . VAL A 1 71  ? 3.238   -5.076  8.198   1.000 10.322 0 68  VAL A N   1 ? 
ATOM   509  C CA  . VAL A 1 71  ? 2.704   -4.699  9.492   1.000 12.224 0 68  VAL A CA  1 ? 
ATOM   510  C C   . VAL A 1 71  ? 1.177   -4.748  9.500   1.000 12.262 0 68  VAL A C   1 ? 
ATOM   511  O O   . VAL A 1 71  ? 0.598   -4.854  10.571  1.000 15.133 0 68  VAL A O   1 ? 
ATOM   512  C CB  . VAL A 1 71  ? 3.213   -3.328  9.993   1.000 14.645 0 68  VAL A CB  1 ? 
ATOM   513  C CG1 . VAL A 1 71  ? 4.719   -3.472  10.254  1.000 15.801 0 68  VAL A CG1 1 ? 
ATOM   514  C CG2 . VAL A 1 71  ? 2.939   -2.153  9.097   1.000 17.328 0 68  VAL A CG2 1 ? 
ATOM   515  N N   . ALA A 1 72  ? 0.559   -4.446  8.359   1.000 7.979  0 69  ALA A N   1 ? 
ATOM   516  C CA  . ALA A 1 72  ? -0.894  -4.311  8.274   1.000 8.465  0 69  ALA A CA  1 ? 
ATOM   517  C C   . ALA A 1 72  ? -1.262  -4.508  6.797   1.000 7.167  0 69  ALA A C   1 ? 
ATOM   518  O O   . ALA A 1 72  ? -0.523  -4.202  5.884   1.000 7.891  0 69  ALA A O   1 ? 
ATOM   519  C CB  . ALA A 1 72  ? -1.298  -2.933  8.726   1.000 9.239  0 69  ALA A CB  1 ? 
ATOM   520  N N   . ASP A 1 73  ? -2.480  -5.010  6.533   1.000 7.380  0 70  ASP A N   1 ? 
ATOM   521  C CA  . ASP A 1 73  ? -2.927  -5.221  5.163   1.000 7.565  0 70  ASP A CA  1 ? 
ATOM   522  C C   . ASP A 1 73  ? -4.433  -5.257  5.111   1.000 7.672  0 70  ASP A C   1 ? 
ATOM   523  O O   . ASP A 1 73  ? -5.121  -5.221  6.151   1.000 8.949  0 70  ASP A O   1 ? 
ATOM   524  C CB  . ASP A 1 73  ? -2.369  -6.439  4.488   1.000 8.182  0 70  ASP A CB  1 ? 
ATOM   525  C CG  . ASP A 1 73  ? -2.621  -7.767  5.159   1.000 9.103  0 70  ASP A CG  1 ? 
ATOM   526  O OD1 . ASP A 1 73  ? -3.238  -7.766  6.258   1.000 12.956 0 70  ASP A OD1 1 ? 
ATOM   527  O OD2 . ASP A 1 73  ? -2.275  -8.770  4.519   1.000 12.080 0 70  ASP A OD2 1 ? 
ATOM   528  N N   . GLY A 1 74  ? -4.977  -5.172  3.902   1.000 6.345  0 71  GLY A N   1 ? 
ATOM   529  C CA  . GLY A 1 74  ? -6.416  -5.274  3.698   1.000 6.260  0 71  GLY A CA  1 ? 
ATOM   530  C C   . GLY A 1 74  ? -6.658  -5.408  2.205   1.000 6.682  0 71  GLY A C   1 ? 
ATOM   531  O O   . GLY A 1 74  ? -5.703  -5.602  1.434   1.000 7.742  0 71  GLY A O   1 ? 
ATOM   532  N N   . CYS A 1 75  ? -7.905  -5.422  1.773   1.000 5.923  0 72  CYS A N   1 ? 
ATOM   533  C CA  . CYS A 1 75  ? -8.192  -5.486  0.347   1.000 6.643  0 72  CYS A CA  1 ? 
ATOM   534  C C   . CYS A 1 75  ? -9.539  -4.857  0.047   1.000 5.762  0 72  CYS A C   1 ? 
ATOM   535  O O   . CYS A 1 75  ? -10.367 -4.667  0.962   1.000 6.890  0 72  CYS A O   1 ? 
ATOM   536  C CB  . CYS A 1 75  ? -8.123  -6.921  -0.123  1.000 7.647  0 72  CYS A CB  1 ? 
ATOM   537  S SG  . CYS A 1 75  ? -9.535  -7.974  0.251   1.000 8.861  0 72  CYS A SG  1 ? 
ATOM   538  N N   . PHE A 1 76  ? -9.754  -4.626  -1.256  1.000 5.137  0 73  PHE A N   1 ? 
ATOM   539  C CA  . PHE A 1 76  ? -11.108 -4.458  -1.759  1.000 5.562  0 73  PHE A CA  1 ? 
ATOM   540  C C   . PHE A 1 76  ? -11.370 -5.602  -2.704  1.000 5.232  0 73  PHE A C   1 ? 
ATOM   541  O O   . PHE A 1 76  ? -10.438 -6.109  -3.330  1.000 6.113  0 73  PHE A O   1 ? 
ATOM   542  C CB  . PHE A 1 76  ? -11.318 -3.134  -2.509  1.000 5.735  0 73  PHE A CB  1 ? 
ATOM   543  C CG  . PHE A 1 76  ? -10.661 -3.095  -3.879  1.000 5.719  0 73  PHE A CG  1 ? 
ATOM   544  C CD1 . PHE A 1 76  ? -11.312 -3.582  -5.003  1.000 5.940  0 73  PHE A CD1 1 ? 
ATOM   545  C CD2 . PHE A 1 76  ? -9.416  -2.475  -4.053  1.000 6.032  0 73  PHE A CD2 1 ? 
ATOM   546  C CE1 . PHE A 1 76  ? -10.723 -3.495  -6.264  1.000 5.207  0 73  PHE A CE1 1 ? 
ATOM   547  C CE2 . PHE A 1 76  ? -8.812  -2.459  -5.305  1.000 5.644  0 73  PHE A CE2 1 ? 
ATOM   548  C CZ  . PHE A 1 76  ? -9.478  -2.947  -6.405  1.000 5.658  0 73  PHE A CZ  1 ? 
ATOM   549  N N   . THR A 1 77  ? -12.640 -5.987  -2.880  1.000 5.735  0 74  THR A N   1 ? 
ATOM   550  C CA  . THR A 1 77  ? -13.039 -6.961  -3.912  1.000 5.366  0 74  THR A CA  1 ? 
ATOM   551  C C   . THR A 1 77  ? -14.378 -6.536  -4.460  1.000 6.077  0 74  THR A C   1 ? 
ATOM   552  O O   . THR A 1 77  ? -15.167 -5.893  -3.754  1.000 6.028  0 74  THR A O   1 ? 
ATOM   553  C CB  . THR A 1 77  ? -13.148 -8.434  -3.415  1.000 5.687  0 74  THR A CB  1 ? 
ATOM   554  O OG1 . THR A 1 77  ? -14.077 -8.448  -2.330  1.000 6.264  0 74  THR A OG1 1 ? 
ATOM   555  C CG2 . THR A 1 77  ? -11.776 -8.936  -2.997  1.000 6.095  0 74  THR A CG2 1 ? 
ATOM   556  N N   . TYR A 1 78  ? -14.603 -6.803  -5.778  1.000 5.914  0 75  TYR A N   1 ? 
ATOM   557  C CA  . TYR A 1 78  ? -15.915 -6.574  -6.352  1.000 6.287  0 75  TYR A CA  1 ? 
ATOM   558  C C   . TYR A 1 78  ? -16.927 -7.620  -5.889  1.000 7.241  0 75  TYR A C   1 ? 
ATOM   559  O O   . TYR A 1 78  ? -16.558 -8.693  -5.385  1.000 7.634  0 75  TYR A O   1 ? 
ATOM   560  C CB  . TYR A 1 78  ? -15.809 -6.599  -7.892  1.000 6.211  0 75  TYR A CB  1 ? 
ATOM   561  C CG  . TYR A 1 78  ? -14.887 -5.525  -8.408  1.000 6.443  0 75  TYR A CG  1 ? 
ATOM   562  C CD1 . TYR A 1 78  ? -15.278 -4.191  -8.394  1.000 5.765  0 75  TYR A CD1 1 ? 
ATOM   563  C CD2 . TYR A 1 78  ? -13.648 -5.840  -8.943  1.000 6.552  0 75  TYR A CD2 1 ? 
ATOM   564  C CE1 . TYR A 1 78  ? -14.427 -3.217  -8.866  1.000 6.530  0 75  TYR A CE1 1 ? 
ATOM   565  C CE2 . TYR A 1 78  ? -12.807 -4.864  -9.438  1.000 6.513  0 75  TYR A CE2 1 ? 
ATOM   566  C CZ  . TYR A 1 78  ? -13.192 -3.542  -9.359  1.000 6.827  0 75  TYR A CZ  1 ? 
ATOM   567  O OH  . TYR A 1 78  ? -12.362 -2.535  -9.854  1.000 6.363  0 75  TYR A OH  1 ? 
ATOM   568  N N   . SER A 1 79  ? -18.181 -7.248  -6.033  1.000 7.002  0 76  SER A N   1 ? 
ATOM   569  C CA  . SER A 1 79  ? -19.344 -8.051  -5.634  1.000 7.929  0 76  SER A CA  1 ? 
ATOM   570  C C   . SER A 1 79  ? -19.974 -8.800  -6.800  1.000 10.655 0 76  SER A C   1 ? 
ATOM   571  O O   . SER A 1 79  ? -21.000 -9.467  -6.586  1.000 12.658 0 76  SER A O   1 ? 
ATOM   572  C CB  . SER A 1 79  ? -20.318 -7.209  -4.881  1.000 9.218  0 76  SER A CB  1 ? 
ATOM   573  O OG  . SER A 1 79  ? -19.783 -6.742  -3.654  1.000 8.698  0 76  SER A OG  1 ? 
ATOM   574  N N   A SER A 1 80  ? -19.286 -8.861  -7.938  0.800 10.094 0 77  SER A N   1 ? 
ATOM   575  N N   B SER A 1 80  ? -19.335 -8.806  -7.976  0.200 9.332  0 77  SER A N   1 ? 
ATOM   576  C CA  A SER A 1 80  ? -19.745 -9.652  -9.087  0.800 11.211 0 77  SER A CA  1 ? 
ATOM   577  C CA  B SER A 1 80  ? -19.777 -9.647  -9.085  0.200 8.888  0 77  SER A CA  1 ? 
ATOM   578  C C   A SER A 1 80  ? -18.560 -10.423 -9.633  0.800 10.089 0 77  SER A C   1 ? 
ATOM   579  C C   B SER A 1 80  ? -18.593 -10.423 -9.652  0.200 8.822  0 77  SER A C   1 ? 
ATOM   580  O O   A SER A 1 80  ? -17.429 -9.993  -9.534  0.800 10.354 0 77  SER A O   1 ? 
ATOM   581  O O   B SER A 1 80  ? -17.449 -10.004 -9.531  0.200 9.391  0 77  SER A O   1 ? 
ATOM   582  C CB  A SER A 1 80  ? -20.330 -8.789  -10.233 0.800 13.634 0 77  SER A CB  1 ? 
ATOM   583  C CB  B SER A 1 80  ? -20.461 -8.832  -10.161 0.200 8.699  0 77  SER A CB  1 ? 
ATOM   584  O OG  A SER A 1 80  ? -21.529 -8.114  -9.871  0.800 16.813 0 77  SER A OG  1 ? 
ATOM   585  O OG  B SER A 1 80  ? -19.597 -7.825  -10.673 0.200 7.655  0 77  SER A OG  1 ? 
ATOM   586  N N   A LYS A 1 81  ? -18.811 -11.617 -10.218 0.800 10.123 0 78  LYS A N   1 ? 
ATOM   587  N N   B LYS A 1 81  ? -18.871 -11.581 -10.273 0.200 8.691  0 78  LYS A N   1 ? 
ATOM   588  C CA  A LYS A 1 81  ? -17.733 -12.467 -10.709 0.800 11.364 0 78  LYS A CA  1 ? 
ATOM   589  C CA  B LYS A 1 81  ? -17.801 -12.462 -10.715 0.200 8.720  0 78  LYS A CA  1 ? 
ATOM   590  C C   A LYS A 1 81  ? -16.900 -11.777 -11.801 0.800 9.311  0 78  LYS A C   1 ? 
ATOM   591  C C   B LYS A 1 81  ? -16.933 -11.775 -11.774 0.200 9.266  0 78  LYS A C   1 ? 
ATOM   592  O O   A LYS A 1 81  ? -15.682 -11.794 -11.754 0.800 9.708  0 78  LYS A O   1 ? 
ATOM   593  O O   B LYS A 1 81  ? -15.712 -11.805 -11.691 0.200 9.562  0 78  LYS A O   1 ? 
ATOM   594  C CB  A LYS A 1 81  ? -18.257 -13.830 -11.220 0.800 12.282 0 78  LYS A CB  1 ? 
ATOM   595  C CB  B LYS A 1 81  ? -18.334 -13.798 -11.258 0.200 7.940  0 78  LYS A CB  1 ? 
ATOM   596  C CG  A LYS A 1 81  ? -17.205 -14.856 -11.581 0.800 15.313 0 78  LYS A CG  1 ? 
ATOM   597  C CG  B LYS A 1 81  ? -17.245 -14.792 -11.636 0.200 7.382  0 78  LYS A CG  1 ? 
ATOM   598  C CD  A LYS A 1 81  ? -17.754 -16.041 -12.381 0.800 19.128 0 78  LYS A CD  1 ? 
ATOM   599  C CD  B LYS A 1 81  ? -17.729 -16.113 -12.224 0.200 6.897  0 78  LYS A CD  1 ? 
ATOM   600  C CE  A LYS A 1 81  ? -16.630 -16.776 -13.086 0.800 26.728 0 78  LYS A CE  1 ? 
ATOM   601  C CE  B LYS A 1 81  ? -16.568 -17.066 -12.428 0.200 6.531  0 78  LYS A CE  1 ? 
ATOM   602  N NZ  A LYS A 1 81  ? -16.546 -18.179 -12.626 0.800 34.639 0 78  LYS A NZ  1 ? 
ATOM   603  N NZ  B LYS A 1 81  ? -15.699 -16.644 -13.569 0.200 6.100  0 78  LYS A NZ  1 ? 
ATOM   604  N N   . VAL A 1 82  ? -17.575 -11.175 -12.777 1.000 10.763 0 79  VAL A N   1 ? 
ATOM   605  C CA  . VAL A 1 82  ? -16.882 -10.435 -13.810 1.000 12.284 0 79  VAL A CA  1 ? 
ATOM   606  C C   . VAL A 1 82  ? -17.650 -9.125  -13.912 1.000 12.569 0 79  VAL A C   1 ? 
ATOM   607  O O   . VAL A 1 82  ? -18.766 -9.020  -14.510 1.000 15.441 0 79  VAL A O   1 ? 
ATOM   608  C CB  . VAL A 1 82  ? -16.801 -11.194 -15.151 1.000 15.763 0 79  VAL A CB  1 ? 
ATOM   609  C CG1 . VAL A 1 82  ? -15.892 -10.402 -16.079 1.000 21.585 0 79  VAL A CG1 1 ? 
ATOM   610  C CG2 . VAL A 1 82  ? -16.244 -12.616 -15.062 1.000 17.773 0 79  VAL A CG2 1 ? 
ATOM   611  N N   . PRO A 1 83  ? -17.181 -8.092  -13.186 1.000 11.535 0 80  PRO A N   1 ? 
ATOM   612  C CA  . PRO A 1 83  ? -17.921 -6.852  -13.170 1.000 11.460 0 80  PRO A CA  1 ? 
ATOM   613  C C   . PRO A 1 83  ? -18.161 -6.343  -14.586 1.000 10.635 0 80  PRO A C   1 ? 
ATOM   614  O O   . PRO A 1 83  ? -17.301 -6.407  -15.429 1.000 12.125 0 80  PRO A O   1 ? 
ATOM   615  C CB  . PRO A 1 83  ? -16.954 -5.932  -12.416 1.000 11.672 0 80  PRO A CB  1 ? 
ATOM   616  C CG  . PRO A 1 83  ? -16.128 -6.841  -11.566 1.000 12.113 0 80  PRO A CG  1 ? 
ATOM   617  C CD  . PRO A 1 83  ? -15.964 -8.110  -12.356 1.000 11.948 0 80  PRO A CD  1 ? 
ATOM   618  N N   . GLU A 1 84  ? -19.317 -5.692  -14.736 1.000 11.951 0 81  GLU A N   1 ? 
ATOM   619  C CA  . GLU A 1 84  ? -19.693 -5.140  -16.017 1.000 15.019 0 81  GLU A CA  1 ? 
ATOM   620  C C   . GLU A 1 84  ? -18.722 -4.066  -16.419 1.000 13.209 0 81  GLU A C   1 ? 
ATOM   621  O O   . GLU A 1 84  ? -18.228 -4.041  -17.574 1.000 14.367 0 81  GLU A O   1 ? 
ATOM   622  C CB  . GLU A 1 84  ? -21.144 -4.702  -15.970 1.000 18.496 0 81  GLU A CB  1 ? 
ATOM   623  C CG  . GLU A 1 84  ? -22.127 -5.862  -15.697 1.000 23.118 0 81  GLU A CG  1 ? 
ATOM   624  C CD  . GLU A 1 84  ? -23.600 -5.474  -15.560 1.000 31.156 0 81  GLU A CD  1 ? 
ATOM   625  O OE1 . GLU A 1 84  ? -24.491 -6.247  -16.040 1.000 44.239 0 81  GLU A OE1 1 ? 
ATOM   626  O OE2 . GLU A 1 84  ? -23.893 -4.450  -14.984 1.000 29.727 0 81  GLU A OE2 1 ? 
ATOM   627  N N   . SER A 1 85  ? -18.323 -3.249  -15.434 1.000 9.834  0 82  SER A N   1 ? 
ATOM   628  C CA  . SER A 1 85  ? -17.151 -2.410  -15.591 1.000 10.853 0 82  SER A CA  1 ? 
ATOM   629  C C   . SER A 1 85  ? -16.440 -2.485  -14.247 1.000 9.715  0 82  SER A C   1 ? 
ATOM   630  O O   . SER A 1 85  ? -17.102 -2.522  -13.216 1.000 11.519 0 82  SER A O   1 ? 
ATOM   631  C CB  . SER A 1 85  ? -17.562 -0.956  -15.935 1.000 12.706 0 82  SER A CB  1 ? 
ATOM   632  O OG  . SER A 1 85  ? -16.480 -0.042  -15.769 1.000 15.324 0 82  SER A OG  1 ? 
ATOM   633  N N   . THR A 1 86  ? -15.107 -2.493  -14.258 1.000 7.546  0 83  THR A N   1 ? 
ATOM   634  C CA  . THR A 1 86  ? -14.326 -2.559  -13.037 1.000 7.747  0 83  THR A CA  1 ? 
ATOM   635  C C   . THR A 1 86  ? -14.239 -1.142  -12.520 1.000 7.589  0 83  THR A C   1 ? 
ATOM   636  O O   . THR A 1 86  ? -13.309 -0.418  -12.865 1.000 8.302  0 83  THR A O   1 ? 
ATOM   637  C CB  . THR A 1 86  ? -12.935 -3.162  -13.315 1.000 8.742  0 83  THR A CB  1 ? 
ATOM   638  O OG1 . THR A 1 86  ? -12.290 -2.415  -14.305 1.000 10.081 0 83  THR A OG1 1 ? 
ATOM   639  C CG2 . THR A 1 86  ? -13.085 -4.644  -13.676 1.000 9.350  0 83  THR A CG2 1 ? 
ATOM   640  N N   . GLY A 1 87  ? -15.042 -0.885  -11.507 1.000 7.034  0 84  GLY A N   1 ? 
ATOM   641  C CA  . GLY A 1 87  ? -15.112 0.486   -11.002 1.000 6.790  0 84  GLY A CA  1 ? 
ATOM   642  C C   . GLY A 1 87  ? -13.953 0.784   -10.079 1.000 6.624  0 84  GLY A C   1 ? 
ATOM   643  O O   . GLY A 1 87  ? -13.262 -0.085  -9.531  1.000 7.474  0 84  GLY A O   1 ? 
ATOM   644  N N   . ARG A 1 88  ? -13.755 2.077   -9.843  1.000 5.639  0 85  ARG A N   1 ? 
ATOM   645  C CA  . ARG A 1 88  ? -12.699 2.493   -8.956  1.000 6.071  0 85  ARG A CA  1 ? 
ATOM   646  C C   . ARG A 1 88  ? -13.125 2.327   -7.499  1.000 5.326  0 85  ARG A C   1 ? 
ATOM   647  O O   . ARG A 1 88  ? -14.167 2.854   -7.132  1.000 5.920  0 85  ARG A O   1 ? 
ATOM   648  C CB  . ARG A 1 88  ? -12.307 3.928   -9.308  1.000 6.241  0 85  ARG A CB  1 ? 
ATOM   649  C CG  . ARG A 1 88  ? -11.902 4.171   -10.771 1.000 6.265  0 85  ARG A CG  1 ? 
ATOM   650  C CD  . ARG A 1 88  ? -10.840 3.221   -11.227 1.000 6.881  0 85  ARG A CD  1 ? 
ATOM   651  N NE  . ARG A 1 88  ? -10.406 3.473   -12.554 1.000 6.054  0 85  ARG A NE  1 ? 
ATOM   652  C CZ  . ARG A 1 88  ? -9.210  3.927   -12.946 1.000 6.281  0 85  ARG A CZ  1 ? 
ATOM   653  N NH1 . ARG A 1 88  ? -8.275  4.207   -12.048 1.000 5.824  0 85  ARG A NH1 1 ? 
ATOM   654  N NH2 . ARG A 1 88  ? -8.952  4.084   -14.231 1.000 6.835  0 85  ARG A NH2 1 ? 
ATOM   655  N N   . MET A 1 89  ? -12.261 1.734   -6.728  1.000 6.357  0 86  MET A N   1 ? 
ATOM   656  C CA  . MET A 1 89  ? -12.569 1.311   -5.372  1.000 6.474  0 86  MET A CA  1 ? 
ATOM   657  C C   . MET A 1 89  ? -11.551 1.911   -4.426  1.000 6.859  0 86  MET A C   1 ? 
ATOM   658  O O   . MET A 1 89  ? -10.521 1.333   -4.105  1.000 6.935  0 86  MET A O   1 ? 
ATOM   659  C CB  . MET A 1 89  ? -12.560 -0.239  -5.283  1.000 8.040  0 86  MET A CB  1 ? 
ATOM   660  C CG  . MET A 1 89  ? -13.529 -0.919  -6.161  1.000 9.028  0 86  MET A CG  1 ? 
ATOM   661  S SD  . MET A 1 89  ? -15.204 -0.698  -5.635  1.000 12.302 0 86  MET A SD  1 ? 
ATOM   662  C CE  . MET A 1 89  ? -15.351 -1.948  -4.362  1.000 16.966 0 86  MET A CE  1 ? 
ATOM   663  N N   . PRO A 1 90  ? -11.859 3.097   -3.847  1.000 6.519  0 87  PRO A N   1 ? 
ATOM   664  C CA  . PRO A 1 90  ? -10.929 3.728   -2.925  1.000 6.354  0 87  PRO A CA  1 ? 
ATOM   665  C C   . PRO A 1 90  ? -10.478 2.875   -1.750  1.000 6.606  0 87  PRO A C   1 ? 
ATOM   666  O O   . PRO A 1 90  ? -11.287 2.226   -1.073  1.000 9.124  0 87  PRO A O   1 ? 
ATOM   667  C CB  . PRO A 1 90  ? -11.676 4.975   -2.497  1.000 6.299  0 87  PRO A CB  1 ? 
ATOM   668  C CG  . PRO A 1 90  ? -12.723 5.259   -3.597  1.000 6.257  0 87  PRO A CG  1 ? 
ATOM   669  C CD  . PRO A 1 90  ? -13.093 3.854   -4.078  1.000 6.929  0 87  PRO A CD  1 ? 
ATOM   670  N N   . PHE A 1 91  ? -9.196  2.965   -1.470  1.000 6.101  0 88  PHE A N   1 ? 
ATOM   671  C CA  . PHE A 1 91  ? -8.549  2.130   -0.463  1.000 6.711  0 88  PHE A CA  1 ? 
ATOM   672  C C   . PHE A 1 91  ? -7.589  2.914   0.401   1.000 6.409  0 88  PHE A C   1 ? 
ATOM   673  O O   . PHE A 1 91  ? -6.726  3.608   -0.133  1.000 7.748  0 88  PHE A O   1 ? 
ATOM   674  C CB  . PHE A 1 91  ? -7.841  0.920   -1.101  1.000 6.584  0 88  PHE A CB  1 ? 
ATOM   675  C CG  . PHE A 1 91  ? -7.229  0.020   -0.069  1.000 6.227  0 88  PHE A CG  1 ? 
ATOM   676  C CD1 . PHE A 1 91  ? -5.997  0.319   0.442   1.000 6.643  0 88  PHE A CD1 1 ? 
ATOM   677  C CD2 . PHE A 1 91  ? -7.912  -1.071  0.458   1.000 6.677  0 88  PHE A CD2 1 ? 
ATOM   678  C CE1 . PHE A 1 91  ? -5.465  -0.469  1.452   1.000 6.834  0 88  PHE A CE1 1 ? 
ATOM   679  C CE2 . PHE A 1 91  ? -7.366  -1.852  1.491   1.000 5.942  0 88  PHE A CE2 1 ? 
ATOM   680  C CZ  . PHE A 1 91  ? -6.120  -1.539  1.955   1.000 6.382  0 88  PHE A CZ  1 ? 
ATOM   681  N N   . THR A 1 92  ? -7.833  2.912   1.734   1.000 6.292  0 89  THR A N   1 ? 
ATOM   682  C CA  . THR A 1 92  ? -6.875  3.505   2.669   1.000 6.765  0 89  THR A CA  1 ? 
ATOM   683  C C   . THR A 1 92  ? -6.583  2.532   3.801   1.000 5.567  0 89  THR A C   1 ? 
ATOM   684  O O   . THR A 1 92  ? -7.485  1.794   4.203   1.000 5.137  0 89  THR A O   1 ? 
ATOM   685  C CB  . THR A 1 92  ? -7.429  4.814   3.221   1.000 6.872  0 89  THR A CB  1 ? 
ATOM   686  O OG1 . THR A 1 92  ? -7.593  5.728   2.115   1.000 7.887  0 89  THR A OG1 1 ? 
ATOM   687  C CG2 . THR A 1 92  ? -6.498  5.452   4.244   1.000 8.507  0 89  THR A CG2 1 ? 
ATOM   688  N N   . LEU A 1 93  ? -5.325  2.488   4.213   1.000 6.149  0 90  LEU A N   1 ? 
ATOM   689  C CA  . LEU A 1 93  ? -4.867  1.630   5.300   1.000 6.190  0 90  LEU A CA  1 ? 
ATOM   690  C C   . LEU A 1 93  ? -3.998  2.413   6.234   1.000 6.669  0 90  LEU A C   1 ? 
ATOM   691  O O   . LEU A 1 93  ? -3.165  3.210   5.810   1.000 7.293  0 90  LEU A O   1 ? 
ATOM   692  C CB  . LEU A 1 93  ? -4.075  0.451   4.677   1.000 5.866  0 90  LEU A CB  1 ? 
ATOM   693  C CG  . LEU A 1 93  ? -3.423  -0.546  5.625   1.000 7.149  0 90  LEU A CG  1 ? 
ATOM   694  C CD1 . LEU A 1 93  ? -4.522  -1.350  6.295   1.000 7.010  0 90  LEU A CD1 1 ? 
ATOM   695  C CD2 . LEU A 1 93  ? -2.529  -1.452  4.810   1.000 8.466  0 90  LEU A CD2 1 ? 
ATOM   696  N N   . VAL A 1 94  ? -4.169  2.231   7.533   1.000 6.636  0 91  VAL A N   1 ? 
ATOM   697  C CA  . VAL A 1 94  ? -3.499  3.050   8.533   1.000 7.788  0 91  VAL A CA  1 ? 
ATOM   698  C C   . VAL A 1 94  ? -2.888  2.149   9.604   1.000 7.478  0 91  VAL A C   1 ? 
ATOM   699  O O   . VAL A 1 94  ? -3.622  1.302   10.177  1.000 8.389  0 91  VAL A O   1 ? 
ATOM   700  C CB  . VAL A 1 94  ? -4.457  4.022   9.232   1.000 7.065  0 91  VAL A CB  1 ? 
ATOM   701  C CG1 . VAL A 1 94  ? -3.680  4.841   10.222  1.000 7.779  0 91  VAL A CG1 1 ? 
ATOM   702  C CG2 . VAL A 1 94  ? -5.181  4.935   8.220   1.000 7.099  0 91  VAL A CG2 1 ? 
ATOM   703  N N   . ALA A 1 95  ? -1.581  2.332   9.885   1.000 7.861  0 92  ALA A N   1 ? 
ATOM   704  C CA  . ALA A 1 95  ? -0.912  1.512   10.900  1.000 9.145  0 92  ALA A CA  1 ? 
ATOM   705  C C   . ALA A 1 95  ? 0.095   2.358   11.622  1.000 8.870  0 92  ALA A C   1 ? 
ATOM   706  O O   . ALA A 1 95  ? 0.635   3.295   11.057  1.000 9.734  0 92  ALA A O   1 ? 
ATOM   707  C CB  . ALA A 1 95  ? -0.229  0.265   10.302  1.000 10.235 0 92  ALA A CB  1 ? 
ATOM   708  N N   . THR A 1 96  ? 0.356   2.012   12.892  1.000 8.128  0 93  THR A N   1 ? 
ATOM   709  C CA  . THR A 1 96  ? 1.318   2.718   13.685  1.000 9.876  0 93  THR A CA  1 ? 
ATOM   710  C C   . THR A 1 96  ? 2.429   1.738   14.024  1.000 11.563 0 93  THR A C   1 ? 
ATOM   711  O O   . THR A 1 96  ? 2.209   0.680   14.597  1.000 15.955 0 93  THR A O   1 ? 
ATOM   712  C CB  . THR A 1 96  ? 0.677   3.418   14.892  1.000 11.538 0 93  THR A CB  1 ? 
ATOM   713  O OG1 . THR A 1 96  ? -0.339  4.339   14.422  1.000 10.918 0 93  THR A OG1 1 ? 
ATOM   714  C CG2 . THR A 1 96  ? 1.733   4.090   15.749  1.000 11.832 0 93  THR A CG2 1 ? 
ATOM   715  N N   . ILE A 1 97  ? 3.657   2.139   13.727  1.000 14.023 0 94  ILE A N   1 ? 
ATOM   716  C CA  . ILE A 1 97  ? 4.841   1.294   13.823  1.000 16.016 0 94  ILE A CA  1 ? 
ATOM   717  C C   . ILE A 1 97  ? 5.789   1.842   14.898  1.000 15.286 0 94  ILE A C   1 ? 
ATOM   718  O O   . ILE A 1 97  ? 6.037   3.043   14.958  1.000 13.289 0 94  ILE A O   1 ? 
ATOM   719  C CB  . ILE A 1 97  ? 5.586   1.240   12.461  1.000 19.409 0 94  ILE A CB  1 ? 
ATOM   720  C CG1 . ILE A 1 97  ? 4.735   0.656   11.333  1.000 19.830 0 94  ILE A CG1 1 ? 
ATOM   721  C CG2 . ILE A 1 97  ? 6.880   0.467   12.602  1.000 26.206 0 94  ILE A CG2 1 ? 
ATOM   722  C CD1 . ILE A 1 97  ? 5.171   1.057   9.945   1.000 19.829 0 94  ILE A CD1 1 ? 
ATOM   723  N N   . ASP A 1 98  ? 6.409   0.925   15.674  1.000 16.263 0 95  ASP A N   1 ? 
ATOM   724  C CA  . ASP A 1 98  ? 7.502   1.297   16.581  1.000 18.420 0 95  ASP A CA  1 ? 
ATOM   725  C C   . ASP A 1 98  ? 8.830   1.260   15.830  1.000 17.408 0 95  ASP A C   1 ? 
ATOM   726  O O   . ASP A 1 98  ? 9.310   0.199   15.418  1.000 18.492 0 95  ASP A O   1 ? 
ATOM   727  C CB  . ASP A 1 98  ? 7.655   0.275   17.725  1.000 24.127 0 95  ASP A CB  1 ? 
ATOM   728  C CG  . ASP A 1 98  ? 8.591   0.686   18.858  1.000 29.371 0 95  ASP A CG  1 ? 
ATOM   729  O OD1 . ASP A 1 98  ? 9.407   1.618   18.694  1.000 25.465 0 95  ASP A OD1 1 ? 
ATOM   730  O OD2 . ASP A 1 98  ? 8.470   0.092   19.956  1.000 43.590 0 95  ASP A OD2 1 ? 
ATOM   731  N N   . VAL A 1 99  ? 9.473   2.395   15.704  1.000 17.328 0 96  VAL A N   1 ? 
ATOM   732  C CA  . VAL A 1 99  ? 10.697  2.479   14.955  1.000 17.112 0 96  VAL A CA  1 ? 
ATOM   733  C C   . VAL A 1 99  ? 11.827  1.829   15.743  1.000 22.135 0 96  VAL A C   1 ? 
ATOM   734  O O   . VAL A 1 99  ? 12.742  1.275   15.154  1.000 24.774 0 96  VAL A O   1 ? 
ATOM   735  C CB  . VAL A 1 99  ? 10.999  3.947   14.626  1.000 18.989 0 96  VAL A CB  1 ? 
ATOM   736  C CG1 . VAL A 1 99  ? 12.353  4.109   13.948  1.000 22.469 0 96  VAL A CG1 1 ? 
ATOM   737  C CG2 . VAL A 1 99  ? 9.910   4.558   13.723  1.000 16.344 0 96  VAL A CG2 1 ? 
ATOM   738  N N   . GLY A 1 100 ? 11.697  1.901   17.068  1.000 24.613 0 97  GLY A N   1 ? 
ATOM   739  C CA  . GLY A 1 100 ? 12.610  1.266   18.011  1.000 24.794 0 97  GLY A CA  1 ? 
ATOM   740  C C   . GLY A 1 100 ? 12.760  -0.228  17.762  1.000 31.225 0 97  GLY A C   1 ? 
ATOM   741  O O   . GLY A 1 100 ? 13.836  -0.742  18.014  1.000 39.139 0 97  GLY A O   1 ? 
ATOM   742  N N   . SER A 1 101 ? 11.754  -0.854  17.119  1.000 29.963 0 98  SER A N   1 ? 
ATOM   743  C CA  . SER A 1 101 ? 11.778  -2.266  16.772  1.000 31.835 0 98  SER A CA  1 ? 
ATOM   744  C C   . SER A 1 101 ? 12.833  -2.606  15.724  1.000 30.099 0 98  SER A C   1 ? 
ATOM   745  O O   . SER A 1 101 ? 13.050  -3.789  15.516  1.000 37.934 0 98  SER A O   1 ? 
ATOM   746  C CB  . SER A 1 101 ? 10.417  -2.774  16.340  1.000 32.526 0 98  SER A CB  1 ? 
ATOM   747  O OG  . SER A 1 101 ? 10.119  -2.456  14.999  1.000 32.759 0 98  SER A OG  1 ? 
ATOM   748  N N   . GLY A 1 102 ? 13.436  -1.621  15.025  1.000 29.290 0 99  GLY A N   1 ? 
ATOM   749  C CA  . GLY A 1 102 ? 14.457  -1.927  14.010  1.000 25.995 0 99  GLY A CA  1 ? 
ATOM   750  C C   . GLY A 1 102 ? 14.078  -1.503  12.569  1.000 24.270 0 99  GLY A C   1 ? 
ATOM   751  O O   . GLY A 1 102 ? 14.433  -2.147  11.582  1.000 24.906 0 99  GLY A O   1 ? 
ATOM   752  N N   . VAL A 1 103 ? 13.316  -0.423  12.454  1.000 20.951 0 100 VAL A N   1 ? 
ATOM   753  C CA  . VAL A 1 103 ? 12.704  -0.046  11.171  1.000 17.407 0 100 VAL A CA  1 ? 
ATOM   754  C C   . VAL A 1 103 ? 13.595  0.954   10.459  1.000 17.343 0 100 VAL A C   1 ? 
ATOM   755  O O   . VAL A 1 103 ? 13.913  1.982   11.049  1.000 21.095 0 100 VAL A O   1 ? 
ATOM   756  C CB  . VAL A 1 103 ? 11.310  0.549   11.392  1.000 18.117 0 100 VAL A CB  1 ? 
ATOM   757  C CG1 . VAL A 1 103 ? 10.728  1.100   10.074  1.000 13.796 0 100 VAL A CG1 1 ? 
ATOM   758  C CG2 . VAL A 1 103 ? 10.368  -0.489  12.017  1.000 19.452 0 100 VAL A CG2 1 ? 
ATOM   759  N N   . THR A 1 104 ? 13.892  0.685   9.185   1.000 15.319 0 101 THR A N   1 ? 
ATOM   760  C CA  . THR A 1 104 ? 14.686  1.587   8.348   1.000 14.804 0 101 THR A CA  1 ? 
ATOM   761  C C   . THR A 1 104 ? 13.938  2.157   7.130   1.000 13.801 0 101 THR A C   1 ? 
ATOM   762  O O   . THR A 1 104 ? 14.359  3.158   6.544   1.000 12.368 0 101 THR A O   1 ? 
ATOM   763  C CB  . THR A 1 104 ? 15.930  0.870   7.827   1.000 17.877 0 101 THR A CB  1 ? 
ATOM   764  O OG1 . THR A 1 104 ? 15.600  -0.321  7.114   1.000 18.039 0 101 THR A OG1 1 ? 
ATOM   765  C CG2 . THR A 1 104 ? 16.854  0.498   8.958   1.000 22.967 0 101 THR A CG2 1 ? 
ATOM   766  N N   . PHE A 1 105 ? 12.820  1.518   6.718   1.000 11.014 0 102 PHE A N   1 ? 
ATOM   767  C CA  . PHE A 1 105 ? 12.039  2.053   5.627   1.000 11.406 0 102 PHE A CA  1 ? 
ATOM   768  C C   . PHE A 1 105 ? 10.588  1.572   5.799   1.000 9.143  0 102 PHE A C   1 ? 
ATOM   769  O O   . PHE A 1 105 ? 10.309  0.656   6.576   1.000 11.692 0 102 PHE A O   1 ? 
ATOM   770  C CB  . PHE A 1 105 ? 12.521  1.669   4.231   1.000 11.001 0 102 PHE A CB  1 ? 
ATOM   771  C CG  . PHE A 1 105 ? 12.484  0.203   3.867   1.000 13.698 0 102 PHE A CG  1 ? 
ATOM   772  C CD1 . PHE A 1 105 ? 11.281  -0.422  3.589   1.000 11.912 0 102 PHE A CD1 1 ? 
ATOM   773  C CD2 . PHE A 1 105 ? 13.643  -0.521  3.797   1.000 15.291 0 102 PHE A CD2 1 ? 
ATOM   774  C CE1 . PHE A 1 105 ? 11.217  -1.756  3.240   1.000 15.917 0 102 PHE A CE1 1 ? 
ATOM   775  C CE2 . PHE A 1 105 ? 13.587  -1.873  3.466   1.000 16.401 0 102 PHE A CE2 1 ? 
ATOM   776  C CZ  . PHE A 1 105 ? 12.401  -2.457  3.157   1.000 14.034 0 102 PHE A CZ  1 ? 
ATOM   777  N N   . VAL A 1 106 ? 9.697   2.252   5.060   1.000 8.997  0 103 VAL A N   1 ? 
ATOM   778  C CA  . VAL A 1 106 ? 8.299   1.862   5.006   1.000 10.058 0 103 VAL A CA  1 ? 
ATOM   779  C C   . VAL A 1 106 ? 7.892   1.876   3.546   1.000 8.680  0 103 VAL A C   1 ? 
ATOM   780  O O   . VAL A 1 106 ? 8.345   2.755   2.786   1.000 8.730  0 103 VAL A O   1 ? 
ATOM   781  C CB  . VAL A 1 106 ? 7.446   2.870   5.790   1.000 11.319 0 103 VAL A CB  1 ? 
ATOM   782  C CG1 . VAL A 1 106 ? 5.991   2.474   5.637   1.000 12.809 0 103 VAL A CG1 1 ? 
ATOM   783  C CG2 . VAL A 1 106 ? 7.872   2.971   7.213   1.000 13.091 0 103 VAL A CG2 1 ? 
ATOM   784  N N   . LYS A 1 107 ? 7.104   0.895   3.118   1.000 8.355  0 104 LYS A N   1 ? 
ATOM   785  C CA  . LYS A 1 107 ? 6.693   0.776   1.729   1.000 8.684  0 104 LYS A CA  1 ? 
ATOM   786  C C   . LYS A 1 107 ? 5.221   0.387   1.631   1.000 7.780  0 104 LYS A C   1 ? 
ATOM   787  O O   . LYS A 1 107 ? 4.713   -0.280  2.514   1.000 8.407  0 104 LYS A O   1 ? 
ATOM   788  C CB  . LYS A 1 107 ? 7.419   -0.338  0.963   1.000 11.593 0 104 LYS A CB  1 ? 
ATOM   789  C CG  . LYS A 1 107 ? 8.882   -0.095  0.703   1.000 15.943 0 104 LYS A CG  1 ? 
ATOM   790  C CD  . LYS A 1 107 ? 9.524   -1.404  0.195   1.000 19.189 0 104 LYS A CD  1 ? 
ATOM   791  C CE  . LYS A 1 107 ? 10.982  -1.251  -0.227  1.000 25.808 0 104 LYS A CE  1 ? 
ATOM   792  N NZ  . LYS A 1 107 ? 11.524  -2.531  -0.772  1.000 23.163 0 104 LYS A NZ  1 ? 
ATOM   793  N N   . GLY A 1 108 ? 4.573   0.721   0.519   1.000 6.812  0 105 GLY A N   1 ? 
ATOM   794  C CA  . GLY A 1 108 ? 3.325   0.101   0.145   1.000 6.235  0 105 GLY A CA  1 ? 
ATOM   795  C C   . GLY A 1 108 ? 3.561   -1.078  -0.788  1.000 7.397  0 105 GLY A C   1 ? 
ATOM   796  O O   . GLY A 1 108 ? 4.453   -0.979  -1.646  1.000 7.838  0 105 GLY A O   1 ? 
ATOM   797  N N   . GLN A 1 109 ? 2.769   -2.124  -0.594  1.000 6.928  0 106 GLN A N   1 ? 
ATOM   798  C CA  . GLN A 1 109 ? 2.835   -3.327  -1.379  1.000 6.665  0 106 GLN A CA  1 ? 
ATOM   799  C C   . GLN A 1 109 ? 1.446   -3.729  -1.846  1.000 7.246  0 106 GLN A C   1 ? 
ATOM   800  O O   . GLN A 1 109 ? 0.441   -3.334  -1.233  1.000 6.700  0 106 GLN A O   1 ? 
ATOM   801  C CB  . GLN A 1 109 ? 3.459   -4.493  -0.599  1.000 7.332  0 106 GLN A CB  1 ? 
ATOM   802  C CG  . GLN A 1 109 ? 4.855   -4.121  -0.130  1.000 7.716  0 106 GLN A CG  1 ? 
ATOM   803  C CD  . GLN A 1 109 ? 5.559   -5.342  0.483   1.000 8.539  0 106 GLN A CD  1 ? 
ATOM   804  O OE1 . GLN A 1 109 ? 4.999   -6.067  1.308   1.000 8.856  0 106 GLN A OE1 1 ? 
ATOM   805  N NE2 . GLN A 1 109 ? 6.727   -5.659  -0.065  1.000 9.840  0 106 GLN A NE2 1 ? 
ATOM   806  N N   . TRP A 1 110 ? 1.379   -4.563  -2.853  1.000 5.789  0 107 TRP A N   1 ? 
ATOM   807  C CA  . TRP A 1 110 ? 0.135   -5.087  -3.338  1.000 6.868  0 107 TRP A CA  1 ? 
ATOM   808  C C   . TRP A 1 110 ? 0.282   -6.561  -3.742  1.000 7.972  0 107 TRP A C   1 ? 
ATOM   809  O O   . TRP A 1 110 ? 1.370   -7.025  -4.006  1.000 7.873  0 107 TRP A O   1 ? 
ATOM   810  C CB  . TRP A 1 110 ? -0.540  -4.202  -4.377  1.000 6.180  0 107 TRP A CB  1 ? 
ATOM   811  C CG  . TRP A 1 110 ? 0.226   -3.919  -5.621  1.000 7.672  0 107 TRP A CG  1 ? 
ATOM   812  C CD1 . TRP A 1 110 ? 1.508   -4.275  -5.951  1.000 8.821  0 107 TRP A CD1 1 ? 
ATOM   813  C CD2 . TRP A 1 110 ? -0.245  -3.073  -6.695  1.000 7.675  0 107 TRP A CD2 1 ? 
ATOM   814  N NE1 . TRP A 1 110 ? 1.848   -3.739  -7.188  1.000 7.884  0 107 TRP A NE1 1 ? 
ATOM   815  C CE2 . TRP A 1 110 ? 0.772   -3.041  -7.674  1.000 8.956  0 107 TRP A CE2 1 ? 
ATOM   816  C CE3 . TRP A 1 110 ? -1.454  -2.418  -6.918  1.000 9.037  0 107 TRP A CE3 1 ? 
ATOM   817  C CZ2 . TRP A 1 110 ? 0.677   -2.235  -8.803  1.000 9.044  0 107 TRP A CZ2 1 ? 
ATOM   818  C CZ3 . TRP A 1 110 ? -1.579  -1.699  -8.074  1.000 10.555 0 107 TRP A CZ3 1 ? 
ATOM   819  C CH2 . TRP A 1 110 ? -0.535  -1.611  -9.002  1.000 9.952  0 107 TRP A CH2 1 ? 
ATOM   820  N N   . LYS A 1 111 ? -0.862  -7.246  -3.791  1.000 7.164  0 108 LYS A N   1 ? 
ATOM   821  C CA  . LYS A 1 111 ? -0.989  -8.677  -4.088  1.000 8.407  0 108 LYS A CA  1 ? 
ATOM   822  C C   . LYS A 1 111 ? -2.310  -8.810  -4.815  1.000 7.994  0 108 LYS A C   1 ? 
ATOM   823  O O   . LYS A 1 111 ? -3.314  -8.222  -4.427  1.000 7.703  0 108 LYS A O   1 ? 
ATOM   824  C CB  . LYS A 1 111 ? -0.931  -9.521  -2.776  1.000 10.565 0 108 LYS A CB  1 ? 
ATOM   825  C CG  . LYS A 1 111 ? -1.143  -11.001 -3.016  1.000 12.671 0 108 LYS A CG  1 ? 
ATOM   826  C CD  . LYS A 1 111 ? -1.350  -11.783 -1.757  1.000 15.177 0 108 LYS A CD  1 ? 
ATOM   827  C CE  . LYS A 1 111 ? -0.437  -11.507 -0.644  1.000 19.224 0 108 LYS A CE  1 ? 
ATOM   828  N NZ  . LYS A 1 111 ? -0.992  -12.266 0.549   1.000 20.515 0 108 LYS A NZ  1 ? 
ATOM   829  N N   . SER A 1 112 ? -2.376  -9.705  -5.794  1.000 7.312  0 109 SER A N   1 ? 
ATOM   830  C CA  . SER A 1 112 ? -3.613  -9.963  -6.501  1.000 7.122  0 109 SER A CA  1 ? 
ATOM   831  C C   . SER A 1 112 ? -4.609  -10.708 -5.616  1.000 7.261  0 109 SER A C   1 ? 
ATOM   832  O O   . SER A 1 112 ? -4.220  -11.589 -4.827  1.000 8.951  0 109 SER A O   1 ? 
ATOM   833  C CB  . SER A 1 112 ? -3.319  -10.871 -7.724  1.000 7.712  0 109 SER A CB  1 ? 
ATOM   834  O OG  . SER A 1 112 ? -2.507  -10.202 -8.675  1.000 9.016  0 109 SER A OG  1 ? 
ATOM   835  N N   . VAL A 1 113 ? -5.903  -10.412 -5.839  1.000 7.383  0 110 VAL A N   1 ? 
ATOM   836  C CA  . VAL A 1 113 ? -6.969  -11.297 -5.379  1.000 7.995  0 110 VAL A CA  1 ? 
ATOM   837  C C   . VAL A 1 113 ? -7.322  -12.187 -6.565  1.000 7.585  0 110 VAL A C   1 ? 
ATOM   838  O O   . VAL A 1 113 ? -7.671  -11.661 -7.609  1.000 6.306  0 110 VAL A O   1 ? 
ATOM   839  C CB  . VAL A 1 113 ? -8.205  -10.523 -4.890  1.000 7.514  0 110 VAL A CB  1 ? 
ATOM   840  C CG1 . VAL A 1 113 ? -9.316  -11.498 -4.533  1.000 7.978  0 110 VAL A CG1 1 ? 
ATOM   841  C CG2 . VAL A 1 113 ? -7.891  -9.603  -3.705  1.000 8.116  0 110 VAL A CG2 1 ? 
ATOM   842  N N   . ARG A 1 114 ? -7.274  -13.542 -6.389  1.000 8.132  0 111 ARG A N   1 ? 
ATOM   843  C CA  . ARG A 1 114 ? -7.719  -14.415 -7.458  1.000 8.625  0 111 ARG A CA  1 ? 
ATOM   844  C C   . ARG A 1 114 ? -7.157  -14.056 -8.850  1.000 8.023  0 111 ARG A C   1 ? 
ATOM   845  O O   . ARG A 1 114 ? -7.874  -14.085 -9.834  1.000 10.607 0 111 ARG A O   1 ? 
ATOM   846  C CB  . ARG A 1 114 ? -9.250  -14.477 -7.389  1.000 8.431  0 111 ARG A CB  1 ? 
ATOM   847  C CG  . ARG A 1 114 ? -9.771  -15.210 -6.173  1.000 9.133  0 111 ARG A CG  1 ? 
ATOM   848  C CD  . ARG A 1 114 ? -11.281 -15.321 -6.155  1.000 9.380  0 111 ARG A CD  1 ? 
ATOM   849  N NE  . ARG A 1 114 ? -11.880 -14.033 -5.885  1.000 8.238  0 111 ARG A NE  1 ? 
ATOM   850  C CZ  . ARG A 1 114 ? -12.121 -13.537 -4.662  1.000 7.820  0 111 ARG A CZ  1 ? 
ATOM   851  N NH1 . ARG A 1 114 ? -11.858 -14.245 -3.562  1.000 8.499  0 111 ARG A NH1 1 ? 
ATOM   852  N NH2 . ARG A 1 114 ? -12.661 -12.338 -4.564  1.000 7.255  0 111 ARG A NH2 1 ? 
ATOM   853  N N   . GLY A 1 115 ? -5.865  -13.777 -8.904  1.000 9.412  0 112 GLY A N   1 ? 
ATOM   854  C CA  . GLY A 1 115 ? -5.214  -13.675 -10.204 1.000 9.391  0 112 GLY A CA  1 ? 
ATOM   855  C C   . GLY A 1 115 ? -5.342  -12.294 -10.850 1.000 11.381 0 112 GLY A C   1 ? 
ATOM   856  O O   . GLY A 1 115 ? -4.928  -12.126 -11.977 1.000 11.973 0 112 GLY A O   1 ? 
ATOM   857  N N   . SER A 1 116 ? -5.977  -11.327 -10.137 1.000 9.097  0 113 SER A N   1 ? 
ATOM   858  C CA  . SER A 1 116 ? -6.320  -10.026 -10.703 1.000 7.507  0 113 SER A CA  1 ? 
ATOM   859  C C   . SER A 1 116 ? -5.094  -9.245  -11.155 1.000 6.705  0 113 SER A C   1 ? 
ATOM   860  O O   . SER A 1 116 ? -4.072  -9.240  -10.470 1.000 8.768  0 113 SER A O   1 ? 
ATOM   861  C CB  . SER A 1 116 ? -7.084  -9.131  -9.649  1.000 8.239  0 113 SER A CB  1 ? 
ATOM   862  O OG  . SER A 1 116 ? -8.343  -9.694  -9.283  1.000 7.526  0 113 SER A OG  1 ? 
ATOM   863  N N   . ALA A 1 117 ? -5.200  -8.604  -12.300 1.000 6.385  0 114 ALA A N   1 ? 
ATOM   864  C CA  . ALA A 1 117 ? -4.226  -7.592  -12.687 1.000 6.550  0 114 ALA A CA  1 ? 
ATOM   865  C C   . ALA A 1 117 ? -4.490  -6.336  -11.888 1.000 6.450  0 114 ALA A C   1 ? 
ATOM   866  O O   . ALA A 1 117 ? -5.643  -5.959  -11.707 1.000 6.957  0 114 ALA A O   1 ? 
ATOM   867  C CB  . ALA A 1 117 ? -4.233  -7.360  -14.153 1.000 8.076  0 114 ALA A CB  1 ? 
ATOM   868  N N   . MET A 1 118 ? -3.431  -5.657  -11.454 1.000 5.929  0 115 MET A N   1 ? 
ATOM   869  C CA  . MET A 1 118 ? -3.567  -4.567  -10.491 1.000 6.646  0 115 MET A CA  1 ? 
ATOM   870  C C   . MET A 1 118 ? -3.250  -3.244  -11.166 1.000 6.278  0 115 MET A C   1 ? 
ATOM   871  O O   . MET A 1 118 ? -2.188  -3.097  -11.804 1.000 6.295  0 115 MET A O   1 ? 
ATOM   872  C CB  . MET A 1 118 ? -2.537  -4.838  -9.386  1.000 6.883  0 115 MET A CB  1 ? 
ATOM   873  C CG  . MET A 1 118 ? -2.871  -6.191  -8.608  1.000 6.669  0 115 MET A CG  1 ? 
ATOM   874  S SD  . MET A 1 118 ? -1.909  -6.428  -7.145  1.000 8.440  0 115 MET A SD  1 ? 
ATOM   875  C CE  . MET A 1 118 ? -0.271  -6.702  -7.801  1.000 7.785  0 115 MET A CE  1 ? 
ATOM   876  N N   . HIS A 1 119 ? -4.158  -2.284  -10.988 1.000 6.246  0 116 HIS A N   1 ? 
ATOM   877  C CA  . HIS A 1 119 ? -4.062  -1.024  -11.714 1.000 6.142  0 116 HIS A CA  1 ? 
ATOM   878  C C   . HIS A 1 119 ? -4.028  0.202   -10.803 1.000 6.460  0 116 HIS A C   1 ? 
ATOM   879  O O   . HIS A 1 119 ? -5.028  0.481   -10.094 1.000 6.286  0 116 HIS A O   1 ? 
ATOM   880  C CB  . HIS A 1 119 ? -5.270  -0.909  -12.657 1.000 6.953  0 116 HIS A CB  1 ? 
ATOM   881  C CG  . HIS A 1 119 ? -5.452  -2.051  -13.614 1.000 8.198  0 116 HIS A CG  1 ? 
ATOM   882  N ND1 . HIS A 1 119 ? -5.078  -1.899  -14.959 1.000 10.800 0 116 HIS A ND1 1 ? 
ATOM   883  C CD2 . HIS A 1 119 ? -5.997  -3.251  -13.465 1.000 10.025 0 116 HIS A CD2 1 ? 
ATOM   884  C CE1 . HIS A 1 119 ? -5.368  -3.086  -15.551 1.000 10.210 0 116 HIS A CE1 1 ? 
ATOM   885  N NE2 . HIS A 1 119 ? -5.968  -3.878  -14.701 1.000 10.195 0 116 HIS A NE2 1 ? 
ATOM   886  N N   . ILE A 1 120 ? -2.960  0.989   -10.939 1.000 6.772  0 117 ILE A N   1 ? 
ATOM   887  C CA  . ILE A 1 120 ? -2.884  2.373   -10.465 1.000 6.408  0 117 ILE A CA  1 ? 
ATOM   888  C C   . ILE A 1 120 ? -2.549  3.234   -11.693 1.000 7.328  0 117 ILE A C   1 ? 
ATOM   889  O O   . ILE A 1 120 ? -1.534  2.949   -12.361 1.000 6.995  0 117 ILE A O   1 ? 
ATOM   890  C CB  . ILE A 1 120 ? -1.848  2.515   -9.334  1.000 5.906  0 117 ILE A CB  1 ? 
ATOM   891  C CG1 . ILE A 1 120 ? -2.337  1.865   -8.028  1.000 6.337  0 117 ILE A CG1 1 ? 
ATOM   892  C CG2 . ILE A 1 120 ? -1.484  3.977   -9.111  1.000 5.974  0 117 ILE A CG2 1 ? 
ATOM   893  C CD1 . ILE A 1 120 ? -1.270  1.720   -6.995  1.000 6.098  0 117 ILE A CD1 1 ? 
ATOM   894  N N   . ASP A 1 121 ? -3.405  4.212   -11.984 1.000 6.648  0 118 ASP A N   1 ? 
ATOM   895  C CA  . ASP A 1 121 ? -3.145  5.107   -13.135 1.000 6.361  0 118 ASP A CA  1 ? 
ATOM   896  C C   . ASP A 1 121 ? -3.468  6.553   -12.759 1.000 6.092  0 118 ASP A C   1 ? 
ATOM   897  O O   . ASP A 1 121 ? -3.799  7.364   -13.609 1.000 7.012  0 118 ASP A O   1 ? 
ATOM   898  C CB  . ASP A 1 121 ? -3.959  4.648   -14.340 1.000 6.772  0 118 ASP A CB  1 ? 
ATOM   899  C CG  . ASP A 1 121 ? -5.454  4.654   -14.116 1.000 7.521  0 118 ASP A CG  1 ? 
ATOM   900  O OD1 . ASP A 1 121 ? -5.871  5.004   -13.031 1.000 7.773  0 118 ASP A OD1 1 ? 
ATOM   901  O OD2 . ASP A 1 121 ? -6.162  4.279   -15.119 1.000 7.469  0 118 ASP A OD2 1 ? 
ATOM   902  N N   . SER A 1 122 ? -3.406  6.817   -11.460 1.000 5.124  0 119 SER A N   1 ? 
ATOM   903  C CA  . SER A 1 122 ? -3.632  8.164   -10.962 1.000 5.922  0 119 SER A CA  1 ? 
ATOM   904  C C   . SER A 1 122 ? -3.014  8.224   -9.568  1.000 6.024  0 119 SER A C   1 ? 
ATOM   905  O O   . SER A 1 122 ? -2.366  7.281   -9.144  1.000 6.437  0 119 SER A O   1 ? 
ATOM   906  C CB  . SER A 1 122 ? -5.135  8.502   -10.976 1.000 6.809  0 119 SER A CB  1 ? 
ATOM   907  O OG  . SER A 1 122 ? -5.857  7.675   -10.054 1.000 6.418  0 119 SER A OG  1 ? 
ATOM   908  N N   . TYR A 1 123 ? -3.109  9.413   -8.924  1.000 5.857  0 120 TYR A N   1 ? 
ATOM   909  C CA  . TYR A 1 123 ? -2.465  9.667   -7.648  1.000 6.075  0 120 TYR A CA  1 ? 
ATOM   910  C C   . TYR A 1 123 ? -2.668  8.543   -6.628  1.000 5.527  0 120 TYR A C   1 ? 
ATOM   911  O O   . TYR A 1 123 ? -3.796  8.091   -6.392  1.000 4.922  0 120 TYR A O   1 ? 
ATOM   912  C CB  . TYR A 1 123 ? -3.042  10.966  -7.099  1.000 6.187  0 120 TYR A CB  1 ? 
ATOM   913  C CG  . TYR A 1 123 ? -2.460  11.412  -5.775  1.000 5.957  0 120 TYR A CG  1 ? 
ATOM   914  C CD1 . TYR A 1 123 ? -1.319  12.170  -5.737  1.000 6.925  0 120 TYR A CD1 1 ? 
ATOM   915  C CD2 . TYR A 1 123 ? -3.054  10.992  -4.594  1.000 5.886  0 120 TYR A CD2 1 ? 
ATOM   916  C CE1 . TYR A 1 123 ? -0.796  12.524  -4.495  1.000 6.899  0 120 TYR A CE1 1 ? 
ATOM   917  C CE2 . TYR A 1 123 ? -2.527  11.333  -3.370  1.000 6.622  0 120 TYR A CE2 1 ? 
ATOM   918  C CZ  . TYR A 1 123 ? -1.428  12.185  -3.334  1.000 6.756  0 120 TYR A CZ  1 ? 
ATOM   919  O OH  . TYR A 1 123 ? -0.924  12.539  -2.084  1.000 8.812  0 120 TYR A OH  1 ? 
ATOM   920  N N   . ALA A 1 124 ? -1.596  8.236   -5.918  1.000 6.223  0 121 ALA A N   1 ? 
ATOM   921  C CA  . ALA A 1 124 ? -1.586  7.371   -4.779  1.000 6.559  0 121 ALA A CA  1 ? 
ATOM   922  C C   . ALA A 1 124 ? -0.462  7.836   -3.890  1.000 6.163  0 121 ALA A C   1 ? 
ATOM   923  O O   . ALA A 1 124 ? 0.526   8.388   -4.390  1.000 7.614  0 121 ALA A O   1 ? 
ATOM   924  C CB  . ALA A 1 124 ? -1.441  5.888   -5.201  1.000 6.900  0 121 ALA A CB  1 ? 
ATOM   925  N N   . SER A 1 125 ? -0.641  7.664   -2.561  1.000 6.489  0 122 SER A N   1 ? 
ATOM   926  C CA  . SER A 1 125 ? 0.351   8.181   -1.640  1.000 6.524  0 122 SER A CA  1 ? 
ATOM   927  C C   . SER A 1 125 ? 0.706   7.215   -0.518  1.000 6.160  0 122 SER A C   1 ? 
ATOM   928  O O   . SER A 1 125 ? -0.117  6.421   -0.059  1.000 5.806  0 122 SER A O   1 ? 
ATOM   929  C CB  . SER A 1 125 ? -0.102  9.512   -1.028  1.000 7.330  0 122 SER A CB  1 ? 
ATOM   930  O OG  . SER A 1 125 ? -1.220  9.354   -0.273  1.000 8.778  0 122 SER A OG  1 ? 
ATOM   931  N N   . LEU A 1 126 ? 1.907   7.436   0.035   1.000 6.043  0 123 LEU A N   1 ? 
ATOM   932  C CA  . LEU A 1 126 ? 2.353   6.840   1.306   1.000 6.856  0 123 LEU A CA  1 ? 
ATOM   933  C C   . LEU A 1 126 ? 2.823   7.954   2.189   1.000 7.407  0 123 LEU A C   1 ? 
ATOM   934  O O   . LEU A 1 126 ? 3.732   8.658   1.780   1.000 8.065  0 123 LEU A O   1 ? 
ATOM   935  C CB  . LEU A 1 126 ? 3.419   5.789   1.066   1.000 6.755  0 123 LEU A CB  1 ? 
ATOM   936  C CG  . LEU A 1 126 ? 3.926   5.021   2.296   1.000 6.799  0 123 LEU A CG  1 ? 
ATOM   937  C CD1 . LEU A 1 126 ? 2.808   4.076   2.815   1.000 7.330  0 123 LEU A CD1 1 ? 
ATOM   938  C CD2 . LEU A 1 126 ? 5.176   4.237   1.891   1.000 7.856  0 123 LEU A CD2 1 ? 
ATOM   939  N N   . SER A 1 127 ? 2.265   8.047   3.398   1.000 7.464  0 124 SER A N   1 ? 
ATOM   940  C CA  . SER A 1 127 ? 2.468   9.176   4.298   1.000 7.525  0 124 SER A CA  1 ? 
ATOM   941  C C   . SER A 1 127 ? 2.848   8.683   5.677   1.000 8.236  0 124 SER A C   1 ? 
ATOM   942  O O   . SER A 1 127 ? 2.405   7.602   6.051   1.000 7.694  0 124 SER A O   1 ? 
ATOM   943  C CB  . SER A 1 127 ? 1.203   10.080  4.396   1.000 7.819  0 124 SER A CB  1 ? 
ATOM   944  O OG  . SER A 1 127 ? 0.721   10.369  3.100   1.000 12.063 0 124 SER A OG  1 ? 
ATOM   945  N N   . ALA A 1 128 ? 3.699   9.437   6.419   1.000 8.644  0 125 ALA A N   1 ? 
ATOM   946  C CA  . ALA A 1 128 ? 3.960   9.058   7.801   1.000 9.805  0 125 ALA A CA  1 ? 
ATOM   947  C C   . ALA A 1 128 ? 4.100   10.311  8.645   1.000 10.439 0 125 ALA A C   1 ? 
ATOM   948  O O   . ALA A 1 128 ? 4.702   11.254  8.205   1.000 11.414 0 125 ALA A O   1 ? 
ATOM   949  C CB  . ALA A 1 128 ? 5.179   8.151   7.887   1.000 10.923 0 125 ALA A CB  1 ? 
ATOM   950  N N   . ILE A 1 129 ? 3.702   10.220  9.890   1.000 9.710  0 126 ILE A N   1 ? 
ATOM   951  C CA  . ILE A 1 129 ? 3.978   11.242  10.882  1.000 11.058 0 126 ILE A CA  1 ? 
ATOM   952  C C   . ILE A 1 129 ? 4.780   10.572  11.977  1.000 11.279 0 126 ILE A C   1 ? 
ATOM   953  O O   . ILE A 1 129 ? 4.384   9.520   12.450  1.000 10.144 0 126 ILE A O   1 ? 
ATOM   954  C CB  . ILE A 1 129 ? 2.655   11.824  11.417  1.000 13.590 0 126 ILE A CB  1 ? 
ATOM   955  C CG1 . ILE A 1 129 ? 1.899   12.529  10.307  1.000 16.425 0 126 ILE A CG1 1 ? 
ATOM   956  C CG2 . ILE A 1 129 ? 2.918   12.705  12.611  1.000 15.088 0 126 ILE A CG2 1 ? 
ATOM   957  C CD1 . ILE A 1 129 ? 0.593   13.027  10.723  1.000 18.848 0 126 ILE A CD1 1 ? 
ATOM   958  N N   . TRP A 1 130 ? 5.899   11.178  12.334  1.000 11.814 0 127 TRP A N   1 ? 
ATOM   959  C CA  . TRP A 1 130 ? 6.766   10.674  13.384  1.000 12.629 0 127 TRP A CA  1 ? 
ATOM   960  C C   . TRP A 1 130 ? 6.418   11.305  14.719  1.000 13.350 0 127 TRP A C   1 ? 
ATOM   961  O O   . TRP A 1 130 ? 6.368   12.535  14.838  1.000 16.675 0 127 TRP A O   1 ? 
ATOM   962  C CB  . TRP A 1 130 ? 8.193   10.983  13.014  1.000 14.879 0 127 TRP A CB  1 ? 
ATOM   963  C CG  . TRP A 1 130 ? 9.183   10.491  14.028  1.000 18.720 0 127 TRP A CG  1 ? 
ATOM   964  C CD1 . TRP A 1 130 ? 9.197   9.280   14.631  1.000 22.577 0 127 TRP A CD1 1 ? 
ATOM   965  C CD2 . TRP A 1 130 ? 10.349  11.193  14.486  1.000 28.206 0 127 TRP A CD2 1 ? 
ATOM   966  N NE1 . TRP A 1 130 ? 10.255  9.189   15.502  1.000 26.279 0 127 TRP A NE1 1 ? 
ATOM   967  C CE2 . TRP A 1 130 ? 10.987  10.338  15.417  1.000 27.790 0 127 TRP A CE2 1 ? 
ATOM   968  C CE3 . TRP A 1 130 ? 10.912  12.444  14.199  1.000 29.796 0 127 TRP A CE3 1 ? 
ATOM   969  C CZ2 . TRP A 1 130 ? 12.163  10.716  16.073  1.000 38.212 0 127 TRP A CZ2 1 ? 
ATOM   970  C CZ3 . TRP A 1 130 ? 12.079  12.810  14.848  1.000 40.080 0 127 TRP A CZ3 1 ? 
ATOM   971  C CH2 . TRP A 1 130 ? 12.677  11.967  15.791  1.000 36.179 0 127 TRP A CH2 1 ? 
ATOM   972  N N   . GLY A 1 131 ? 6.205   10.465  15.722  1.000 14.067 0 128 GLY A N   1 ? 
ATOM   973  C CA  . GLY A 1 131 ? 5.894   10.933  17.068  1.000 15.451 0 128 GLY A CA  1 ? 
ATOM   974  C C   . GLY A 1 131 ? 6.848   10.287  18.054  1.000 20.071 0 128 GLY A C   1 ? 
ATOM   975  O O   . GLY A 1 131 ? 7.269   9.176   17.872  1.000 19.138 0 128 GLY A O   1 ? 
ATOM   976  N N   . THR A 1 132 ? 7.373   11.073  19.001  1.000 24.408 0 129 THR A N   1 ? 
ATOM   977  C CA  . THR A 1 132 ? 8.403   10.571  19.912  1.000 29.418 0 129 THR A CA  1 ? 
ATOM   978  C C   . THR A 1 132 ? 7.956   11.039  21.293  1.000 32.470 0 129 THR A C   1 ? 
ATOM   979  O O   . THR A 1 132 ? 7.421   12.141  21.382  1.000 31.505 0 129 THR A O   1 ? 
ATOM   980  C CB  . THR A 1 132 ? 9.831   11.026  19.542  1.000 31.932 0 129 THR A CB  1 ? 
ATOM   981  O OG1 . THR A 1 132 ? 10.732  10.542  20.550  1.000 31.063 0 129 THR A OG1 1 ? 
ATOM   982  C CG2 . THR A 1 132 ? 9.989   12.534  19.457  1.000 35.990 0 129 THR A CG2 1 ? 
ATOM   983  N N   . ALA A 1 133 ? 8.124   10.204  22.341  1.000 32.073 0 130 ALA A N   1 ? 
ATOM   984  C CA  . ALA A 1 133 ? 7.791   10.646  23.698  1.000 34.608 0 130 ALA A CA  1 ? 
ATOM   985  C C   . ALA A 1 133 ? 8.858   11.594  24.273  1.000 35.471 0 130 ALA A C   1 ? 
ATOM   986  O O   . ALA A 1 133 ? 8.650   12.152  25.357  1.000 41.935 0 130 ALA A O   1 ? 
ATOM   987  C CB  . ALA A 1 133 ? 7.593   9.449   24.626  1.000 29.168 0 130 ALA A CB  1 ? 
ATOM   988  N N   . ALA A 1 134 ? 10.043  11.689  23.649  1.000 34.861 0 131 ALA A N   1 ? 
ATOM   989  C CA  . ALA A 1 134 ? 11.155  12.462  24.208  1.000 35.857 0 131 ALA A CA  1 ? 
ATOM   990  C C   . ALA A 1 134 ? 10.853  13.978  24.145  1.000 44.958 0 131 ALA A C   1 ? 
ATOM   991  O O   . ALA A 1 134 ? 9.977   14.361  23.331  1.000 44.000 0 131 ALA A O   1 ? 
ATOM   992  C CB  . ALA A 1 134 ? 12.413  12.121  23.448  1.000 43.829 0 131 ALA A CB  1 ? 
ATOM   993  O OXT . ALA A 1 134 ? 11.507  14.753  24.888  1.000 32.499 0 131 ALA A OXT 1 ? 
HETATM 994  N N1  . R7E B 2 .   ? -11.418 5.789   -15.380 1.000 7.931  0 201 R7E A N1  1 ? 
HETATM 995  C C4  . R7E B 2 .   ? -13.666 2.352   -14.714 1.000 7.096  0 201 R7E A C4  1 ? 
HETATM 996  C C5  . R7E B 2 .   ? -12.454 2.343   -15.631 1.000 8.150  0 201 R7E A C5  1 ? 
HETATM 997  C C6  . R7E B 2 .   ? -11.612 1.110   -15.399 1.000 7.407  0 201 R7E A C6  1 ? 
HETATM 998  C C7  . R7E B 2 .   ? -10.413 6.017   -16.227 1.000 8.727  0 201 R7E A C7  1 ? 
HETATM 999  C C8  . R7E B 2 .   ? -9.433  7.013   -15.860 1.000 8.155  0 201 R7E A C8  1 ? 
HETATM 1000 C C10 . R7E B 2 .   ? -7.783  8.457   -15.688 1.000 9.989  0 201 R7E A C10 1 ? 
HETATM 1001 C C13 . R7E B 2 .   ? -7.806  10.501  -13.351 1.000 9.824  0 201 R7E A C13 1 ? 
HETATM 1002 C C15 . R7E B 2 .   ? -8.103  10.841  -11.011 1.000 10.606 0 201 R7E A C15 1 ? 
HETATM 1003 C C17 . R7E B 2 .   ? -8.830  8.794   -12.120 1.000 10.725 0 201 R7E A C17 1 ? 
HETATM 1004 C C1  . R7E B 2 .   ? -12.300 4.717   -15.604 1.000 7.728  0 201 R7E A C1  1 ? 
HETATM 1005 O O5  . R7E B 2 .   ? -11.673 3.519   -15.326 1.000 7.820  0 201 R7E A O5  1 ? 
HETATM 1006 C C3  . R7E B 2 .   ? -14.447 3.631   -14.873 1.000 7.864  0 201 R7E A C3  1 ? 
HETATM 1007 O O3  . R7E B 2 .   ? -15.563 3.690   -13.986 1.000 7.415  0 201 R7E A O3  1 ? 
HETATM 1008 C C2  . R7E B 2 .   ? -13.564 4.864   -14.736 1.000 7.490  0 201 R7E A C2  1 ? 
HETATM 1009 O O2  . R7E B 2 .   ? -14.295 6.065   -15.031 1.000 7.295  0 201 R7E A O2  1 ? 
HETATM 1010 O O4  . R7E B 2 .   ? -13.271 2.293   -13.339 1.000 6.893  0 201 R7E A O4  1 ? 
HETATM 1011 O O7  . R7E B 2 .   ? -10.303 5.396   -17.312 1.000 9.942  0 201 R7E A O7  1 ? 
HETATM 1012 O O8  . R7E B 2 .   ? -9.563  7.655   -14.668 1.000 8.260  0 201 R7E A O8  1 ? 
HETATM 1013 C C11 . R7E B 2 .   ? -8.503  8.501   -14.567 1.000 8.212  0 201 R7E A C11 1 ? 
HETATM 1014 C C9  . R7E B 2 .   ? -8.366  7.480   -16.510 1.000 8.459  0 201 R7E A C9  1 ? 
HETATM 1015 C C12 . R7E B 2 .   ? -8.359  9.247   -13.318 1.000 9.145  0 201 R7E A C12 1 ? 
HETATM 1016 C C16 . R7E B 2 .   ? -8.721  9.580   -10.970 1.000 11.529 0 201 R7E A C16 1 ? 
HETATM 1017 C C14 . R7E B 2 .   ? -7.658  11.305  -12.225 1.000 11.771 0 201 R7E A C14 1 ? 
HETATM 1018 C C18 . R7E B 2 .   ? -6.928  12.605  -12.420 1.000 11.926 0 201 R7E A C18 1 ? 
HETATM 1019 N N2  . R7E B 2 .   ? -5.374  12.496  -12.564 1.000 12.944 0 201 R7E A N2  1 ? 
HETATM 1020 O O   . HOH C 3 .   ? -4.006  -14.477 -6.982  1.000 20.929 0 301 HOH A O   1 ? 
HETATM 1021 O O   . HOH C 3 .   ? -1.859  -13.742 -9.181  0.500 17.679 0 302 HOH A O   1 ? 
HETATM 1022 O O   . HOH C 3 .   ? 9.436   -10.433 7.998   0.330 2.000  0 303 HOH A O   1 ? 
HETATM 1023 O O   . HOH C 3 .   ? 4.095   -8.552  10.659  0.500 11.788 0 304 HOH A O   1 ? 
HETATM 1024 O O   . HOH C 3 .   ? -23.851 -2.457  -16.367 1.000 16.735 0 305 HOH A O   1 ? 
HETATM 1025 O O   . HOH C 3 .   ? 2.796   -18.573 -8.683  1.000 38.249 0 306 HOH A O   1 ? 
HETATM 1026 O O   . HOH C 3 .   ? 0.316   -6.472  12.436  1.000 31.019 0 307 HOH A O   1 ? 
HETATM 1027 O O   . HOH C 3 .   ? -17.218 1.796   -14.047 1.000 10.597 0 308 HOH A O   1 ? 
HETATM 1028 O O   . HOH C 3 .   ? -5.942  2.238   -16.621 1.000 15.363 0 309 HOH A O   1 ? 
HETATM 1029 O O   . HOH C 3 .   ? 13.283  10.034  4.218   1.000 28.887 0 310 HOH A O   1 ? 
HETATM 1030 O O   . HOH C 3 .   ? -4.668  14.887  -13.098 1.000 24.499 0 311 HOH A O   1 ? 
HETATM 1031 O O   . HOH C 3 .   ? 13.848  -1.716  -1.496  1.000 34.611 0 312 HOH A O   1 ? 
HETATM 1032 O O   . HOH C 3 .   ? -3.557  -13.984 -4.185  1.000 32.623 0 313 HOH A O   1 ? 
HETATM 1033 O O   . HOH C 3 .   ? 14.474  -7.022  5.160   1.000 31.100 0 314 HOH A O   1 ? 
HETATM 1034 O O   . HOH C 3 .   ? -0.958  8.555   2.336   1.000 8.458  0 315 HOH A O   1 ? 
HETATM 1035 O O   . HOH C 3 .   ? -3.976  8.575   -15.889 1.000 8.790  0 316 HOH A O   1 ? 
HETATM 1036 O O   . HOH C 3 .   ? 0.892   12.507  1.642   1.000 13.741 0 317 HOH A O   1 ? 
HETATM 1037 O O   . HOH C 3 .   ? 9.404   14.925  4.441   1.000 31.581 0 318 HOH A O   1 ? 
HETATM 1038 O O   . HOH C 3 .   ? 1.116   -12.569 2.062   1.000 23.846 0 319 HOH A O   1 ? 
HETATM 1039 O O   . HOH C 3 .   ? 10.269  -4.591  0.232   1.000 20.030 0 320 HOH A O   1 ? 
HETATM 1040 O O   . HOH C 3 .   ? 8.185   -3.497  11.244  1.000 22.015 0 321 HOH A O   1 ? 
HETATM 1041 O O   . HOH C 3 .   ? -0.695  -10.264 5.977   1.000 22.101 0 322 HOH A O   1 ? 
HETATM 1042 O O   A HOH C 3 .   ? 8.388   8.224   -4.717  0.500 13.673 0 323 HOH A O   1 ? 
HETATM 1043 O O   B HOH C 3 .   ? 7.675   8.400   -5.497  0.500 11.038 0 323 HOH A O   1 ? 
HETATM 1044 O O   . HOH C 3 .   ? 4.296   13.191  -1.622  1.000 27.137 0 324 HOH A O   1 ? 
HETATM 1045 O O   . HOH C 3 .   ? -2.872  11.562  10.160  0.330 17.208 0 325 HOH A O   1 ? 
HETATM 1046 O O   . HOH C 3 .   ? -20.394 -5.534  -9.578  1.000 26.901 0 326 HOH A O   1 ? 
HETATM 1047 O O   . HOH C 3 .   ? -3.154  -11.287 1.760   1.000 16.508 0 327 HOH A O   1 ? 
HETATM 1048 O O   . HOH C 3 .   ? -5.556  5.418   -17.457 1.000 17.737 0 328 HOH A O   1 ? 
HETATM 1049 O O   . HOH C 3 .   ? -3.839  -14.049 -13.481 1.000 29.361 0 329 HOH A O   1 ? 
HETATM 1050 O O   . HOH C 3 .   ? -0.843  -0.485  -12.295 1.000 7.873  0 330 HOH A O   1 ? 
HETATM 1051 O O   . HOH C 3 .   ? -1.831  -15.372 -3.237  1.000 21.296 0 331 HOH A O   1 ? 
HETATM 1052 O O   . HOH C 3 .   ? 15.824  3.916   11.137  1.000 23.590 0 332 HOH A O   1 ? 
HETATM 1053 O O   A HOH C 3 .   ? -0.868  1.765   -14.805 0.500 13.088 0 333 HOH A O   1 ? 
HETATM 1054 O O   B HOH C 3 .   ? -1.937  1.460   -14.882 0.500 11.150 0 333 HOH A O   1 ? 
HETATM 1055 O O   . HOH C 3 .   ? -19.715 -9.044  -17.039 1.000 33.380 0 334 HOH A O   1 ? 
HETATM 1056 O O   . HOH C 3 .   ? -6.109  8.846   -7.593  1.000 7.049  0 335 HOH A O   1 ? 
HETATM 1057 O O   . HOH C 3 .   ? 1.251   -16.317 -1.559  1.000 28.735 0 336 HOH A O   1 ? 
HETATM 1058 O O   . HOH C 3 .   ? 7.503   0.418   -2.755  1.000 10.847 0 337 HOH A O   1 ? 
HETATM 1059 O O   . HOH C 3 .   ? 3.687   -4.226  -16.708 1.000 17.963 0 338 HOH A O   1 ? 
HETATM 1060 O O   . HOH C 3 .   ? 12.409  8.561   1.557   1.000 24.594 0 339 HOH A O   1 ? 
HETATM 1061 O O   . HOH C 3 .   ? -5.006  10.882  -14.743 1.000 11.201 0 340 HOH A O   1 ? 
HETATM 1062 O O   . HOH C 3 .   ? -4.902  -8.528  8.304   1.000 9.539  0 341 HOH A O   1 ? 
HETATM 1063 O O   . HOH C 3 .   ? 0.072   9.609   9.080   1.000 11.571 0 342 HOH A O   1 ? 
HETATM 1064 O O   A HOH C 3 .   ? 5.886   -8.588  1.981   0.500 11.791 0 343 HOH A O   1 ? 
HETATM 1065 O O   B HOH C 3 .   ? 6.471   -7.899  2.358   0.500 22.245 0 343 HOH A O   1 ? 
HETATM 1066 O O   . HOH C 3 .   ? -1.258  6.709   15.496  1.000 17.447 0 344 HOH A O   1 ? 
HETATM 1067 O O   . HOH C 3 .   ? 11.039  3.729   20.077  1.000 28.294 0 345 HOH A O   1 ? 
HETATM 1068 O O   . HOH C 3 .   ? -5.271  4.886   -9.761  1.000 6.654  0 346 HOH A O   1 ? 
HETATM 1069 O O   . HOH C 3 .   ? 5.291   3.854   -9.884  1.000 14.868 0 347 HOH A O   1 ? 
HETATM 1070 O O   . HOH C 3 .   ? -3.907  0.349   -16.065 1.000 18.419 0 348 HOH A O   1 ? 
HETATM 1071 O O   . HOH C 3 .   ? 11.248  -1.665  -4.948  1.000 27.887 0 349 HOH A O   1 ? 
HETATM 1072 O O   . HOH C 3 .   ? -12.578 -7.879  -14.519 1.000 23.010 0 350 HOH A O   1 ? 
HETATM 1073 O O   . HOH C 3 .   ? -12.772 7.881   -13.578 1.000 9.582  0 351 HOH A O   1 ? 
HETATM 1074 O O   . HOH C 3 .   ? 1.129   14.320  -1.491  1.000 16.280 0 352 HOH A O   1 ? 
HETATM 1075 O O   . HOH C 3 .   ? -17.722 -4.780  -3.769  1.000 9.348  0 353 HOH A O   1 ? 
HETATM 1076 O O   . HOH C 3 .   ? 4.957   5.506   -12.858 1.000 16.864 0 354 HOH A O   1 ? 
HETATM 1077 O O   . HOH C 3 .   ? 3.398   -12.039 0.404   1.000 14.415 0 355 HOH A O   1 ? 
HETATM 1078 O O   . HOH C 3 .   ? 6.339   -10.283 0.177   1.000 26.820 0 356 HOH A O   1 ? 
HETATM 1079 O O   . HOH C 3 .   ? 9.971   2.020   -5.159  1.000 20.833 0 357 HOH A O   1 ? 
HETATM 1080 O O   . HOH C 3 .   ? -14.594 -6.932  -15.980 1.000 24.697 0 358 HOH A O   1 ? 
HETATM 1081 O O   . HOH C 3 .   ? 2.443   6.924   -16.556 1.000 8.057  0 359 HOH A O   1 ? 
HETATM 1082 O O   . HOH C 3 .   ? 3.703   -10.024 8.333   1.000 31.306 0 360 HOH A O   1 ? 
HETATM 1083 O O   . HOH C 3 .   ? 4.544   -3.848  -8.436  1.000 6.665  0 361 HOH A O   1 ? 
HETATM 1084 O O   . HOH C 3 .   ? 1.832   12.111  -7.296  1.000 19.424 0 362 HOH A O   1 ? 
HETATM 1085 O O   . HOH C 3 .   ? -1.087  8.536   -14.814 1.000 7.837  0 363 HOH A O   1 ? 
HETATM 1086 O O   . HOH C 3 .   ? 9.190   12.546  2.781   1.000 19.419 0 364 HOH A O   1 ? 
HETATM 1087 O O   . HOH C 3 .   ? -21.442 -8.939  -13.566 1.000 29.916 0 365 HOH A O   1 ? 
HETATM 1088 O O   . HOH C 3 .   ? 11.921  -5.247  -3.676  1.000 15.541 0 366 HOH A O   1 ? 
HETATM 1089 O O   . HOH C 3 .   ? -4.999  5.541   -6.933  1.000 7.148  0 367 HOH A O   1 ? 
HETATM 1090 O O   . HOH C 3 .   ? -10.364 -12.486 -10.431 1.000 13.763 0 368 HOH A O   1 ? 
HETATM 1091 O O   . HOH C 3 .   ? 4.305   7.911   -10.729 1.000 14.640 0 369 HOH A O   1 ? 
HETATM 1092 O O   . HOH C 3 .   ? -6.493  -14.766 -3.898  1.000 17.478 0 370 HOH A O   1 ? 
HETATM 1093 O O   A HOH C 3 .   ? -10.060 5.302   0.685   0.500 10.669 0 371 HOH A O   1 ? 
HETATM 1094 O O   B HOH C 3 .   ? -9.522  5.725   0.191   0.500 11.058 0 371 HOH A O   1 ? 
HETATM 1095 O O   . HOH C 3 .   ? 5.525   -1.782  15.214  1.000 27.198 0 372 HOH A O   1 ? 
HETATM 1096 O O   . HOH C 3 .   ? -13.530 0.794   -2.192  1.000 21.893 0 373 HOH A O   1 ? 
HETATM 1097 O O   . HOH C 3 .   ? 5.643   -10.081 6.262   1.000 20.487 0 374 HOH A O   1 ? 
HETATM 1098 O O   . HOH C 3 .   ? 19.459  6.312   10.878  1.000 23.708 0 375 HOH A O   1 ? 
HETATM 1099 O O   . HOH C 3 .   ? 3.210   -14.576 -8.211  1.000 17.849 0 376 HOH A O   1 ? 
HETATM 1100 O O   . HOH C 3 .   ? 8.615   -6.548  -3.280  1.000 12.836 0 377 HOH A O   1 ? 
HETATM 1101 O O   . HOH C 3 .   ? -23.641 -8.223  -6.921  1.000 17.144 0 378 HOH A O   1 ? 
HETATM 1102 O O   . HOH C 3 .   ? -18.867 -4.821  -7.556  1.000 14.859 0 379 HOH A O   1 ? 
HETATM 1103 O O   . HOH C 3 .   ? -8.472  -13.584 -12.727 1.000 19.916 0 380 HOH A O   1 ? 
HETATM 1104 O O   . HOH C 3 .   ? -11.690 -19.009 -6.358  1.000 41.843 0 381 HOH A O   1 ? 
HETATM 1105 O O   . HOH C 3 .   ? -20.497 -11.689 -12.992 1.000 22.486 0 382 HOH A O   1 ? 
HETATM 1106 O O   . HOH C 3 .   ? -7.313  -1.890  -18.437 1.000 40.035 0 383 HOH A O   1 ? 
HETATM 1107 O O   . HOH C 3 .   ? -10.550 -16.867 -3.034  1.000 23.576 0 384 HOH A O   1 ? 
HETATM 1108 O O   . HOH C 3 .   ? -17.446 -16.107 -15.922 1.000 35.304 0 385 HOH A O   1 ? 
HETATM 1109 O O   . HOH C 3 .   ? 1.431   -1.002  -17.381 1.000 15.076 0 386 HOH A O   1 ? 
HETATM 1110 O O   . HOH C 3 .   ? 9.631   -5.810  2.901   1.000 24.807 0 387 HOH A O   1 ? 
HETATM 1111 O O   . HOH C 3 .   ? -12.308 3.837   1.222   0.330 21.140 0 388 HOH A O   1 ? 
HETATM 1112 O O   . HOH C 3 .   ? 1.899   -16.233 -10.241 1.000 33.842 0 389 HOH A O   1 ? 
HETATM 1113 O O   . HOH C 3 .   ? 0.575   -3.080  12.976  1.000 27.070 0 390 HOH A O   1 ? 
HETATM 1114 O O   . HOH C 3 .   ? 15.330  1.701   13.666  1.000 38.320 0 391 HOH A O   1 ? 
HETATM 1115 O O   . HOH C 3 .   ? 0.321   -13.899 -10.310 1.000 32.390 0 392 HOH A O   1 ? 
HETATM 1116 O O   . HOH C 3 .   ? 10.048  17.263  25.656  1.000 35.386 0 393 HOH A O   1 ? 
HETATM 1117 O O   A HOH C 3 .   ? 6.747   11.887  -4.071  0.500 15.035 0 394 HOH A O   1 ? 
HETATM 1118 O O   B HOH C 3 .   ? 7.238   10.946  -4.196  0.500 6.953  0 394 HOH A O   1 ? 
HETATM 1119 O O   . HOH C 3 .   ? 6.422   -8.289  10.013  1.000 20.409 0 395 HOH A O   1 ? 
HETATM 1120 O O   . HOH C 3 .   ? -1.999  -15.064 -0.195  1.000 24.403 0 396 HOH A O   1 ? 
HETATM 1121 O O   . HOH C 3 .   ? 7.335   15.689  3.356   1.000 34.418 0 397 HOH A O   1 ? 
HETATM 1122 O O   . HOH C 3 .   ? 16.883  13.685  12.263  1.000 42.013 0 398 HOH A O   1 ? 
HETATM 1123 O O   . HOH C 3 .   ? -17.143 2.695   -17.170 1.000 33.658 0 399 HOH A O   1 ? 
HETATM 1124 O O   . HOH C 3 .   ? -0.943  -7.595  8.477   1.000 20.316 0 400 HOH A O   1 ? 
HETATM 1125 O O   . HOH C 3 .   ? 7.102   -10.628 7.990   0.670 14.005 0 401 HOH A O   1 ? 
HETATM 1126 O O   . HOH C 3 .   ? -15.234 1.483   -18.429 1.000 37.941 0 402 HOH A O   1 ? 
HETATM 1127 O O   . HOH C 3 .   ? -14.104 -2.168  -17.485 1.000 32.713 0 403 HOH A O   1 ? 
HETATM 1128 O O   . HOH C 3 .   ? -4.473  -13.517 1.426   1.000 31.644 0 404 HOH A O   1 ? 
HETATM 1129 O O   . HOH C 3 .   ? 8.143   18.355  8.099   1.000 20.666 0 405 HOH A O   1 ? 
HETATM 1130 O O   . HOH C 3 .   ? 4.306   -7.197  12.276  0.500 15.113 0 406 HOH A O   1 ? 
HETATM 1131 O O   . HOH C 3 .   ? -6.738  2.021   -19.209 1.000 34.240 0 407 HOH A O   1 ? 
HETATM 1132 O O   . HOH C 3 .   ? 10.137  0.595   -3.080  1.000 21.582 0 408 HOH A O   1 ? 
HETATM 1133 O O   . HOH C 3 .   ? 6.303   6.212   -10.729 1.000 32.293 0 409 HOH A O   1 ? 
HETATM 1134 O O   . HOH C 3 .   ? 0.625   -7.784  -17.738 1.000 29.259 0 410 HOH A O   1 ? 
HETATM 1135 O O   . HOH C 3 .   ? -16.542 -21.028 -9.893  1.000 24.778 0 411 HOH A O   1 ? 
HETATM 1136 O O   . HOH C 3 .   ? 5.373   10.237  -10.587 1.000 23.962 0 412 HOH A O   1 ? 
HETATM 1137 O O   . HOH C 3 .   ? -2.867  -8.331  10.412  1.000 14.735 0 413 HOH A O   1 ? 
HETATM 1138 O O   A HOH C 3 .   ? -3.417  -1.417  -18.874 0.500 15.244 0 414 HOH A O   1 ? 
HETATM 1139 O O   B HOH C 3 .   ? -3.036  -3.481  -18.768 0.500 16.789 0 414 HOH A O   1 ? 
HETATM 1140 O O   . HOH C 3 .   ? -22.153 -4.223  -8.102  0.330 31.121 0 415 HOH A O   1 ? 
HETATM 1141 O O   . HOH C 3 .   ? 1.369   -15.426 2.461   1.000 32.771 0 416 HOH A O   1 ? 
HETATM 1142 O O   . HOH C 3 .   ? 6.998   2.739   -11.598 1.000 25.674 0 417 HOH A O   1 ? 
HETATM 1143 O O   . HOH C 3 .   ? 8.488   7.765   -8.191  1.000 31.822 0 418 HOH A O   1 ? 
HETATM 1144 O O   . HOH C 3 .   ? 1.615   -11.323 4.576   1.000 21.391 0 419 HOH A O   1 ? 
HETATM 1145 O O   . HOH C 3 .   ? 7.629   -11.912 6.287   0.330 63.668 0 420 HOH A O   1 ? 
HETATM 1146 O O   . HOH C 3 .   ? 7.225   2.827   -14.278 0.333 17.279 0 421 HOH A O   1 ? 
HETATM 1147 O O   . HOH C 3 .   ? 9.559   3.738   -10.591 1.000 27.072 0 422 HOH A O   1 ? 
# 
